data_7VOO
#
_entry.id   7VOO
#
_cell.length_a   1.00
_cell.length_b   1.00
_cell.length_c   1.00
_cell.angle_alpha   90.00
_cell.angle_beta   90.00
_cell.angle_gamma   90.00
#
_symmetry.space_group_name_H-M   'P 1'
#
loop_
_entity.id
_entity.type
_entity.pdbx_description
1 polymer Alpha-2-macroglobulin
2 branched 2-acetamido-2-deoxy-beta-D-glucopyranose-(1-4)-2-acetamido-2-deoxy-beta-D-glucopyranose
3 branched alpha-D-mannopyranose-(1-4)-2-acetamido-2-deoxy-beta-D-glucopyranose-(1-4)-2-acetamido-2-deoxy-beta-D-glucopyranose
4 non-polymer 2-acetamido-2-deoxy-beta-D-glucopyranose
#
_entity_poly.entity_id   1
_entity_poly.type   'polypeptide(L)'
_entity_poly.pdbx_seq_one_letter_code
;GKPQYMVLVPSLLHTETTEKGCVLLSYLNETVTVSASLESVRGNRSLFTDLEAENDVLHCVAFAVPKSSSNEEVMFLTVQ
VKGPTQEFKKRTTVMVKNEDSLVFVQTDKSIYKPGQTVKFRVVSMDENFHPLNELIPLVYIQDPKGNRIAQWQSFQLEGG
LKQFSFPLSSEPFQGSYKVVVQKKSGGRTEHPFTVEEFVLPKFEVQVTVPKIITILEEEMNVSVCGLYTYGKPVPGHVTV
SICRKYSDASDCHGEDSQAFCEKFSGQLNSHGCFYQQVKTKVFQLKRKEYEMKLHTEAQIQEEGTVVELTGRQSSEITRT
ITKLSFVKVDSHFRQGIPFFGQVRLVDGKGVPIPNKVIFIRGNEANYYSNATTDEHGLVQFSINTTNVMGTSLTVRVNYK
DRSPCYGYQWVSEEHEEAHHTAYLVFSPSKSFVHLEPMSHELPCGHTQTVQAHYILNGGTLLGLKKLSFYYLIMAKGGIV
RTGTHGLLVKQEDMKGHFSISIPVKSDIAPVARLLIYAVLPTGDVIGDSAKYDVENCLANKVDLSFSPSQSLPASHAHLR
VTAAPQSVCALRAVDQSVLLMKPDAELSASSVYNLLPEKDLTGFPGPLNDQDNEDCINRHNVYINGITYTPVSSTNEKDM
YSFLEDMGLKAFTNSKIRKPKMCPQLQQYEMHGPEGLRVGFYESDVMGRGHARLVHVEEPHTETVRKYFPETWIWDLVVV
NSAGVAEVGVTVPDTITEWKAGAFCLSEDAGLGISSTASLRAFQPFFVELTMPYSVIRGEAFTLKATVLNYLPKCIRVSV
QLEASPAFLAVPVEKEQAPHCICANGRQTVSWAVTPKSLGNVNFTVSAEALESQELCGTEVPSVPEHGRKDTVIKPLLVE
PEGLEKETTFNSLLCPSGGEVSEELSLKLPPNVVEESARASVSVLGDILGSAMQNTQNLLQMPYGCGE(MEQ)NMVLFAP
NIYVLDYLNETQQLTPEIKSKAIGYLNTGYQRQLNYKHYDGSYSTFGERYGRNQGNTWLTAFVLKTFAQARAYIFIDEAH
ITQALIWLSQRQKDNGCFRSSGSLLNNAIKGGVEDEVTLSAYITIALLEIPLTVTHPVVRNALFCLESAWKTAQEGDHGS
HVYTKALLAYAFALAGNQDKRKEVLKSLNEEAVKKDNSVHWERPQKPKAPVGHFYEPQAPSAEVEMTSYVLLAYLTAQPA
PTSEDLTSATNIVKWITKQQNAQGGFSSTQDTVVALHALSKYGAATFTRTGKAAQVTIQSSGTFSSKFQVDNNNRLLLQQ
VSLPELPGEYSMKVTGEGCVYLQTSLKYNILPE
;
_entity_poly.pdbx_strand_id   A
#
loop_
_chem_comp.id
_chem_comp.type
_chem_comp.name
_chem_comp.formula
MAN D-saccharide, alpha linking alpha-D-mannopyranose 'C6 H12 O6'
NAG D-saccharide, beta linking 2-acetamido-2-deoxy-beta-D-glucopyranose 'C8 H15 N O6'
#
# COMPACT_ATOMS: atom_id res chain seq x y z
N GLY A 1 13.08 -48.26 -28.19
CA GLY A 1 13.85 -47.05 -28.41
C GLY A 1 14.71 -46.67 -27.22
N LYS A 2 15.31 -45.48 -27.28
CA LYS A 2 16.16 -45.02 -26.19
C LYS A 2 15.32 -44.63 -24.98
N PRO A 3 15.72 -45.05 -23.78
CA PRO A 3 14.96 -44.70 -22.58
C PRO A 3 15.09 -43.22 -22.24
N GLN A 4 14.12 -42.73 -21.47
CA GLN A 4 14.09 -41.33 -21.09
C GLN A 4 13.20 -41.15 -19.87
N TYR A 5 13.68 -40.33 -18.92
CA TYR A 5 12.95 -40.00 -17.70
C TYR A 5 12.41 -38.57 -17.78
N MET A 6 11.34 -38.30 -17.05
CA MET A 6 10.70 -36.98 -17.10
C MET A 6 9.98 -36.73 -15.77
N VAL A 7 10.48 -35.77 -14.99
CA VAL A 7 9.82 -35.29 -13.79
C VAL A 7 9.92 -33.77 -13.73
N LEU A 8 8.84 -33.11 -13.33
CA LEU A 8 8.75 -31.66 -13.35
C LEU A 8 8.12 -31.17 -12.06
N VAL A 9 8.69 -30.12 -11.49
CA VAL A 9 8.17 -29.47 -10.29
C VAL A 9 8.37 -27.96 -10.41
N PRO A 10 7.52 -27.13 -9.80
CA PRO A 10 7.73 -25.68 -9.89
C PRO A 10 8.94 -25.25 -9.07
N SER A 11 9.70 -24.32 -9.62
CA SER A 11 10.89 -23.82 -8.92
C SER A 11 10.59 -22.57 -8.09
N LEU A 12 9.51 -22.60 -7.33
CA LEU A 12 9.27 -21.63 -6.26
C LEU A 12 8.58 -22.32 -5.08
N LEU A 13 9.08 -23.49 -4.71
CA LEU A 13 8.40 -24.34 -3.72
C LEU A 13 7.99 -23.58 -2.47
N HIS A 14 6.69 -23.46 -2.25
CA HIS A 14 6.17 -22.84 -1.03
C HIS A 14 6.34 -23.79 0.14
N THR A 15 6.69 -23.24 1.29
CA THR A 15 7.06 -24.05 2.45
C THR A 15 5.92 -24.93 2.95
N GLU A 16 4.87 -24.32 3.48
CA GLU A 16 3.84 -25.10 4.17
C GLU A 16 2.90 -25.83 3.22
N THR A 17 2.59 -25.25 2.06
CA THR A 17 1.63 -25.85 1.15
C THR A 17 2.25 -27.03 0.42
N THR A 18 1.52 -28.15 0.42
CA THR A 18 1.95 -29.32 -0.34
C THR A 18 1.95 -28.98 -1.82
N GLU A 19 3.13 -28.90 -2.42
CA GLU A 19 3.25 -28.56 -3.83
C GLU A 19 3.22 -29.83 -4.67
N LYS A 20 2.39 -29.82 -5.70
CA LYS A 20 2.21 -30.99 -6.55
C LYS A 20 3.46 -31.24 -7.37
N GLY A 21 3.56 -32.47 -7.88
CA GLY A 21 4.71 -32.86 -8.68
C GLY A 21 4.30 -33.82 -9.78
N CYS A 22 5.06 -33.79 -10.86
CA CYS A 22 4.77 -34.60 -12.04
C CYS A 22 5.88 -35.61 -12.23
N VAL A 23 5.51 -36.85 -12.54
CA VAL A 23 6.45 -37.90 -12.89
C VAL A 23 6.03 -38.45 -14.25
N LEU A 24 7.01 -38.92 -15.00
CA LEU A 24 6.73 -39.44 -16.34
C LEU A 24 7.90 -40.30 -16.78
N LEU A 25 7.60 -41.51 -17.23
CA LEU A 25 8.61 -42.43 -17.71
C LEU A 25 8.24 -42.87 -19.11
N SER A 26 9.25 -43.07 -19.97
CA SER A 26 8.98 -43.18 -21.40
C SER A 26 9.33 -44.54 -21.99
N TYR A 27 10.60 -44.91 -22.02
CA TYR A 27 11.04 -46.05 -22.84
C TYR A 27 12.00 -46.93 -22.05
N LEU A 28 11.65 -47.23 -20.80
CA LEU A 28 12.44 -48.13 -19.98
C LEU A 28 11.88 -49.54 -20.09
N ASN A 29 12.77 -50.53 -20.14
CA ASN A 29 12.38 -51.93 -20.24
C ASN A 29 12.21 -52.61 -18.89
N GLU A 30 12.02 -51.83 -17.82
CA GLU A 30 11.63 -52.37 -16.51
C GLU A 30 10.97 -51.25 -15.72
N THR A 31 10.22 -51.63 -14.69
CA THR A 31 9.76 -50.67 -13.69
C THR A 31 10.93 -50.17 -12.86
N VAL A 32 10.98 -48.87 -12.64
CA VAL A 32 11.98 -48.28 -11.77
C VAL A 32 11.28 -47.33 -10.80
N THR A 33 11.95 -47.00 -9.71
CA THR A 33 11.44 -46.05 -8.74
C THR A 33 12.35 -44.83 -8.69
N VAL A 34 11.74 -43.68 -8.41
CA VAL A 34 12.44 -42.41 -8.36
C VAL A 34 12.11 -41.72 -7.05
N SER A 35 13.15 -41.16 -6.43
CA SER A 35 13.01 -40.45 -5.16
C SER A 35 13.62 -39.05 -5.29
N ALA A 36 12.85 -38.05 -4.89
CA ALA A 36 13.31 -36.68 -4.86
C ALA A 36 13.69 -36.30 -3.43
N SER A 37 14.92 -35.84 -3.24
CA SER A 37 15.40 -35.43 -1.93
C SER A 37 15.66 -33.93 -1.92
N LEU A 38 15.09 -33.24 -0.94
CA LEU A 38 15.25 -31.81 -0.79
C LEU A 38 16.40 -31.56 0.18
N GLU A 39 17.62 -31.55 -0.34
CA GLU A 39 18.77 -31.26 0.49
C GLU A 39 19.03 -29.76 0.53
N SER A 40 19.75 -29.32 1.56
CA SER A 40 19.93 -27.91 1.82
C SER A 40 21.41 -27.54 1.82
N VAL A 41 21.70 -26.35 1.30
CA VAL A 41 23.07 -25.88 1.22
C VAL A 41 23.55 -25.41 2.59
N ARG A 42 24.80 -25.72 2.90
CA ARG A 42 25.50 -25.16 4.06
C ARG A 42 24.88 -25.58 5.39
N GLY A 43 23.81 -26.36 5.34
CA GLY A 43 23.13 -26.81 6.54
C GLY A 43 22.49 -28.15 6.32
N ASN A 44 21.85 -28.69 7.34
CA ASN A 44 21.25 -30.01 7.25
C ASN A 44 19.75 -29.88 7.42
N ARG A 45 19.01 -30.05 6.33
CA ARG A 45 17.57 -30.25 6.40
C ARG A 45 17.14 -30.93 5.12
N SER A 46 16.75 -32.21 5.23
CA SER A 46 16.48 -33.04 4.07
C SER A 46 15.05 -33.54 4.14
N LEU A 47 14.45 -33.67 2.95
CA LEU A 47 13.11 -34.24 2.80
C LEU A 47 13.19 -35.32 1.73
N PHE A 48 13.53 -36.53 2.15
CA PHE A 48 13.51 -37.66 1.23
C PHE A 48 12.07 -38.00 0.88
N THR A 49 11.78 -38.06 -0.41
CA THR A 49 10.41 -38.29 -0.89
C THR A 49 10.49 -39.27 -2.05
N ASP A 50 9.97 -40.48 -1.83
CA ASP A 50 9.90 -41.49 -2.88
C ASP A 50 8.54 -41.38 -3.56
N LEU A 51 8.55 -40.99 -4.83
CA LEU A 51 7.34 -40.83 -5.62
C LEU A 51 7.31 -41.90 -6.71
N GLU A 52 6.18 -42.60 -6.80
CA GLU A 52 6.07 -43.75 -7.67
C GLU A 52 6.06 -43.32 -9.13
N ALA A 53 6.52 -44.21 -10.01
CA ALA A 53 6.61 -43.92 -11.43
C ALA A 53 6.09 -45.11 -12.23
N GLU A 54 5.33 -44.81 -13.28
CA GLU A 54 4.86 -45.82 -14.23
C GLU A 54 5.62 -45.66 -15.54
N ASN A 55 5.97 -46.79 -16.14
CA ASN A 55 6.85 -46.81 -17.30
C ASN A 55 6.23 -46.13 -18.52
N ASP A 56 4.91 -45.99 -18.56
CA ASP A 56 4.30 -45.39 -19.74
C ASP A 56 3.38 -44.22 -19.41
N VAL A 57 2.63 -44.28 -18.31
CA VAL A 57 1.61 -43.29 -17.99
C VAL A 57 2.04 -42.52 -16.75
N LEU A 58 1.65 -41.26 -16.69
CA LEU A 58 2.07 -40.36 -15.63
C LEU A 58 1.06 -40.38 -14.49
N HIS A 59 1.46 -39.78 -13.38
CA HIS A 59 0.55 -39.45 -12.29
C HIS A 59 1.10 -38.23 -11.58
N CYS A 60 0.54 -37.92 -10.42
CA CYS A 60 0.94 -36.76 -9.66
C CYS A 60 1.29 -37.16 -8.23
N VAL A 61 2.19 -36.38 -7.62
CA VAL A 61 2.62 -36.60 -6.25
C VAL A 61 2.62 -35.26 -5.54
N ALA A 62 2.52 -35.30 -4.21
CA ALA A 62 2.58 -34.11 -3.38
C ALA A 62 3.59 -34.33 -2.26
N PHE A 63 4.35 -33.28 -1.97
CA PHE A 63 5.32 -33.32 -0.89
C PHE A 63 5.34 -31.97 -0.20
N ALA A 64 5.21 -31.98 1.12
CA ALA A 64 5.19 -30.77 1.94
C ALA A 64 6.52 -30.63 2.65
N VAL A 65 7.15 -29.48 2.50
CA VAL A 65 8.49 -29.25 3.02
C VAL A 65 8.37 -28.53 4.36
N PRO A 66 9.30 -28.73 5.29
CA PRO A 66 9.19 -28.07 6.60
C PRO A 66 9.37 -26.57 6.49
N LYS A 67 8.78 -25.86 7.46
CA LYS A 67 8.92 -24.41 7.52
C LYS A 67 10.38 -24.04 7.72
N SER A 68 10.84 -23.04 6.97
CA SER A 68 12.25 -22.67 6.99
C SER A 68 12.52 -21.61 8.06
N SER A 69 13.60 -21.82 8.81
CA SER A 69 14.05 -20.80 9.75
C SER A 69 14.49 -19.54 9.01
N SER A 70 15.28 -19.70 7.95
CA SER A 70 15.59 -18.59 7.08
C SER A 70 14.39 -18.27 6.19
N ASN A 71 14.31 -17.00 5.76
CA ASN A 71 13.14 -16.56 5.02
C ASN A 71 13.11 -17.13 3.62
N GLU A 72 14.12 -16.81 2.81
CA GLU A 72 14.22 -17.29 1.43
C GLU A 72 15.50 -18.10 1.29
N GLU A 73 15.43 -19.39 1.60
CA GLU A 73 16.58 -20.27 1.43
C GLU A 73 16.55 -20.92 0.06
N VAL A 74 17.67 -20.87 -0.63
CA VAL A 74 17.81 -21.42 -1.97
C VAL A 74 18.49 -22.77 -1.82
N MET A 75 17.71 -23.83 -1.60
CA MET A 75 18.28 -25.16 -1.39
C MET A 75 18.00 -26.08 -2.56
N PHE A 76 18.80 -27.14 -2.62
CA PHE A 76 18.84 -28.06 -3.74
C PHE A 76 17.61 -28.95 -3.77
N LEU A 77 17.27 -29.42 -4.96
CA LEU A 77 16.33 -30.52 -5.13
C LEU A 77 17.03 -31.60 -5.93
N THR A 78 17.25 -32.75 -5.31
CA THR A 78 17.96 -33.86 -5.93
C THR A 78 16.98 -34.94 -6.32
N VAL A 79 16.74 -35.06 -7.62
CA VAL A 79 15.88 -36.10 -8.18
C VAL A 79 16.76 -37.28 -8.56
N GLN A 80 16.52 -38.43 -7.94
CA GLN A 80 17.35 -39.61 -8.15
C GLN A 80 16.48 -40.77 -8.61
N VAL A 81 17.09 -41.69 -9.37
CA VAL A 81 16.40 -42.81 -9.98
C VAL A 81 17.05 -44.08 -9.48
N LYS A 82 16.27 -44.96 -8.86
CA LYS A 82 16.72 -46.31 -8.57
C LYS A 82 16.22 -47.24 -9.67
N GLY A 83 17.13 -48.04 -10.23
CA GLY A 83 16.77 -48.99 -11.25
C GLY A 83 17.98 -49.74 -11.78
N PRO A 84 17.85 -51.07 -11.93
CA PRO A 84 18.94 -51.85 -12.55
C PRO A 84 19.23 -51.47 -14.00
N THR A 85 18.22 -51.02 -14.75
CA THR A 85 18.46 -50.49 -16.09
C THR A 85 19.29 -49.21 -16.05
N GLN A 86 18.89 -48.25 -15.24
CA GLN A 86 19.56 -46.96 -15.23
C GLN A 86 19.43 -46.34 -13.85
N GLU A 87 20.44 -45.54 -13.49
CA GLU A 87 20.45 -44.80 -12.24
C GLU A 87 20.71 -43.34 -12.58
N PHE A 88 19.64 -42.55 -12.69
CA PHE A 88 19.74 -41.19 -13.16
C PHE A 88 19.67 -40.23 -11.99
N LYS A 89 20.47 -39.16 -12.09
CA LYS A 89 20.54 -38.14 -11.05
C LYS A 89 20.68 -36.77 -11.71
N LYS A 90 19.67 -35.92 -11.52
CA LYS A 90 19.82 -34.50 -11.85
C LYS A 90 19.36 -33.71 -10.64
N ARG A 91 20.02 -32.59 -10.39
CA ARG A 91 19.81 -31.80 -9.18
C ARG A 91 20.03 -30.33 -9.52
N THR A 92 19.03 -29.51 -9.23
CA THR A 92 19.18 -28.06 -9.27
C THR A 92 18.49 -27.49 -8.04
N THR A 93 18.95 -26.33 -7.60
CA THR A 93 18.29 -25.63 -6.51
C THR A 93 17.12 -24.82 -7.06
N VAL A 94 15.96 -24.95 -6.40
CA VAL A 94 14.79 -24.29 -6.97
C VAL A 94 14.38 -23.08 -6.15
N MET A 95 13.78 -23.29 -4.98
CA MET A 95 13.54 -22.24 -3.99
C MET A 95 12.76 -22.81 -2.82
N VAL A 96 12.90 -22.23 -1.64
CA VAL A 96 11.90 -22.35 -0.57
C VAL A 96 11.84 -21.02 0.15
N LYS A 97 10.65 -20.41 0.18
CA LYS A 97 10.45 -19.20 0.95
C LYS A 97 9.15 -19.32 1.72
N ASN A 98 9.20 -18.97 2.99
CA ASN A 98 8.01 -19.03 3.82
C ASN A 98 6.98 -18.05 3.28
N GLU A 99 5.89 -18.57 2.73
CA GLU A 99 4.90 -17.73 2.06
C GLU A 99 4.12 -16.92 3.07
N ASP A 100 4.18 -15.60 2.92
CA ASP A 100 3.32 -14.73 3.71
C ASP A 100 1.87 -14.98 3.31
N SER A 101 1.13 -15.67 4.18
CA SER A 101 -0.26 -15.96 3.91
C SER A 101 -1.05 -14.67 3.74
N LEU A 102 -1.91 -14.66 2.73
CA LEU A 102 -2.68 -13.45 2.40
C LEU A 102 -3.53 -13.04 3.60
N VAL A 103 -3.66 -11.74 3.82
CA VAL A 103 -4.48 -11.22 4.91
C VAL A 103 -5.33 -10.09 4.35
N PHE A 104 -6.62 -10.11 4.65
CA PHE A 104 -7.56 -9.13 4.13
C PHE A 104 -7.70 -7.95 5.09
N VAL A 105 -8.73 -7.15 4.85
CA VAL A 105 -9.14 -6.10 5.76
C VAL A 105 -10.63 -5.85 5.52
N GLN A 106 -11.26 -5.18 6.48
CA GLN A 106 -12.69 -4.89 6.54
C GLN A 106 -12.72 -3.56 7.27
N THR A 107 -13.66 -3.32 8.20
CA THR A 107 -13.99 -1.99 8.72
C THR A 107 -14.84 -1.21 7.73
N ASP A 108 -16.14 -1.49 7.81
CA ASP A 108 -17.19 -1.21 6.84
C ASP A 108 -16.94 0.03 6.00
N LYS A 109 -16.53 1.11 6.66
CA LYS A 109 -16.48 2.42 6.03
C LYS A 109 -15.09 3.00 6.22
N SER A 110 -14.79 4.03 5.43
CA SER A 110 -13.54 4.78 5.58
C SER A 110 -13.79 6.18 6.09
N ILE A 111 -14.99 6.50 6.54
CA ILE A 111 -15.31 7.74 7.22
C ILE A 111 -16.14 7.41 8.44
N TYR A 112 -15.67 7.82 9.62
CA TYR A 112 -16.33 7.47 10.87
C TYR A 112 -16.67 8.72 11.67
N LYS A 113 -17.80 8.67 12.37
CA LYS A 113 -18.16 9.71 13.30
C LYS A 113 -17.31 9.63 14.56
N PRO A 114 -17.16 10.72 15.31
CA PRO A 114 -16.34 10.67 16.52
C PRO A 114 -16.76 9.59 17.51
N GLY A 115 -18.01 9.60 17.95
CA GLY A 115 -18.47 8.64 18.93
C GLY A 115 -18.85 7.30 18.36
N GLN A 116 -18.26 6.94 17.21
CA GLN A 116 -18.58 5.71 16.51
C GLN A 116 -17.46 4.68 16.66
N THR A 117 -17.86 3.42 16.74
CA THR A 117 -16.95 2.30 16.93
C THR A 117 -16.53 1.74 15.58
N VAL A 118 -15.65 0.73 15.64
CA VAL A 118 -15.16 0.03 14.46
C VAL A 118 -15.22 -1.46 14.76
N LYS A 119 -15.76 -2.24 13.83
CA LYS A 119 -15.96 -3.66 14.10
C LYS A 119 -14.78 -4.51 13.63
N PHE A 120 -14.23 -4.20 12.46
CA PHE A 120 -12.90 -4.68 12.08
C PHE A 120 -12.72 -6.20 12.08
N ARG A 121 -13.36 -6.89 11.15
CA ARG A 121 -13.01 -8.28 10.91
C ARG A 121 -11.83 -8.37 9.95
N VAL A 122 -11.15 -9.52 9.98
CA VAL A 122 -9.97 -9.74 9.15
C VAL A 122 -9.92 -11.21 8.76
N VAL A 123 -9.46 -11.50 7.55
CA VAL A 123 -9.39 -12.86 7.03
C VAL A 123 -7.99 -13.13 6.51
N SER A 124 -7.44 -14.28 6.91
CA SER A 124 -6.11 -14.68 6.47
C SER A 124 -6.18 -16.09 5.89
N MET A 125 -5.82 -16.21 4.61
CA MET A 125 -5.86 -17.49 3.91
C MET A 125 -4.70 -17.57 2.93
N ASP A 126 -4.24 -18.80 2.71
CA ASP A 126 -3.09 -19.07 1.86
C ASP A 126 -3.51 -19.18 0.39
N GLU A 127 -2.60 -19.69 -0.45
CA GLU A 127 -2.82 -19.70 -1.89
C GLU A 127 -4.09 -20.49 -2.26
N ASN A 128 -4.22 -21.69 -1.71
CA ASN A 128 -5.45 -22.45 -1.90
C ASN A 128 -6.51 -21.86 -0.97
N PHE A 129 -7.51 -21.21 -1.56
CA PHE A 129 -8.33 -20.27 -0.81
C PHE A 129 -9.22 -20.91 0.24
N HIS A 130 -9.11 -22.20 0.50
CA HIS A 130 -9.65 -22.71 1.75
C HIS A 130 -8.69 -22.35 2.87
N PRO A 131 -9.14 -21.65 3.91
CA PRO A 131 -8.23 -20.95 4.81
C PRO A 131 -7.51 -21.91 5.76
N LEU A 132 -6.68 -21.31 6.62
CA LEU A 132 -5.90 -22.03 7.62
C LEU A 132 -5.90 -21.24 8.92
N ASN A 133 -5.62 -21.92 10.02
CA ASN A 133 -5.52 -21.26 11.33
C ASN A 133 -4.10 -20.77 11.54
N GLU A 134 -3.92 -19.46 11.62
CA GLU A 134 -2.61 -18.84 11.80
C GLU A 134 -2.62 -17.99 13.06
N LEU A 135 -1.50 -17.99 13.78
CA LEU A 135 -1.35 -17.20 15.00
C LEU A 135 -0.84 -15.82 14.62
N ILE A 136 -1.76 -14.89 14.43
CA ILE A 136 -1.40 -13.51 14.12
C ILE A 136 -0.83 -12.87 15.38
N PRO A 137 0.40 -12.35 15.33
CA PRO A 137 1.04 -11.85 16.55
C PRO A 137 0.57 -10.46 16.97
N LEU A 138 0.28 -9.59 16.00
CA LEU A 138 0.02 -8.19 16.34
C LEU A 138 -0.98 -7.59 15.36
N VAL A 139 -1.92 -6.82 15.88
CA VAL A 139 -2.80 -5.97 15.08
C VAL A 139 -3.18 -4.75 15.91
N TYR A 140 -3.10 -3.57 15.30
CA TYR A 140 -3.26 -2.32 16.03
C TYR A 140 -3.74 -1.25 15.06
N ILE A 141 -4.23 -0.15 15.63
CA ILE A 141 -4.75 0.98 14.86
C ILE A 141 -3.86 2.19 15.13
N GLN A 142 -3.42 2.85 14.06
CA GLN A 142 -2.49 3.96 14.15
C GLN A 142 -3.19 5.28 13.83
N ASP A 143 -2.85 6.31 14.58
CA ASP A 143 -3.38 7.65 14.39
C ASP A 143 -2.61 8.32 13.25
N PRO A 144 -2.98 9.54 12.87
CA PRO A 144 -2.13 10.27 11.90
C PRO A 144 -0.72 10.48 12.40
N LYS A 145 -0.54 10.69 13.71
CA LYS A 145 0.78 11.03 14.24
C LYS A 145 1.70 9.82 14.28
N GLY A 146 1.19 8.66 14.67
CA GLY A 146 2.02 7.48 14.83
C GLY A 146 1.75 6.76 16.12
N ASN A 147 0.69 7.18 16.83
CA ASN A 147 0.30 6.56 18.08
C ASN A 147 -0.64 5.39 17.80
N ARG A 148 -0.65 4.44 18.73
CA ARG A 148 -1.47 3.23 18.62
C ARG A 148 -2.58 3.28 19.65
N ILE A 149 -3.79 3.56 19.20
CA ILE A 149 -4.93 3.75 20.09
C ILE A 149 -5.31 2.42 20.73
N ALA A 150 -5.26 1.35 19.95
CA ALA A 150 -5.59 0.01 20.43
C ALA A 150 -4.58 -0.99 19.91
N GLN A 151 -4.47 -2.12 20.60
CA GLN A 151 -3.47 -3.12 20.24
C GLN A 151 -3.90 -4.48 20.75
N TRP A 152 -3.66 -5.51 19.94
CA TRP A 152 -3.96 -6.89 20.31
C TRP A 152 -2.69 -7.73 20.13
N GLN A 153 -2.34 -8.48 21.18
CA GLN A 153 -1.16 -9.34 21.12
C GLN A 153 -1.51 -10.65 20.41
N SER A 154 -0.64 -11.65 20.55
CA SER A 154 -0.77 -12.89 19.80
C SER A 154 -2.11 -13.55 20.04
N PHE A 155 -2.72 -14.04 18.97
CA PHE A 155 -4.00 -14.73 19.02
C PHE A 155 -4.06 -15.68 17.83
N GLN A 156 -5.01 -16.62 17.87
CA GLN A 156 -5.11 -17.67 16.85
C GLN A 156 -6.41 -17.50 16.10
N LEU A 157 -6.39 -17.82 14.80
CA LEU A 157 -7.53 -17.63 13.91
C LEU A 157 -8.23 -18.99 13.71
N GLU A 158 -9.16 -19.29 14.62
CA GLU A 158 -9.99 -20.49 14.49
C GLU A 158 -10.99 -20.27 13.37
N GLY A 159 -10.64 -20.73 12.16
CA GLY A 159 -11.48 -20.55 11.00
C GLY A 159 -11.03 -19.46 10.06
N GLY A 160 -10.12 -18.59 10.51
CA GLY A 160 -9.57 -17.55 9.66
C GLY A 160 -10.37 -16.27 9.59
N LEU A 161 -11.21 -15.99 10.58
CA LEU A 161 -12.02 -14.77 10.55
C LEU A 161 -12.34 -14.37 11.98
N LYS A 162 -11.78 -13.25 12.43
CA LYS A 162 -11.98 -12.76 13.79
C LYS A 162 -12.43 -11.31 13.78
N GLN A 163 -13.48 -11.03 14.54
CA GLN A 163 -13.97 -9.66 14.71
C GLN A 163 -13.28 -8.99 15.90
N PHE A 164 -12.97 -7.70 15.74
CA PHE A 164 -12.28 -6.91 16.76
C PHE A 164 -13.10 -5.66 17.05
N SER A 165 -14.05 -5.79 17.97
CA SER A 165 -14.92 -4.69 18.33
C SER A 165 -14.14 -3.69 19.18
N PHE A 166 -13.87 -2.51 18.62
CA PHE A 166 -13.19 -1.46 19.35
C PHE A 166 -13.95 -0.15 19.25
N PRO A 167 -14.28 0.48 20.37
CA PRO A 167 -14.88 1.82 20.34
C PRO A 167 -13.85 2.93 20.44
N LEU A 168 -14.15 4.03 19.78
CA LEU A 168 -13.30 5.22 19.86
C LEU A 168 -13.60 5.99 21.14
N SER A 169 -12.77 6.99 21.42
CA SER A 169 -12.96 7.84 22.59
C SER A 169 -14.03 8.89 22.28
N SER A 170 -14.17 9.87 23.17
CA SER A 170 -15.20 10.88 22.99
C SER A 170 -14.94 11.70 21.73
N GLU A 171 -13.73 12.25 21.60
CA GLU A 171 -13.36 13.04 20.43
C GLU A 171 -11.92 12.72 20.03
N PRO A 172 -11.69 11.55 19.42
CA PRO A 172 -10.37 11.26 18.87
C PRO A 172 -10.04 12.24 17.75
N PHE A 173 -8.80 12.71 17.73
CA PHE A 173 -8.39 13.67 16.71
C PHE A 173 -8.46 13.05 15.33
N GLN A 174 -8.75 13.90 14.33
CA GLN A 174 -9.25 13.44 13.04
C GLN A 174 -8.42 14.00 11.89
N GLY A 175 -7.27 13.37 11.62
CA GLY A 175 -6.63 13.59 10.34
C GLY A 175 -6.85 12.45 9.37
N SER A 176 -6.47 11.24 9.80
CA SER A 176 -6.72 9.99 9.09
C SER A 176 -6.25 8.83 9.95
N TYR A 177 -7.05 7.77 10.05
CA TYR A 177 -6.62 6.59 10.77
C TYR A 177 -6.23 5.48 9.81
N LYS A 178 -5.50 4.51 10.34
CA LYS A 178 -5.14 3.33 9.58
C LYS A 178 -4.96 2.16 10.54
N VAL A 179 -5.04 0.96 10.00
CA VAL A 179 -4.98 -0.27 10.77
C VAL A 179 -3.92 -1.18 10.16
N VAL A 180 -3.08 -1.75 11.02
CA VAL A 180 -2.01 -2.63 10.59
C VAL A 180 -2.25 -4.02 11.15
N VAL A 181 -2.22 -5.02 10.29
CA VAL A 181 -2.21 -6.42 10.69
C VAL A 181 -0.84 -6.98 10.28
N GLN A 182 0.08 -7.01 11.23
CA GLN A 182 1.45 -7.44 10.97
C GLN A 182 1.51 -8.95 11.06
N LYS A 183 1.72 -9.60 9.93
CA LYS A 183 1.81 -11.06 9.90
C LYS A 183 3.06 -11.52 10.64
N LYS A 184 3.00 -12.77 11.11
CA LYS A 184 4.10 -13.36 11.88
C LYS A 184 5.37 -13.54 11.04
N SER A 185 5.33 -13.23 9.75
CA SER A 185 6.49 -13.36 8.88
C SER A 185 7.14 -12.02 8.58
N GLY A 186 7.02 -11.06 9.50
CA GLY A 186 7.69 -9.79 9.33
C GLY A 186 6.84 -8.72 8.69
N GLY A 187 7.00 -8.53 7.37
CA GLY A 187 6.37 -7.45 6.63
C GLY A 187 4.90 -7.23 6.91
N ARG A 188 4.59 -6.06 7.45
CA ARG A 188 3.22 -5.71 7.82
C ARG A 188 2.39 -5.39 6.59
N THR A 189 1.08 -5.56 6.73
CA THR A 189 0.12 -5.14 5.72
C THR A 189 -0.84 -4.14 6.35
N GLU A 190 -1.15 -3.08 5.62
CA GLU A 190 -1.85 -1.93 6.17
C GLU A 190 -3.16 -1.72 5.45
N HIS A 191 -4.03 -0.94 6.09
CA HIS A 191 -5.25 -0.44 5.47
C HIS A 191 -5.76 0.79 6.21
N PRO A 192 -5.94 1.90 5.53
CA PRO A 192 -6.38 3.12 6.21
C PRO A 192 -7.89 3.27 6.23
N PHE A 193 -8.34 4.17 7.11
CA PHE A 193 -9.70 4.69 7.06
C PHE A 193 -9.71 6.03 7.76
N THR A 194 -10.05 7.08 7.01
CA THR A 194 -10.03 8.44 7.54
C THR A 194 -11.20 8.64 8.50
N VAL A 195 -11.01 9.52 9.47
CA VAL A 195 -12.06 9.93 10.39
C VAL A 195 -12.23 11.44 10.27
N GLU A 196 -13.49 11.86 10.13
CA GLU A 196 -13.84 13.28 10.08
C GLU A 196 -15.29 13.44 10.52
N GLU A 197 -15.72 14.69 10.64
CA GLU A 197 -17.06 15.03 11.10
C GLU A 197 -17.85 15.58 9.93
N PHE A 198 -19.06 15.07 9.74
CA PHE A 198 -19.79 15.28 8.49
C PHE A 198 -21.27 15.01 8.73
N VAL A 199 -22.05 15.23 7.67
CA VAL A 199 -23.43 14.75 7.58
C VAL A 199 -23.56 14.05 6.23
N LEU A 200 -23.95 12.78 6.25
CA LEU A 200 -23.92 11.96 5.05
C LEU A 200 -24.91 12.45 4.00
N PRO A 201 -24.44 12.73 2.79
CA PRO A 201 -25.35 13.04 1.69
C PRO A 201 -25.92 11.77 1.05
N LYS A 202 -26.86 11.99 0.14
CA LYS A 202 -27.54 10.88 -0.50
C LYS A 202 -27.38 10.83 -2.01
N PHE A 203 -27.29 11.98 -2.69
CA PHE A 203 -27.36 12.03 -4.14
C PHE A 203 -25.99 11.75 -4.74
N GLU A 204 -25.91 10.70 -5.56
CA GLU A 204 -24.71 10.42 -6.30
C GLU A 204 -24.80 11.01 -7.70
N VAL A 205 -23.77 11.76 -8.08
CA VAL A 205 -23.65 12.26 -9.44
C VAL A 205 -22.84 11.25 -10.24
N GLN A 206 -23.30 10.97 -11.46
CA GLN A 206 -22.55 10.14 -12.40
C GLN A 206 -22.59 10.82 -13.76
N VAL A 207 -21.62 11.70 -14.00
CA VAL A 207 -21.46 12.34 -15.29
C VAL A 207 -20.75 11.37 -16.22
N THR A 208 -21.40 11.04 -17.33
CA THR A 208 -20.86 10.08 -18.28
C THR A 208 -20.19 10.86 -19.41
N VAL A 209 -19.01 11.41 -19.12
CA VAL A 209 -18.18 12.00 -20.15
C VAL A 209 -17.26 10.90 -20.66
N PRO A 210 -17.05 10.79 -21.96
CA PRO A 210 -16.25 9.67 -22.50
C PRO A 210 -14.84 9.70 -21.93
N LYS A 211 -14.52 8.68 -21.13
CA LYS A 211 -13.16 8.54 -20.63
C LYS A 211 -12.17 8.45 -21.79
N ILE A 212 -12.58 7.82 -22.87
CA ILE A 212 -11.85 7.79 -24.14
C ILE A 212 -12.32 8.95 -25.00
N ILE A 213 -11.39 9.77 -25.45
CA ILE A 213 -11.74 10.88 -26.33
C ILE A 213 -10.66 11.05 -27.39
N THR A 214 -11.10 11.32 -28.62
CA THR A 214 -10.19 11.40 -29.75
C THR A 214 -9.41 12.71 -29.70
N ILE A 215 -8.22 12.70 -30.33
CA ILE A 215 -7.45 13.92 -30.48
C ILE A 215 -8.09 14.86 -31.50
N LEU A 216 -8.90 14.33 -32.42
CA LEU A 216 -9.75 15.13 -33.30
C LEU A 216 -11.19 14.87 -32.87
N GLU A 217 -11.79 15.86 -32.21
CA GLU A 217 -13.12 15.72 -31.62
C GLU A 217 -13.82 17.06 -31.62
N GLU A 218 -15.16 17.03 -31.59
CA GLU A 218 -15.96 18.25 -31.54
C GLU A 218 -17.00 18.28 -30.43
N GLU A 219 -17.68 17.18 -30.16
CA GLU A 219 -18.83 17.17 -29.27
C GLU A 219 -18.57 16.32 -28.04
N MET A 220 -18.91 16.87 -26.88
CA MET A 220 -18.67 16.22 -25.59
C MET A 220 -20.02 15.84 -25.00
N ASN A 221 -20.31 14.54 -24.90
CA ASN A 221 -21.53 14.10 -24.25
C ASN A 221 -21.37 14.11 -22.73
N VAL A 222 -22.48 14.33 -22.03
CA VAL A 222 -22.50 14.29 -20.57
C VAL A 222 -23.95 14.19 -20.11
N SER A 223 -24.18 13.41 -19.05
CA SER A 223 -25.47 13.31 -18.39
C SER A 223 -25.26 13.25 -16.88
N VAL A 224 -26.10 13.95 -16.13
CA VAL A 224 -25.89 14.17 -14.70
C VAL A 224 -27.13 13.66 -13.96
N CYS A 225 -27.10 12.40 -13.52
CA CYS A 225 -28.19 11.80 -12.78
C CYS A 225 -27.86 11.72 -11.30
N GLY A 226 -28.88 11.95 -10.46
CA GLY A 226 -28.73 11.72 -9.03
C GLY A 226 -29.81 10.82 -8.45
N LEU A 227 -29.43 9.61 -8.05
CA LEU A 227 -30.36 8.65 -7.47
C LEU A 227 -30.13 8.60 -5.96
N TYR A 228 -30.61 9.63 -5.25
CA TYR A 228 -30.28 9.72 -3.84
C TYR A 228 -31.05 8.69 -3.03
N THR A 229 -32.32 8.45 -3.35
CA THR A 229 -33.08 7.38 -2.73
C THR A 229 -33.44 6.28 -3.71
N TYR A 230 -34.12 6.62 -4.81
CA TYR A 230 -34.62 5.57 -5.70
C TYR A 230 -34.62 6.02 -7.16
N GLY A 231 -33.99 7.15 -7.47
CA GLY A 231 -34.08 7.72 -8.80
C GLY A 231 -35.17 8.76 -8.90
N LYS A 232 -35.12 9.74 -8.00
CA LYS A 232 -36.10 10.81 -7.88
C LYS A 232 -35.41 12.17 -7.89
N PRO A 233 -34.85 12.59 -9.04
CA PRO A 233 -33.78 13.62 -9.01
C PRO A 233 -34.12 14.94 -8.32
N VAL A 234 -35.40 15.22 -8.09
CA VAL A 234 -35.71 16.42 -7.33
C VAL A 234 -34.79 17.48 -7.89
N PRO A 235 -34.95 17.80 -9.19
CA PRO A 235 -34.00 18.74 -9.79
C PRO A 235 -33.87 20.06 -9.03
N GLY A 236 -32.60 20.31 -8.78
CA GLY A 236 -32.05 21.43 -8.08
C GLY A 236 -31.03 22.14 -8.94
N HIS A 237 -30.42 23.17 -8.36
CA HIS A 237 -29.48 24.02 -9.09
C HIS A 237 -28.14 23.27 -9.22
N VAL A 238 -28.16 22.25 -10.08
CA VAL A 238 -26.98 21.43 -10.31
C VAL A 238 -26.03 22.15 -11.25
N THR A 239 -24.75 22.15 -10.91
CA THR A 239 -23.72 22.79 -11.72
C THR A 239 -22.57 21.81 -11.93
N VAL A 240 -22.04 21.78 -13.14
CA VAL A 240 -20.93 20.90 -13.48
C VAL A 240 -19.86 21.72 -14.18
N SER A 241 -18.68 21.13 -14.36
CA SER A 241 -17.58 21.80 -15.03
C SER A 241 -16.62 20.79 -15.61
N ILE A 242 -16.07 21.12 -16.77
CA ILE A 242 -15.06 20.32 -17.44
C ILE A 242 -13.74 21.07 -17.32
N CYS A 243 -12.77 20.48 -16.62
CA CYS A 243 -11.51 21.16 -16.30
C CYS A 243 -10.35 20.42 -16.94
N ARG A 244 -9.93 20.87 -18.12
CA ARG A 244 -8.66 20.44 -18.67
C ARG A 244 -7.50 21.02 -17.87
N LYS A 245 -6.53 20.18 -17.56
CA LYS A 245 -5.34 20.59 -16.82
C LYS A 245 -4.18 20.74 -17.78
N TYR A 246 -3.50 21.89 -17.67
CA TYR A 246 -2.37 22.19 -18.54
C TYR A 246 -1.19 21.26 -18.23
N SER A 247 -0.29 21.15 -19.19
CA SER A 247 0.92 20.37 -18.99
C SER A 247 1.73 20.95 -17.84
N ASP A 248 2.34 20.05 -17.07
CA ASP A 248 2.99 20.40 -15.80
C ASP A 248 2.00 21.10 -14.88
N ALA A 249 0.90 20.41 -14.62
CA ALA A 249 -0.20 20.98 -13.85
C ALA A 249 0.23 21.27 -12.42
N SER A 250 0.19 22.55 -12.04
CA SER A 250 0.51 23.00 -10.68
C SER A 250 1.94 22.65 -10.27
N ASP A 251 2.81 22.43 -11.25
CA ASP A 251 4.23 22.22 -10.94
C ASP A 251 4.90 23.53 -10.57
N CYS A 252 4.36 24.65 -11.06
CA CYS A 252 4.88 25.98 -10.75
C CYS A 252 4.07 26.57 -9.61
N HIS A 253 4.59 26.48 -8.39
CA HIS A 253 3.87 26.94 -7.21
C HIS A 253 4.20 28.40 -6.90
N GLY A 254 4.07 29.24 -7.92
CA GLY A 254 4.20 30.67 -7.71
C GLY A 254 3.08 31.47 -8.35
N GLU A 255 2.24 32.07 -7.52
CA GLU A 255 1.25 33.10 -7.86
C GLU A 255 0.24 32.64 -8.90
N ASP A 256 0.35 31.38 -9.37
CA ASP A 256 -0.57 30.85 -10.37
C ASP A 256 -0.43 29.34 -10.41
N SER A 257 -1.52 28.63 -10.11
CA SER A 257 -1.56 27.18 -10.25
C SER A 257 -2.93 26.72 -10.74
N GLN A 258 -3.67 27.58 -11.41
CA GLN A 258 -5.05 27.30 -11.79
C GLN A 258 -5.12 26.76 -13.21
N ALA A 259 -6.09 25.87 -13.44
CA ALA A 259 -6.36 25.31 -14.75
C ALA A 259 -7.72 25.80 -15.24
N PHE A 260 -7.80 26.05 -16.55
CA PHE A 260 -8.99 26.62 -17.15
C PHE A 260 -10.06 25.54 -17.30
N CYS A 261 -11.27 25.85 -16.84
CA CYS A 261 -12.39 24.94 -16.85
C CYS A 261 -13.43 25.38 -17.88
N GLU A 262 -14.55 24.64 -17.93
CA GLU A 262 -15.68 25.01 -18.78
C GLU A 262 -16.93 24.57 -18.04
N LYS A 263 -17.53 25.49 -17.29
CA LYS A 263 -18.62 25.17 -16.38
C LYS A 263 -19.95 25.05 -17.13
N PHE A 264 -20.88 24.34 -16.51
CA PHE A 264 -22.24 24.20 -17.03
C PHE A 264 -23.20 24.07 -15.87
N SER A 265 -24.46 24.42 -16.11
CA SER A 265 -25.46 24.40 -15.05
C SER A 265 -26.84 24.28 -15.69
N GLY A 266 -27.82 23.93 -14.85
CA GLY A 266 -29.19 23.83 -15.32
C GLY A 266 -30.04 23.03 -14.36
N GLN A 267 -31.19 22.61 -14.86
CA GLN A 267 -32.15 21.81 -14.13
C GLN A 267 -32.54 20.58 -14.94
N LEU A 268 -33.53 19.84 -14.44
CA LEU A 268 -34.13 18.72 -15.13
C LEU A 268 -35.63 18.69 -14.88
N ASN A 269 -36.36 17.95 -15.72
CA ASN A 269 -37.81 17.94 -15.51
C ASN A 269 -38.24 16.90 -14.48
N SER A 270 -38.23 15.62 -14.85
CA SER A 270 -38.40 14.55 -13.89
C SER A 270 -37.36 13.46 -14.06
N HIS A 271 -37.22 12.96 -15.30
CA HIS A 271 -36.44 11.77 -15.57
C HIS A 271 -35.18 12.06 -16.36
N GLY A 272 -35.29 12.78 -17.48
CA GLY A 272 -34.10 13.27 -18.15
C GLY A 272 -33.27 14.09 -17.19
N CYS A 273 -31.99 13.72 -17.07
CA CYS A 273 -31.16 14.20 -15.95
C CYS A 273 -30.49 15.53 -16.29
N PHE A 274 -29.64 15.52 -17.31
CA PHE A 274 -29.07 16.74 -17.85
C PHE A 274 -28.39 16.40 -19.17
N TYR A 275 -28.79 17.06 -20.25
CA TYR A 275 -28.30 16.73 -21.59
C TYR A 275 -27.58 17.95 -22.12
N GLN A 276 -26.29 18.06 -21.80
CA GLN A 276 -25.46 19.19 -22.18
C GLN A 276 -24.52 18.78 -23.29
N GLN A 277 -24.51 19.55 -24.37
CA GLN A 277 -23.58 19.33 -25.47
C GLN A 277 -22.45 20.35 -25.37
N VAL A 278 -21.22 19.87 -25.37
CA VAL A 278 -20.04 20.71 -25.17
C VAL A 278 -19.20 20.67 -26.43
N LYS A 279 -18.86 21.83 -26.95
CA LYS A 279 -18.06 21.93 -28.17
C LYS A 279 -16.59 21.63 -27.87
N THR A 280 -15.74 21.86 -28.87
CA THR A 280 -14.31 21.57 -28.69
C THR A 280 -13.51 22.62 -29.47
N LYS A 281 -13.19 23.72 -28.80
CA LYS A 281 -12.20 24.67 -29.25
C LYS A 281 -11.11 24.91 -28.21
N VAL A 282 -11.49 25.05 -26.94
CA VAL A 282 -10.53 25.00 -25.84
C VAL A 282 -10.45 23.62 -25.23
N PHE A 283 -11.08 22.64 -25.87
CA PHE A 283 -10.92 21.27 -25.44
C PHE A 283 -9.73 20.99 -26.34
N GLN A 284 -8.63 21.67 -26.07
CA GLN A 284 -7.46 21.56 -26.93
C GLN A 284 -6.56 20.39 -26.61
N LEU A 285 -6.61 19.41 -27.50
CA LEU A 285 -5.80 18.21 -27.41
C LEU A 285 -4.65 18.28 -28.40
N LYS A 286 -4.52 19.42 -29.09
CA LYS A 286 -3.48 19.58 -30.08
C LYS A 286 -2.11 19.44 -29.43
N ARG A 287 -1.97 20.00 -28.24
CA ARG A 287 -0.70 19.91 -27.54
C ARG A 287 -0.93 20.40 -26.11
N LYS A 288 -0.01 20.07 -25.21
CA LYS A 288 0.00 20.62 -23.85
C LYS A 288 -1.29 20.29 -23.09
N GLU A 289 -1.48 19.00 -22.79
CA GLU A 289 -2.61 18.58 -21.99
C GLU A 289 -2.34 17.22 -21.37
N TYR A 290 -2.96 16.98 -20.21
CA TYR A 290 -2.87 15.70 -19.54
C TYR A 290 -4.22 14.98 -19.47
N GLU A 291 -5.24 15.60 -18.88
CA GLU A 291 -6.53 14.95 -18.68
C GLU A 291 -7.59 15.92 -18.17
N MET A 292 -8.83 15.79 -18.67
CA MET A 292 -9.94 16.58 -18.17
C MET A 292 -10.45 15.99 -16.86
N LYS A 293 -10.20 16.69 -15.76
CA LYS A 293 -10.87 16.38 -14.52
C LYS A 293 -12.19 17.16 -14.44
N LEU A 294 -13.18 16.55 -13.80
CA LEU A 294 -14.51 17.17 -13.70
C LEU A 294 -14.97 17.14 -12.26
N HIS A 295 -15.38 18.29 -11.75
CA HIS A 295 -16.01 18.39 -10.44
C HIS A 295 -17.42 18.94 -10.62
N THR A 296 -18.37 18.37 -9.90
CA THR A 296 -19.78 18.72 -10.02
C THR A 296 -20.35 19.04 -8.64
N GLU A 297 -21.37 19.90 -8.64
CA GLU A 297 -22.10 20.25 -7.42
C GLU A 297 -23.59 20.16 -7.72
N ALA A 298 -24.23 19.12 -7.20
CA ALA A 298 -25.65 18.90 -7.43
C ALA A 298 -26.43 19.52 -6.28
N GLN A 299 -26.51 20.85 -6.29
CA GLN A 299 -27.28 21.57 -5.30
C GLN A 299 -28.76 21.25 -5.46
N ILE A 300 -29.44 21.04 -4.34
CA ILE A 300 -30.88 20.77 -4.33
C ILE A 300 -31.58 22.00 -3.75
N GLN A 301 -32.52 22.54 -4.51
CA GLN A 301 -33.18 23.78 -4.11
C GLN A 301 -34.54 23.54 -3.45
N GLU A 302 -35.25 22.49 -3.87
CA GLU A 302 -36.55 22.17 -3.31
C GLU A 302 -36.45 21.57 -1.92
N GLU A 303 -35.25 21.30 -1.43
CA GLU A 303 -34.97 20.86 -0.07
C GLU A 303 -33.92 21.78 0.54
N GLY A 304 -33.38 21.37 1.68
CA GLY A 304 -32.28 22.12 2.28
C GLY A 304 -31.17 22.35 1.28
N THR A 305 -30.47 23.48 1.44
CA THR A 305 -29.52 23.97 0.46
C THR A 305 -28.16 23.28 0.56
N VAL A 306 -28.11 22.07 1.10
CA VAL A 306 -26.84 21.35 1.24
C VAL A 306 -26.23 21.12 -0.13
N VAL A 307 -24.94 21.42 -0.25
CA VAL A 307 -24.19 21.22 -1.48
C VAL A 307 -23.13 20.16 -1.22
N GLU A 308 -22.80 19.39 -2.26
CA GLU A 308 -21.78 18.35 -2.16
C GLU A 308 -20.78 18.53 -3.30
N LEU A 309 -19.55 18.92 -2.92
CA LEU A 309 -18.45 19.02 -3.88
C LEU A 309 -18.07 17.64 -4.36
N THR A 310 -18.39 17.31 -5.61
CA THR A 310 -18.22 15.97 -6.13
C THR A 310 -17.40 16.02 -7.41
N GLY A 311 -16.20 15.44 -7.36
CA GLY A 311 -15.32 15.43 -8.50
C GLY A 311 -15.16 14.07 -9.15
N ARG A 312 -15.72 13.90 -10.35
CA ARG A 312 -15.55 12.67 -11.12
C ARG A 312 -14.63 12.98 -12.28
N GLN A 313 -13.39 12.48 -12.19
CA GLN A 313 -12.36 12.74 -13.19
C GLN A 313 -12.33 11.71 -14.30
N SER A 314 -13.48 11.10 -14.60
CA SER A 314 -13.56 9.99 -15.55
C SER A 314 -13.55 10.53 -16.99
N SER A 315 -12.41 11.10 -17.37
CA SER A 315 -12.22 11.58 -18.73
C SER A 315 -10.74 11.77 -18.98
N GLU A 316 -10.21 11.11 -20.00
CA GLU A 316 -8.80 11.17 -20.34
C GLU A 316 -8.64 11.42 -21.83
N ILE A 317 -7.59 12.16 -22.19
CA ILE A 317 -7.28 12.36 -23.60
C ILE A 317 -6.44 11.20 -24.12
N THR A 318 -6.76 10.75 -25.33
CA THR A 318 -6.04 9.68 -26.00
C THR A 318 -5.11 10.31 -27.03
N ARG A 319 -3.80 10.08 -26.87
CA ARG A 319 -2.84 10.60 -27.83
C ARG A 319 -2.96 9.90 -29.18
N THR A 320 -3.38 8.64 -29.18
CA THR A 320 -3.38 7.83 -30.39
C THR A 320 -4.80 7.70 -30.95
N ILE A 321 -4.86 7.33 -32.23
CA ILE A 321 -6.10 6.98 -32.90
C ILE A 321 -5.86 5.69 -33.67
N THR A 322 -6.95 4.98 -33.95
CA THR A 322 -6.92 3.72 -34.71
C THR A 322 -5.88 2.77 -34.11
N LYS A 323 -6.13 2.36 -32.88
CA LYS A 323 -5.18 1.52 -32.16
C LYS A 323 -5.13 0.12 -32.80
N LEU A 324 -3.93 -0.32 -33.12
CA LEU A 324 -3.73 -1.66 -33.66
C LEU A 324 -3.03 -2.52 -32.62
N SER A 325 -3.55 -3.75 -32.45
CA SER A 325 -3.10 -4.60 -31.36
C SER A 325 -3.18 -6.06 -31.78
N PHE A 326 -2.08 -6.79 -31.61
CA PHE A 326 -2.10 -8.23 -31.69
C PHE A 326 -2.95 -8.80 -30.56
N VAL A 327 -3.80 -9.77 -30.86
CA VAL A 327 -4.60 -10.43 -29.83
C VAL A 327 -4.34 -11.92 -29.78
N LYS A 328 -4.28 -12.59 -30.94
CA LYS A 328 -3.98 -14.02 -31.02
C LYS A 328 -2.87 -14.18 -32.06
N VAL A 329 -1.63 -14.00 -31.61
CA VAL A 329 -0.46 -14.13 -32.48
C VAL A 329 0.55 -15.03 -31.79
N ASP A 330 1.13 -15.95 -32.55
CA ASP A 330 2.12 -16.86 -31.99
C ASP A 330 3.44 -16.12 -31.79
N SER A 331 3.96 -16.18 -30.58
CA SER A 331 5.37 -15.88 -30.37
C SER A 331 6.25 -16.99 -30.93
N HIS A 332 5.64 -18.09 -31.34
CA HIS A 332 6.33 -19.28 -31.82
C HIS A 332 5.86 -19.59 -33.25
N PHE A 333 6.56 -19.01 -34.23
CA PHE A 333 6.43 -19.47 -35.60
C PHE A 333 7.39 -20.63 -35.82
N ARG A 334 7.00 -21.57 -36.68
CA ARG A 334 7.73 -22.82 -36.80
C ARG A 334 7.92 -23.21 -38.26
N GLN A 335 9.17 -23.57 -38.59
CA GLN A 335 9.52 -24.01 -39.93
C GLN A 335 8.81 -25.33 -40.22
N GLY A 336 7.84 -25.31 -41.12
CA GLY A 336 7.13 -26.52 -41.49
C GLY A 336 5.62 -26.43 -41.35
N ILE A 337 5.16 -25.82 -40.26
CA ILE A 337 3.74 -25.57 -40.03
C ILE A 337 3.53 -24.07 -39.99
N PRO A 338 2.82 -23.48 -40.95
CA PRO A 338 2.61 -22.04 -40.93
C PRO A 338 1.74 -21.61 -39.75
N PHE A 339 2.01 -20.40 -39.27
CA PHE A 339 1.24 -19.80 -38.20
C PHE A 339 0.38 -18.68 -38.75
N PHE A 340 -0.72 -18.41 -38.06
CA PHE A 340 -1.64 -17.35 -38.41
C PHE A 340 -1.75 -16.37 -37.25
N GLY A 341 -1.60 -15.08 -37.56
CA GLY A 341 -1.69 -14.05 -36.54
C GLY A 341 -3.01 -13.32 -36.60
N GLN A 342 -3.61 -13.12 -35.44
CA GLN A 342 -4.88 -12.41 -35.29
C GLN A 342 -4.56 -10.99 -34.85
N VAL A 343 -4.52 -10.06 -35.79
CA VAL A 343 -4.27 -8.67 -35.47
C VAL A 343 -5.59 -7.90 -35.52
N ARG A 344 -5.73 -6.94 -34.61
CA ARG A 344 -7.00 -6.29 -34.38
C ARG A 344 -6.88 -4.80 -34.66
N LEU A 345 -7.76 -4.30 -35.51
CA LEU A 345 -7.92 -2.86 -35.69
C LEU A 345 -9.04 -2.36 -34.81
N VAL A 346 -8.81 -1.24 -34.14
CA VAL A 346 -9.79 -0.63 -33.26
C VAL A 346 -9.43 0.83 -33.09
N ASP A 347 -10.44 1.67 -32.89
CA ASP A 347 -10.20 3.10 -32.73
C ASP A 347 -9.44 3.35 -31.43
N GLY A 348 -8.75 4.50 -31.39
CA GLY A 348 -8.13 4.92 -30.15
C GLY A 348 -9.11 5.03 -29.02
N LYS A 349 -10.37 5.33 -29.32
CA LYS A 349 -11.42 5.24 -28.32
C LYS A 349 -11.65 3.79 -27.90
N GLY A 350 -11.85 2.90 -28.87
CA GLY A 350 -12.10 1.51 -28.53
C GLY A 350 -13.19 0.83 -29.34
N VAL A 351 -13.71 1.52 -30.35
CA VAL A 351 -14.67 0.91 -31.27
C VAL A 351 -13.95 0.49 -32.55
N PRO A 352 -14.07 -0.77 -32.97
CA PRO A 352 -13.40 -1.20 -34.21
C PRO A 352 -14.03 -0.53 -35.42
N ILE A 353 -13.19 -0.31 -36.44
CA ILE A 353 -13.63 0.31 -37.70
C ILE A 353 -13.72 -0.79 -38.75
N PRO A 354 -14.90 -1.09 -39.27
CA PRO A 354 -15.01 -2.15 -40.27
C PRO A 354 -14.59 -1.68 -41.66
N ASN A 355 -14.07 -2.65 -42.43
CA ASN A 355 -13.70 -2.46 -43.83
C ASN A 355 -12.71 -1.31 -44.01
N LYS A 356 -11.52 -1.49 -43.44
CA LYS A 356 -10.40 -0.59 -43.68
C LYS A 356 -9.20 -1.41 -44.12
N VAL A 357 -8.65 -1.06 -45.27
CA VAL A 357 -7.53 -1.80 -45.83
C VAL A 357 -6.28 -1.54 -44.99
N ILE A 358 -5.57 -2.61 -44.64
CA ILE A 358 -4.40 -2.51 -43.79
C ILE A 358 -3.22 -3.22 -44.46
N PHE A 359 -2.06 -2.60 -44.36
CA PHE A 359 -0.81 -3.13 -44.91
C PHE A 359 -0.02 -3.73 -43.77
N ILE A 360 0.65 -4.85 -44.01
CA ILE A 360 1.31 -5.61 -42.96
C ILE A 360 2.80 -5.70 -43.25
N ARG A 361 3.62 -5.28 -42.28
CA ARG A 361 5.05 -5.57 -42.33
C ARG A 361 5.34 -7.02 -42.00
N GLY A 362 5.38 -7.87 -43.01
CA GLY A 362 5.95 -9.18 -42.86
C GLY A 362 7.42 -9.14 -43.27
N ASN A 363 8.31 -8.96 -42.29
CA ASN A 363 9.72 -8.88 -42.60
C ASN A 363 10.29 -10.22 -43.03
N GLU A 364 9.56 -11.30 -42.80
CA GLU A 364 9.93 -12.60 -43.36
C GLU A 364 9.37 -12.73 -44.77
N ALA A 365 10.24 -13.07 -45.71
CA ALA A 365 9.90 -13.25 -47.12
C ALA A 365 9.23 -12.03 -47.74
N ASN A 366 9.37 -10.86 -47.11
CA ASN A 366 8.73 -9.62 -47.58
C ASN A 366 7.23 -9.83 -47.77
N TYR A 367 6.59 -10.40 -46.76
CA TYR A 367 5.17 -10.75 -46.82
C TYR A 367 4.35 -9.49 -46.62
N TYR A 368 4.03 -8.82 -47.73
CA TYR A 368 3.21 -7.60 -47.72
C TYR A 368 1.84 -7.96 -48.28
N SER A 369 0.82 -7.86 -47.43
CA SER A 369 -0.56 -8.16 -47.81
C SER A 369 -1.45 -6.98 -47.50
N ASN A 370 -2.36 -6.66 -48.42
CA ASN A 370 -3.28 -5.55 -48.26
C ASN A 370 -4.64 -6.08 -47.78
N ALA A 371 -4.64 -6.55 -46.53
CA ALA A 371 -5.84 -7.07 -45.92
C ALA A 371 -6.72 -5.93 -45.40
N THR A 372 -8.03 -6.15 -45.45
CA THR A 372 -9.00 -5.17 -44.98
C THR A 372 -9.79 -5.73 -43.81
N THR A 373 -10.20 -4.82 -42.93
CA THR A 373 -10.85 -5.19 -41.68
C THR A 373 -12.25 -5.75 -41.92
N ASP A 374 -12.67 -6.63 -41.02
CA ASP A 374 -14.02 -7.17 -41.03
C ASP A 374 -14.92 -6.29 -40.16
N GLU A 375 -16.12 -6.77 -39.86
CA GLU A 375 -17.06 -5.99 -39.05
C GLU A 375 -16.50 -5.73 -37.65
N HIS A 376 -15.62 -6.59 -37.16
CA HIS A 376 -14.98 -6.40 -35.86
C HIS A 376 -13.60 -5.79 -35.96
N GLY A 377 -13.19 -5.35 -37.16
CA GLY A 377 -11.85 -4.80 -37.33
C GLY A 377 -10.75 -5.78 -37.02
N LEU A 378 -10.90 -7.03 -37.44
CA LEU A 378 -10.02 -8.12 -37.02
C LEU A 378 -9.76 -9.02 -38.22
N VAL A 379 -8.51 -9.06 -38.68
CA VAL A 379 -8.19 -9.73 -39.94
C VAL A 379 -7.41 -11.00 -39.65
N GLN A 380 -7.22 -11.79 -40.71
CA GLN A 380 -6.46 -13.04 -40.65
C GLN A 380 -5.45 -13.08 -41.78
N PHE A 381 -4.27 -13.61 -41.48
CA PHE A 381 -3.22 -13.76 -42.47
C PHE A 381 -2.20 -14.76 -41.93
N SER A 382 -1.82 -15.70 -42.78
CA SER A 382 -0.80 -16.68 -42.46
C SER A 382 0.45 -16.41 -43.28
N ILE A 383 1.60 -16.57 -42.63
CA ILE A 383 2.90 -16.36 -43.27
C ILE A 383 3.61 -17.70 -43.34
N ASN A 384 3.92 -18.15 -44.54
CA ASN A 384 4.63 -19.42 -44.69
C ASN A 384 6.01 -19.30 -44.07
N THR A 385 6.56 -20.41 -43.62
CA THR A 385 7.76 -20.42 -42.79
C THR A 385 8.95 -20.91 -43.60
N THR A 386 9.60 -19.97 -44.29
CA THR A 386 10.88 -20.21 -44.99
C THR A 386 11.76 -18.99 -44.71
N ASN A 387 12.51 -19.06 -43.61
CA ASN A 387 13.42 -17.98 -43.24
C ASN A 387 14.46 -18.56 -42.28
N VAL A 388 15.19 -17.68 -41.60
CA VAL A 388 16.37 -18.10 -40.85
C VAL A 388 16.12 -18.16 -39.35
N MET A 389 15.87 -17.01 -38.73
CA MET A 389 15.93 -16.91 -37.27
C MET A 389 14.61 -16.49 -36.64
N GLY A 390 14.06 -15.34 -37.05
CA GLY A 390 12.89 -14.82 -36.37
C GLY A 390 12.17 -13.74 -37.15
N THR A 391 10.85 -13.85 -37.23
CA THR A 391 10.03 -12.95 -38.03
C THR A 391 9.53 -11.79 -37.17
N SER A 392 9.56 -10.59 -37.74
CA SER A 392 9.02 -9.40 -37.11
C SER A 392 7.76 -8.97 -37.85
N LEU A 393 6.64 -8.92 -37.14
CA LEU A 393 5.34 -8.61 -37.74
C LEU A 393 4.87 -7.26 -37.22
N THR A 394 4.49 -6.38 -38.15
CA THR A 394 4.05 -5.04 -37.79
C THR A 394 3.01 -4.60 -38.82
N VAL A 395 2.19 -3.63 -38.44
CA VAL A 395 1.01 -3.24 -39.22
C VAL A 395 1.14 -1.79 -39.66
N ARG A 396 0.41 -1.44 -40.71
CA ARG A 396 0.46 -0.13 -41.35
C ARG A 396 -0.94 0.44 -41.46
N VAL A 397 -1.11 1.70 -41.04
CA VAL A 397 -2.37 2.38 -41.32
C VAL A 397 -2.16 3.73 -41.98
N ASN A 398 -1.04 4.41 -41.69
CA ASN A 398 -1.03 5.81 -42.09
C ASN A 398 0.23 6.28 -42.81
N TYR A 399 1.42 5.85 -42.36
CA TYR A 399 2.71 6.36 -42.83
C TYR A 399 2.99 7.83 -42.47
N LYS A 400 2.04 8.52 -41.85
CA LYS A 400 2.08 9.98 -41.84
C LYS A 400 2.82 10.54 -40.63
N ASP A 401 3.81 11.39 -40.93
CA ASP A 401 4.47 12.22 -39.92
C ASP A 401 4.06 13.66 -40.22
N ARG A 402 3.10 14.17 -39.45
CA ARG A 402 2.39 15.40 -39.80
C ARG A 402 3.07 16.62 -39.16
N SER A 403 2.34 17.73 -39.15
CA SER A 403 2.79 19.09 -38.83
C SER A 403 3.46 19.23 -37.47
N PRO A 404 3.20 18.32 -36.52
CA PRO A 404 3.51 18.58 -35.11
C PRO A 404 4.85 19.27 -34.87
N CYS A 405 4.85 20.17 -33.88
CA CYS A 405 6.01 21.01 -33.58
C CYS A 405 7.26 20.17 -33.33
N TYR A 406 7.21 19.30 -32.33
CA TYR A 406 8.38 18.50 -31.98
C TYR A 406 7.98 17.07 -31.62
N SER A 412 2.68 12.80 -31.11
CA SER A 412 1.62 13.38 -30.29
C SER A 412 0.27 13.23 -30.98
N GLU A 413 0.30 13.04 -32.30
CA GLU A 413 -0.92 13.02 -33.10
C GLU A 413 -1.02 11.78 -34.00
N GLU A 414 0.01 10.94 -34.03
CA GLU A 414 0.04 9.81 -34.95
C GLU A 414 -0.79 8.66 -34.41
N HIS A 415 -0.93 7.63 -35.24
CA HIS A 415 -1.70 6.44 -34.91
C HIS A 415 -0.76 5.37 -34.37
N GLU A 416 -1.10 4.81 -33.21
CA GLU A 416 -0.28 3.76 -32.62
C GLU A 416 -0.30 2.53 -33.51
N GLU A 417 0.87 1.94 -33.72
CA GLU A 417 1.01 0.73 -34.52
C GLU A 417 1.26 -0.46 -33.60
N ALA A 418 1.10 -1.66 -34.17
CA ALA A 418 1.24 -2.90 -33.42
C ALA A 418 2.55 -3.57 -33.82
N HIS A 419 3.38 -3.88 -32.82
CA HIS A 419 4.64 -4.56 -33.03
C HIS A 419 4.66 -5.90 -32.32
N HIS A 420 5.29 -6.88 -32.95
CA HIS A 420 5.42 -8.21 -32.38
C HIS A 420 6.62 -8.90 -33.00
N THR A 421 7.30 -9.72 -32.20
CA THR A 421 8.51 -10.42 -32.63
C THR A 421 8.34 -11.90 -32.32
N ALA A 422 7.73 -12.63 -33.25
CA ALA A 422 7.63 -14.07 -33.14
C ALA A 422 9.00 -14.70 -33.33
N TYR A 423 9.32 -15.68 -32.50
CA TYR A 423 10.61 -16.35 -32.55
C TYR A 423 10.42 -17.85 -32.78
N LEU A 424 11.35 -18.43 -33.52
CA LEU A 424 11.29 -19.82 -33.94
C LEU A 424 11.49 -20.74 -32.75
N VAL A 425 10.87 -21.92 -32.82
CA VAL A 425 11.10 -22.95 -31.81
C VAL A 425 12.19 -23.89 -32.29
N PHE A 426 13.14 -24.19 -31.41
CA PHE A 426 14.26 -25.05 -31.75
C PHE A 426 13.74 -26.44 -32.06
N SER A 427 13.77 -26.82 -33.34
CA SER A 427 13.29 -28.13 -33.78
C SER A 427 14.49 -28.98 -34.19
N PRO A 428 15.10 -29.73 -33.27
CA PRO A 428 16.31 -30.48 -33.64
C PRO A 428 16.03 -31.62 -34.60
N SER A 429 15.00 -32.43 -34.35
CA SER A 429 14.61 -33.49 -35.27
C SER A 429 13.66 -32.99 -36.35
N LYS A 430 13.69 -31.69 -36.64
CA LYS A 430 12.76 -31.05 -37.57
C LYS A 430 11.32 -31.31 -37.16
N SER A 431 11.10 -31.44 -35.85
CA SER A 431 9.79 -31.74 -35.31
C SER A 431 9.44 -30.71 -34.24
N PHE A 432 8.14 -30.54 -34.01
CA PHE A 432 7.63 -29.53 -33.09
C PHE A 432 6.12 -29.70 -32.96
N VAL A 433 5.61 -29.26 -31.81
CA VAL A 433 4.18 -29.27 -31.51
C VAL A 433 3.69 -27.83 -31.51
N HIS A 434 2.62 -27.57 -32.27
CA HIS A 434 1.99 -26.27 -32.27
C HIS A 434 0.77 -26.29 -31.35
N LEU A 435 0.70 -25.28 -30.48
CA LEU A 435 -0.41 -25.17 -29.54
C LEU A 435 -1.09 -23.83 -29.75
N GLU A 436 -2.38 -23.85 -30.02
CA GLU A 436 -3.12 -22.64 -30.37
C GLU A 436 -3.25 -21.72 -29.17
N PRO A 437 -2.78 -20.48 -29.25
CA PRO A 437 -3.01 -19.53 -28.17
C PRO A 437 -4.45 -19.03 -28.17
N MET A 438 -4.88 -18.55 -27.02
CA MET A 438 -6.21 -17.97 -26.88
C MET A 438 -6.08 -16.61 -26.22
N SER A 439 -6.94 -15.69 -26.63
CA SER A 439 -6.92 -14.32 -26.12
C SER A 439 -8.11 -14.01 -25.22
N HIS A 440 -9.27 -14.61 -25.49
CA HIS A 440 -10.45 -14.32 -24.70
C HIS A 440 -10.30 -14.85 -23.28
N GLU A 441 -10.93 -14.15 -22.34
CA GLU A 441 -10.91 -14.56 -20.95
C GLU A 441 -11.62 -15.91 -20.80
N LEU A 442 -10.99 -16.83 -20.11
CA LEU A 442 -11.55 -18.18 -19.97
C LEU A 442 -12.81 -18.14 -19.11
N PRO A 443 -13.95 -18.59 -19.61
CA PRO A 443 -15.14 -18.69 -18.76
C PRO A 443 -14.97 -19.76 -17.72
N CYS A 444 -15.60 -19.54 -16.56
CA CYS A 444 -15.53 -20.49 -15.46
C CYS A 444 -16.76 -21.38 -15.47
N GLY A 445 -16.54 -22.65 -15.18
CA GLY A 445 -17.60 -23.64 -15.36
C GLY A 445 -17.78 -24.03 -16.80
N HIS A 446 -17.97 -23.06 -17.68
CA HIS A 446 -18.00 -23.29 -19.12
C HIS A 446 -16.59 -23.66 -19.57
N THR A 447 -16.39 -24.93 -19.90
CA THR A 447 -15.06 -25.43 -20.22
C THR A 447 -14.64 -24.96 -21.61
N GLN A 448 -13.50 -25.45 -22.07
CA GLN A 448 -12.97 -25.09 -23.37
C GLN A 448 -12.03 -26.18 -23.87
N THR A 449 -12.18 -26.54 -25.15
CA THR A 449 -11.23 -27.40 -25.81
C THR A 449 -10.16 -26.55 -26.48
N VAL A 450 -8.93 -27.06 -26.52
CA VAL A 450 -7.79 -26.31 -27.02
C VAL A 450 -7.20 -27.08 -28.19
N GLN A 451 -7.15 -26.42 -29.36
CA GLN A 451 -6.58 -27.03 -30.55
C GLN A 451 -5.06 -27.10 -30.46
N ALA A 452 -4.49 -28.10 -31.13
CA ALA A 452 -3.05 -28.28 -31.15
C ALA A 452 -2.63 -28.87 -32.48
N HIS A 453 -1.35 -28.69 -32.82
CA HIS A 453 -0.80 -29.19 -34.07
C HIS A 453 0.59 -29.75 -33.80
N TYR A 454 1.04 -30.65 -34.67
CA TYR A 454 2.28 -31.37 -34.44
C TYR A 454 2.90 -31.76 -35.78
N ILE A 455 4.14 -32.24 -35.70
CA ILE A 455 4.86 -32.70 -36.88
C ILE A 455 5.94 -33.66 -36.41
N LEU A 456 6.34 -34.57 -37.28
CA LEU A 456 7.33 -35.58 -36.93
C LEU A 456 8.64 -35.45 -37.70
N ASN A 457 8.58 -35.48 -39.04
CA ASN A 457 9.77 -35.38 -39.89
C ASN A 457 10.81 -36.46 -39.53
N GLY A 458 10.40 -37.73 -39.68
CA GLY A 458 11.32 -38.83 -39.49
C GLY A 458 11.83 -39.02 -38.09
N GLY A 459 11.00 -38.77 -37.07
CA GLY A 459 11.46 -38.95 -35.70
C GLY A 459 11.08 -40.29 -35.11
N THR A 460 9.82 -40.66 -35.22
CA THR A 460 9.28 -41.85 -34.55
C THR A 460 9.69 -43.10 -35.32
N LEU A 461 10.96 -43.47 -35.15
CA LEU A 461 11.44 -44.73 -35.71
C LEU A 461 10.96 -45.90 -34.88
N LEU A 462 11.34 -45.95 -33.60
CA LEU A 462 10.84 -46.98 -32.70
C LEU A 462 9.42 -46.71 -32.24
N GLY A 463 9.07 -45.45 -31.98
CA GLY A 463 7.72 -45.11 -31.59
C GLY A 463 6.74 -45.43 -32.71
N LEU A 464 5.70 -46.19 -32.41
CA LEU A 464 4.76 -46.64 -33.43
C LEU A 464 3.43 -46.99 -32.79
N LYS A 465 2.34 -46.50 -33.37
CA LYS A 465 0.95 -46.83 -33.04
C LYS A 465 0.54 -46.35 -31.65
N LYS A 466 1.43 -45.71 -30.89
CA LYS A 466 1.09 -45.23 -29.55
C LYS A 466 2.02 -44.06 -29.25
N LEU A 467 1.49 -42.85 -29.33
CA LEU A 467 2.22 -41.63 -29.01
C LEU A 467 1.35 -40.81 -28.08
N SER A 468 1.51 -41.02 -26.77
CA SER A 468 0.77 -40.25 -25.78
C SER A 468 1.18 -38.78 -25.87
N PHE A 469 0.25 -37.90 -25.52
CA PHE A 469 0.42 -36.47 -25.78
C PHE A 469 0.07 -35.74 -24.50
N TYR A 470 1.06 -35.12 -23.87
CA TYR A 470 1.02 -34.79 -22.45
C TYR A 470 0.82 -33.29 -22.22
N TYR A 471 0.29 -32.93 -21.05
CA TYR A 471 0.08 -31.53 -20.71
C TYR A 471 -0.02 -31.32 -19.20
N LEU A 472 0.52 -30.20 -18.73
CA LEU A 472 0.57 -29.83 -17.31
C LEU A 472 0.24 -28.35 -17.13
N ILE A 473 -0.98 -28.05 -16.73
CA ILE A 473 -1.40 -26.67 -16.46
C ILE A 473 -0.80 -26.25 -15.13
N MET A 474 -0.17 -25.07 -15.11
CA MET A 474 0.29 -24.48 -13.87
C MET A 474 -0.56 -23.26 -13.52
N ALA A 475 -0.86 -23.11 -12.24
CA ALA A 475 -1.60 -21.96 -11.75
C ALA A 475 -1.13 -21.65 -10.34
N LYS A 476 -1.17 -20.36 -9.98
CA LYS A 476 -0.67 -19.88 -8.69
C LYS A 476 0.79 -20.25 -8.50
N GLY A 477 1.54 -20.37 -9.58
CA GLY A 477 2.94 -20.74 -9.50
C GLY A 477 3.19 -22.20 -9.20
N GLY A 478 2.21 -23.07 -9.42
CA GLY A 478 2.37 -24.48 -9.13
C GLY A 478 1.54 -25.33 -10.07
N ILE A 479 1.92 -26.60 -10.19
CA ILE A 479 1.20 -27.52 -11.06
C ILE A 479 -0.17 -27.82 -10.45
N VAL A 480 -1.21 -27.70 -11.28
CA VAL A 480 -2.60 -27.84 -10.82
C VAL A 480 -3.29 -29.01 -11.52
N ARG A 481 -3.33 -29.00 -12.85
CA ARG A 481 -4.02 -30.02 -13.61
C ARG A 481 -3.06 -30.78 -14.50
N THR A 482 -3.39 -32.04 -14.76
CA THR A 482 -2.61 -32.92 -15.63
C THR A 482 -3.57 -33.72 -16.51
N GLY A 483 -2.98 -34.40 -17.49
CA GLY A 483 -3.77 -35.24 -18.38
C GLY A 483 -2.90 -35.80 -19.48
N THR A 484 -3.51 -36.65 -20.29
CA THR A 484 -2.81 -37.32 -21.37
C THR A 484 -3.80 -37.70 -22.47
N HIS A 485 -3.25 -38.00 -23.64
CA HIS A 485 -4.03 -38.53 -24.75
C HIS A 485 -3.09 -39.26 -25.69
N GLY A 486 -3.52 -40.42 -26.17
CA GLY A 486 -2.71 -41.25 -27.04
C GLY A 486 -2.99 -41.00 -28.51
N LEU A 487 -1.95 -41.11 -29.33
CA LEU A 487 -2.05 -40.91 -30.76
C LEU A 487 -1.68 -42.20 -31.48
N LEU A 488 -2.45 -42.53 -32.52
CA LEU A 488 -2.25 -43.74 -33.31
C LEU A 488 -1.57 -43.34 -34.62
N VAL A 489 -0.26 -43.55 -34.69
CA VAL A 489 0.52 -43.24 -35.88
C VAL A 489 1.57 -44.31 -36.11
N LYS A 490 1.55 -44.93 -37.30
CA LYS A 490 2.68 -45.71 -37.80
C LYS A 490 2.92 -45.23 -39.23
N GLN A 491 3.60 -44.08 -39.36
CA GLN A 491 3.74 -43.37 -40.62
C GLN A 491 4.84 -42.33 -40.46
N GLU A 492 4.95 -41.46 -41.47
CA GLU A 492 5.62 -40.17 -41.33
C GLU A 492 4.52 -39.12 -41.37
N ASP A 493 3.92 -38.87 -40.21
CA ASP A 493 2.65 -38.13 -40.13
C ASP A 493 2.90 -36.63 -40.15
N MET A 494 2.01 -35.92 -40.83
CA MET A 494 2.11 -34.47 -40.99
C MET A 494 1.20 -33.79 -39.95
N LYS A 495 1.00 -32.48 -40.11
CA LYS A 495 0.14 -31.69 -39.24
C LYS A 495 -1.21 -32.36 -39.00
N GLY A 496 -1.72 -32.20 -37.77
CA GLY A 496 -3.02 -32.72 -37.41
C GLY A 496 -3.81 -31.72 -36.58
N HIS A 497 -5.10 -32.00 -36.43
CA HIS A 497 -6.00 -31.18 -35.65
C HIS A 497 -6.35 -31.93 -34.38
N PHE A 498 -5.93 -31.40 -33.23
CA PHE A 498 -5.97 -32.16 -31.98
C PHE A 498 -6.53 -31.29 -30.84
N SER A 499 -7.75 -30.79 -31.02
CA SER A 499 -8.45 -30.13 -29.92
C SER A 499 -8.37 -30.97 -28.65
N ILE A 500 -7.89 -30.34 -27.57
CA ILE A 500 -7.77 -31.00 -26.27
C ILE A 500 -8.62 -30.25 -25.26
N SER A 501 -9.40 -30.99 -24.46
CA SER A 501 -10.36 -30.38 -23.56
C SER A 501 -9.75 -30.10 -22.20
N ILE A 502 -10.07 -28.94 -21.64
CA ILE A 502 -9.66 -28.57 -20.30
C ILE A 502 -10.78 -27.80 -19.61
N PRO A 503 -11.30 -28.31 -18.49
CA PRO A 503 -12.30 -27.54 -17.73
C PRO A 503 -11.66 -26.37 -17.01
N VAL A 504 -12.50 -25.43 -16.61
CA VAL A 504 -12.05 -24.20 -15.95
C VAL A 504 -12.80 -24.07 -14.63
N LYS A 505 -12.15 -24.46 -13.53
CA LYS A 505 -12.67 -24.27 -12.19
C LYS A 505 -11.87 -23.18 -11.49
N SER A 506 -12.17 -22.98 -10.21
CA SER A 506 -11.51 -21.93 -9.44
C SER A 506 -10.02 -22.19 -9.24
N ASP A 507 -9.56 -23.42 -9.45
CA ASP A 507 -8.18 -23.79 -9.21
C ASP A 507 -7.21 -23.17 -10.21
N ILE A 508 -7.69 -22.27 -11.06
CA ILE A 508 -6.85 -21.61 -12.05
C ILE A 508 -6.67 -20.14 -11.65
N ALA A 509 -5.41 -19.71 -11.64
CA ALA A 509 -5.04 -18.34 -11.30
C ALA A 509 -5.53 -17.40 -12.39
N PRO A 510 -5.34 -16.07 -12.22
CA PRO A 510 -5.62 -15.18 -13.36
C PRO A 510 -4.84 -15.55 -14.59
N VAL A 511 -3.61 -15.99 -14.42
CA VAL A 511 -2.86 -16.61 -15.49
C VAL A 511 -3.20 -18.09 -15.53
N ALA A 512 -3.26 -18.64 -16.73
CA ALA A 512 -3.37 -20.08 -16.91
C ALA A 512 -2.33 -20.47 -17.95
N ARG A 513 -1.35 -21.26 -17.53
CA ARG A 513 -0.24 -21.63 -18.40
C ARG A 513 -0.37 -23.11 -18.74
N LEU A 514 -0.25 -23.42 -20.02
CA LEU A 514 -0.35 -24.79 -20.53
C LEU A 514 0.94 -25.15 -21.25
N LEU A 515 1.52 -26.28 -20.85
CA LEU A 515 2.70 -26.84 -21.51
C LEU A 515 2.33 -28.19 -22.08
N ILE A 516 2.87 -28.50 -23.26
CA ILE A 516 2.69 -29.80 -23.87
C ILE A 516 4.01 -30.29 -24.43
N TYR A 517 4.45 -31.47 -24.00
CA TYR A 517 5.65 -32.09 -24.51
C TYR A 517 5.36 -33.54 -24.87
N ALA A 518 5.89 -33.99 -26.00
CA ALA A 518 5.68 -35.33 -26.51
C ALA A 518 7.00 -36.09 -26.48
N VAL A 519 7.00 -37.26 -25.84
CA VAL A 519 8.20 -38.05 -25.70
C VAL A 519 8.52 -38.73 -27.02
N LEU A 520 9.80 -38.72 -27.41
CA LEU A 520 10.26 -39.38 -28.62
C LEU A 520 11.38 -40.36 -28.29
N PRO A 521 11.40 -41.52 -28.95
CA PRO A 521 12.46 -42.51 -28.69
C PRO A 521 13.85 -42.02 -29.05
N THR A 522 13.98 -41.00 -29.89
CA THR A 522 15.28 -40.43 -30.23
C THR A 522 15.84 -39.55 -29.12
N GLY A 523 15.19 -39.52 -27.96
CA GLY A 523 15.64 -38.68 -26.86
C GLY A 523 15.06 -37.29 -26.93
N ASP A 524 15.33 -36.58 -28.02
CA ASP A 524 14.91 -35.20 -28.16
C ASP A 524 13.40 -35.09 -28.13
N VAL A 525 12.90 -34.03 -27.49
CA VAL A 525 11.48 -33.87 -27.23
C VAL A 525 11.07 -32.46 -27.63
N ILE A 526 9.82 -32.31 -28.06
CA ILE A 526 9.29 -31.07 -28.61
C ILE A 526 8.16 -30.57 -27.72
N GLY A 527 8.04 -29.24 -27.62
CA GLY A 527 7.06 -28.66 -26.73
C GLY A 527 6.49 -27.33 -27.16
N ASP A 528 5.48 -26.85 -26.45
CA ASP A 528 4.83 -25.59 -26.78
C ASP A 528 4.04 -25.10 -25.58
N SER A 529 4.27 -23.85 -25.20
CA SER A 529 3.66 -23.23 -24.03
C SER A 529 2.66 -22.17 -24.46
N ALA A 530 1.71 -21.88 -23.58
CA ALA A 530 0.67 -20.91 -23.89
C ALA A 530 0.08 -20.33 -22.62
N LYS A 531 0.25 -19.03 -22.43
CA LYS A 531 -0.40 -18.31 -21.35
C LYS A 531 -1.87 -18.10 -21.66
N TYR A 532 -2.71 -18.21 -20.63
CA TYR A 532 -4.14 -17.97 -20.78
C TYR A 532 -4.61 -17.09 -19.64
N ASP A 533 -5.07 -15.89 -19.95
CA ASP A 533 -5.69 -15.04 -18.94
C ASP A 533 -7.05 -15.63 -18.58
N VAL A 534 -7.34 -15.69 -17.29
CA VAL A 534 -8.55 -16.34 -16.79
C VAL A 534 -9.26 -15.39 -15.84
N GLU A 535 -10.58 -15.26 -16.00
CA GLU A 535 -11.39 -14.50 -15.06
C GLU A 535 -11.27 -15.11 -13.67
N ASN A 536 -10.98 -14.28 -12.68
CA ASN A 536 -10.73 -14.77 -11.34
C ASN A 536 -12.03 -15.23 -10.69
N CYS A 537 -12.25 -16.54 -10.71
CA CYS A 537 -13.43 -17.14 -10.13
C CYS A 537 -13.02 -17.88 -8.86
N LEU A 538 -14.03 -18.22 -8.05
CA LEU A 538 -13.79 -18.71 -6.70
C LEU A 538 -14.60 -19.98 -6.46
N ALA A 539 -14.02 -20.87 -5.64
CA ALA A 539 -14.62 -22.18 -5.42
C ALA A 539 -15.98 -22.11 -4.76
N ASN A 540 -16.24 -21.07 -4.00
CA ASN A 540 -17.52 -20.90 -3.31
C ASN A 540 -18.29 -19.79 -4.03
N LYS A 541 -19.15 -20.18 -4.96
CA LYS A 541 -20.08 -19.23 -5.54
C LYS A 541 -21.09 -18.83 -4.48
N VAL A 542 -21.20 -17.53 -4.22
CA VAL A 542 -22.02 -17.00 -3.14
C VAL A 542 -23.08 -16.07 -3.75
N ASP A 543 -24.28 -16.13 -3.20
CA ASP A 543 -25.37 -15.27 -3.63
C ASP A 543 -26.02 -14.63 -2.41
N LEU A 544 -26.55 -13.43 -2.64
CA LEU A 544 -27.18 -12.63 -1.59
C LEU A 544 -28.66 -12.47 -1.90
N SER A 545 -29.51 -12.83 -0.95
CA SER A 545 -30.95 -12.79 -1.14
C SER A 545 -31.57 -11.94 -0.04
N PHE A 546 -32.76 -11.42 -0.32
CA PHE A 546 -33.37 -10.43 0.54
C PHE A 546 -34.88 -10.67 0.60
N SER A 547 -35.59 -9.69 1.15
CA SER A 547 -37.02 -9.49 0.93
C SER A 547 -37.14 -8.05 0.43
N PRO A 548 -36.68 -7.79 -0.78
CA PRO A 548 -36.31 -6.43 -1.19
C PRO A 548 -37.52 -5.52 -1.38
N SER A 549 -37.21 -4.24 -1.61
CA SER A 549 -38.21 -3.19 -1.76
C SER A 549 -39.08 -3.09 -0.50
N GLN A 550 -38.55 -3.60 0.62
CA GLN A 550 -39.29 -3.61 1.86
C GLN A 550 -39.31 -2.21 2.49
N SER A 551 -40.35 -1.96 3.27
CA SER A 551 -40.44 -0.70 3.99
C SER A 551 -39.36 -0.61 5.05
N LEU A 552 -39.05 0.62 5.44
CA LEU A 552 -38.09 0.86 6.51
C LEU A 552 -38.50 0.17 7.81
N PRO A 553 -39.77 0.14 8.20
CA PRO A 553 -40.19 -0.65 9.36
C PRO A 553 -40.52 -2.11 9.08
N ALA A 554 -40.26 -2.62 7.87
CA ALA A 554 -40.55 -4.02 7.56
C ALA A 554 -39.49 -4.88 8.26
N SER A 555 -39.77 -5.19 9.53
CA SER A 555 -38.74 -5.61 10.45
C SER A 555 -38.07 -6.93 10.04
N HIS A 556 -38.86 -7.89 9.55
CA HIS A 556 -38.34 -9.25 9.36
C HIS A 556 -37.12 -9.25 8.44
N ALA A 557 -37.25 -8.67 7.24
CA ALA A 557 -36.14 -8.45 6.29
C ALA A 557 -35.18 -9.65 6.25
N HIS A 558 -35.74 -10.77 5.82
CA HIS A 558 -34.99 -12.03 5.75
C HIS A 558 -33.78 -11.87 4.83
N LEU A 559 -32.60 -12.14 5.34
CA LEU A 559 -31.35 -12.06 4.58
C LEU A 559 -30.84 -13.48 4.34
N ARG A 560 -31.05 -13.98 3.14
CA ARG A 560 -30.62 -15.32 2.75
C ARG A 560 -29.32 -15.25 1.97
N VAL A 561 -28.37 -16.11 2.35
CA VAL A 561 -27.07 -16.17 1.72
C VAL A 561 -26.76 -17.63 1.38
N THR A 562 -26.42 -17.89 0.13
CA THR A 562 -26.06 -19.23 -0.32
C THR A 562 -24.56 -19.30 -0.50
N ALA A 563 -23.95 -20.34 0.06
CA ALA A 563 -22.50 -20.52 -0.04
C ALA A 563 -22.21 -22.02 -0.01
N ALA A 564 -20.95 -22.37 0.21
CA ALA A 564 -20.56 -23.76 0.28
C ALA A 564 -21.21 -24.43 1.50
N PRO A 565 -21.50 -25.73 1.42
CA PRO A 565 -22.12 -26.43 2.56
C PRO A 565 -21.21 -26.37 3.78
N GLN A 566 -21.84 -26.28 4.96
CA GLN A 566 -21.18 -26.22 6.27
C GLN A 566 -19.93 -25.32 6.22
N SER A 567 -20.19 -24.07 5.85
CA SER A 567 -19.15 -23.06 5.74
C SER A 567 -19.33 -22.00 6.82
N VAL A 568 -18.47 -21.00 6.80
CA VAL A 568 -18.57 -19.84 7.69
C VAL A 568 -18.77 -18.62 6.81
N CYS A 569 -19.79 -17.83 7.12
CA CYS A 569 -20.16 -16.69 6.31
C CYS A 569 -20.08 -15.40 7.11
N ALA A 570 -19.55 -14.36 6.50
CA ALA A 570 -19.51 -13.03 7.07
C ALA A 570 -20.38 -12.11 6.22
N LEU A 571 -21.12 -11.23 6.89
CA LEU A 571 -22.10 -10.38 6.22
C LEU A 571 -21.94 -8.95 6.70
N ARG A 572 -21.49 -8.06 5.83
CA ARG A 572 -21.37 -6.64 6.10
C ARG A 572 -22.49 -5.92 5.39
N ALA A 573 -23.16 -5.01 6.09
CA ALA A 573 -24.22 -4.21 5.48
C ALA A 573 -24.03 -2.76 5.89
N VAL A 574 -23.97 -1.87 4.90
CA VAL A 574 -23.69 -0.46 5.10
C VAL A 574 -24.75 0.35 4.37
N ASP A 575 -24.56 1.66 4.35
CA ASP A 575 -25.41 2.53 3.56
C ASP A 575 -24.83 2.69 2.16
N GLN A 576 -25.66 3.18 1.23
CA GLN A 576 -25.13 3.59 -0.06
C GLN A 576 -24.25 4.83 0.08
N SER A 577 -24.63 5.76 0.95
CA SER A 577 -23.79 6.91 1.23
C SER A 577 -22.41 6.48 1.73
N VAL A 578 -22.36 5.37 2.46
CA VAL A 578 -21.08 4.86 2.96
C VAL A 578 -20.11 4.65 1.80
N LEU A 579 -20.60 4.02 0.72
CA LEU A 579 -19.76 3.89 -0.47
C LEU A 579 -19.69 5.18 -1.27
N LEU A 580 -20.57 6.14 -1.00
CA LEU A 580 -20.60 7.37 -1.80
C LEU A 580 -19.56 8.40 -1.35
N MET A 581 -19.57 8.77 -0.07
CA MET A 581 -18.70 9.84 0.39
C MET A 581 -17.23 9.50 0.17
N LYS A 582 -16.84 8.28 0.49
CA LYS A 582 -15.53 7.77 0.12
C LYS A 582 -15.65 6.29 -0.24
N PRO A 583 -15.34 5.90 -1.46
CA PRO A 583 -15.41 4.49 -1.82
C PRO A 583 -14.51 3.66 -0.93
N ASP A 584 -15.05 2.57 -0.40
CA ASP A 584 -14.35 1.75 0.57
C ASP A 584 -13.54 0.68 -0.17
N ALA A 585 -12.88 -0.20 0.59
CA ALA A 585 -12.10 -1.26 -0.01
C ALA A 585 -13.01 -2.21 -0.79
N GLU A 586 -12.53 -2.62 -1.97
CA GLU A 586 -13.35 -3.44 -2.85
C GLU A 586 -13.68 -4.79 -2.24
N LEU A 587 -12.68 -5.52 -1.74
CA LEU A 587 -12.86 -6.81 -1.08
C LEU A 587 -13.69 -7.74 -1.97
N SER A 588 -13.51 -7.61 -3.28
CA SER A 588 -14.36 -8.31 -4.25
C SER A 588 -13.69 -8.25 -5.61
N ALA A 589 -14.00 -9.21 -6.47
CA ALA A 589 -13.58 -9.21 -7.87
C ALA A 589 -12.05 -9.14 -7.98
N SER A 590 -11.43 -10.22 -7.50
CA SER A 590 -9.99 -10.42 -7.50
C SER A 590 -9.25 -9.53 -6.53
N SER A 591 -9.96 -8.95 -5.55
CA SER A 591 -9.29 -8.22 -4.49
C SER A 591 -8.28 -9.10 -3.77
N VAL A 592 -8.60 -10.39 -3.60
CA VAL A 592 -7.62 -11.33 -3.08
C VAL A 592 -6.55 -11.63 -4.12
N TYR A 593 -6.92 -11.66 -5.41
CA TYR A 593 -6.02 -12.20 -6.41
C TYR A 593 -4.80 -11.31 -6.64
N ASN A 594 -4.97 -9.99 -6.63
CA ASN A 594 -3.80 -9.13 -6.79
C ASN A 594 -2.92 -9.13 -5.54
N LEU A 595 -3.52 -9.29 -4.35
CA LEU A 595 -2.72 -9.50 -3.15
C LEU A 595 -2.06 -10.88 -3.12
N LEU A 596 -2.42 -11.77 -4.02
CA LEU A 596 -1.79 -13.10 -4.04
C LEU A 596 -0.33 -12.94 -4.42
N PRO A 597 0.61 -13.41 -3.60
CA PRO A 597 2.03 -13.29 -3.95
C PRO A 597 2.41 -14.31 -5.00
N GLU A 598 3.14 -13.85 -6.01
CA GLU A 598 3.62 -14.69 -7.11
C GLU A 598 2.45 -15.37 -7.81
N LYS A 599 1.59 -14.54 -8.41
CA LYS A 599 0.47 -15.06 -9.19
C LYS A 599 0.93 -15.83 -10.42
N ASP A 600 2.14 -15.58 -10.90
CA ASP A 600 2.71 -16.33 -12.01
C ASP A 600 4.22 -16.36 -11.86
N LEU A 601 4.85 -17.36 -12.49
CA LEU A 601 6.30 -17.50 -12.47
C LEU A 601 6.81 -17.04 -13.83
N THR A 602 7.22 -15.77 -13.90
CA THR A 602 7.67 -15.20 -15.16
C THR A 602 8.89 -15.94 -15.70
N GLY A 603 9.93 -16.04 -14.88
CA GLY A 603 11.10 -16.82 -15.21
C GLY A 603 11.44 -17.72 -14.04
N PHE A 604 12.69 -18.18 -13.95
CA PHE A 604 13.09 -18.83 -12.70
C PHE A 604 13.02 -17.76 -11.63
N PRO A 605 12.03 -17.82 -10.73
CA PRO A 605 11.74 -16.68 -9.85
C PRO A 605 12.87 -16.31 -8.92
N GLY A 606 13.66 -17.28 -8.47
CA GLY A 606 14.76 -16.98 -7.58
C GLY A 606 15.83 -16.14 -8.26
N PRO A 607 16.08 -14.94 -7.73
CA PRO A 607 17.20 -14.15 -8.24
C PRO A 607 18.52 -14.87 -8.06
N LEU A 608 18.66 -15.67 -7.00
CA LEU A 608 19.83 -16.52 -6.86
C LEU A 608 19.80 -17.65 -7.88
N ASN A 609 18.61 -18.09 -8.29
CA ASN A 609 18.46 -19.11 -9.32
C ASN A 609 18.75 -18.45 -10.67
N ASP A 610 20.03 -18.44 -11.02
CA ASP A 610 20.50 -17.67 -12.18
C ASP A 610 20.57 -18.49 -13.45
N GLN A 611 21.34 -19.57 -13.45
CA GLN A 611 21.76 -20.23 -14.68
C GLN A 611 21.72 -21.75 -14.53
N ASP A 612 22.07 -22.42 -15.63
CA ASP A 612 22.31 -23.85 -15.64
C ASP A 612 23.40 -24.14 -16.68
N ASN A 613 24.15 -25.21 -16.44
CA ASN A 613 25.37 -25.47 -17.21
C ASN A 613 25.59 -26.98 -17.26
N GLU A 614 25.37 -27.57 -18.44
CA GLU A 614 25.53 -29.01 -18.64
C GLU A 614 25.54 -29.30 -20.13
N ASP A 615 26.50 -30.10 -20.58
CA ASP A 615 26.69 -30.45 -21.99
C ASP A 615 26.98 -29.22 -22.85
N CYS A 616 28.01 -28.47 -22.48
CA CYS A 616 28.47 -27.36 -23.31
C CYS A 616 29.51 -27.84 -24.32
N ILE A 617 29.15 -27.83 -25.60
CA ILE A 617 30.04 -28.31 -26.65
C ILE A 617 30.91 -27.17 -27.16
N ASN A 618 32.03 -27.51 -27.79
CA ASN A 618 32.95 -26.51 -28.30
C ASN A 618 32.63 -26.13 -29.74
N ARG A 619 32.77 -27.08 -30.67
CA ARG A 619 32.37 -26.93 -32.08
C ARG A 619 32.85 -25.60 -32.68
N HIS A 620 33.97 -25.08 -32.19
CA HIS A 620 34.52 -23.82 -32.68
C HIS A 620 35.33 -24.05 -33.95
N ASN A 621 34.69 -24.74 -34.90
CA ASN A 621 35.27 -25.03 -36.19
C ASN A 621 34.27 -24.69 -37.29
N VAL A 622 34.79 -24.14 -38.39
CA VAL A 622 33.98 -23.83 -39.55
C VAL A 622 33.60 -25.14 -40.22
N TYR A 623 32.37 -25.22 -40.72
CA TYR A 623 31.85 -26.40 -41.39
C TYR A 623 31.29 -25.99 -42.75
N ILE A 624 30.47 -26.87 -43.32
CA ILE A 624 30.09 -26.88 -44.74
C ILE A 624 29.81 -25.47 -45.27
N ASN A 625 30.37 -25.17 -46.44
CA ASN A 625 30.54 -23.81 -46.95
C ASN A 625 29.33 -23.35 -47.78
N GLY A 626 29.62 -22.35 -48.61
CA GLY A 626 28.64 -21.66 -49.42
C GLY A 626 28.53 -20.39 -48.62
N ILE A 627 27.65 -20.38 -47.62
CA ILE A 627 27.51 -19.25 -46.73
C ILE A 627 27.49 -19.84 -45.33
N THR A 628 28.59 -20.45 -44.92
CA THR A 628 28.60 -21.08 -43.60
C THR A 628 28.38 -20.06 -42.50
N TYR A 629 29.12 -18.96 -42.56
CA TYR A 629 29.00 -17.87 -41.58
C TYR A 629 29.04 -18.40 -40.15
N THR A 630 29.95 -19.33 -39.87
CA THR A 630 29.98 -19.93 -38.52
C THR A 630 28.62 -20.57 -38.15
N PRO A 631 28.13 -21.39 -39.08
CA PRO A 631 26.95 -22.21 -39.34
C PRO A 631 25.57 -21.76 -38.87
N VAL A 632 25.46 -21.11 -37.71
CA VAL A 632 24.13 -20.71 -37.25
C VAL A 632 24.01 -19.29 -36.72
N SER A 633 22.79 -18.76 -36.81
CA SER A 633 22.48 -17.43 -36.32
C SER A 633 22.58 -17.41 -34.80
N SER A 634 23.02 -16.27 -34.25
CA SER A 634 23.18 -16.13 -32.82
C SER A 634 21.81 -16.27 -32.18
N THR A 635 21.42 -17.52 -31.92
CA THR A 635 20.04 -17.90 -31.73
C THR A 635 19.34 -17.03 -30.69
N ASN A 636 18.40 -16.22 -31.18
CA ASN A 636 17.32 -15.67 -30.38
C ASN A 636 16.12 -16.61 -30.39
N GLU A 637 16.40 -17.88 -30.68
CA GLU A 637 15.39 -18.90 -30.91
C GLU A 637 14.76 -19.32 -29.59
N LYS A 638 13.61 -20.01 -29.67
CA LYS A 638 12.74 -20.24 -28.51
C LYS A 638 12.65 -21.75 -28.25
N ASP A 639 13.59 -22.28 -27.47
CA ASP A 639 13.66 -23.70 -27.19
C ASP A 639 12.87 -24.02 -25.91
N MET A 640 13.13 -25.18 -25.30
CA MET A 640 12.34 -25.65 -24.17
C MET A 640 12.62 -24.90 -22.88
N TYR A 641 13.84 -24.43 -22.63
CA TYR A 641 13.99 -23.51 -21.51
C TYR A 641 13.10 -22.29 -21.68
N SER A 642 12.89 -21.84 -22.90
CA SER A 642 11.91 -20.78 -23.11
C SER A 642 10.51 -21.22 -22.71
N PHE A 643 10.12 -22.46 -23.04
CA PHE A 643 8.76 -22.92 -22.78
C PHE A 643 8.56 -23.39 -21.35
N LEU A 644 9.63 -23.52 -20.58
CA LEU A 644 9.56 -23.99 -19.20
C LEU A 644 10.00 -22.97 -18.17
N GLU A 645 10.86 -22.02 -18.54
CA GLU A 645 11.21 -20.90 -17.69
C GLU A 645 10.13 -19.83 -17.71
N ASP A 646 9.63 -19.48 -18.89
CA ASP A 646 8.39 -18.71 -18.95
C ASP A 646 7.27 -19.48 -18.28
N MET A 647 7.29 -20.81 -18.40
CA MET A 647 6.43 -21.63 -17.55
C MET A 647 6.80 -21.44 -16.10
N GLY A 648 8.10 -21.42 -15.80
CA GLY A 648 8.57 -21.27 -14.44
C GLY A 648 8.63 -22.57 -13.67
N LEU A 649 9.44 -23.52 -14.13
CA LEU A 649 9.65 -24.75 -13.37
C LEU A 649 10.94 -25.41 -13.84
N LYS A 650 11.37 -26.41 -13.08
CA LYS A 650 12.62 -27.10 -13.34
C LYS A 650 12.37 -28.34 -14.18
N ALA A 651 13.19 -28.53 -15.21
CA ALA A 651 13.07 -29.66 -16.12
C ALA A 651 14.13 -30.69 -15.76
N PHE A 652 13.72 -31.69 -14.98
CA PHE A 652 14.60 -32.81 -14.64
C PHE A 652 14.39 -33.89 -15.69
N THR A 653 15.11 -33.79 -16.79
CA THR A 653 14.88 -34.63 -17.96
C THR A 653 16.14 -35.41 -18.32
N ASN A 654 15.92 -36.61 -18.85
CA ASN A 654 17.02 -37.34 -19.48
C ASN A 654 17.16 -36.98 -20.94
N SER A 655 16.16 -36.27 -21.48
CA SER A 655 16.19 -35.87 -22.89
C SER A 655 17.21 -34.76 -23.09
N LYS A 656 17.68 -34.64 -24.33
CA LYS A 656 18.50 -33.48 -24.72
C LYS A 656 17.57 -32.33 -25.08
N ILE A 657 17.74 -31.20 -24.41
CA ILE A 657 16.84 -30.06 -24.56
C ILE A 657 17.56 -28.78 -24.97
N ARG A 658 18.67 -28.41 -24.35
CA ARG A 658 19.28 -27.10 -24.49
C ARG A 658 19.64 -26.77 -25.93
N LYS A 659 19.77 -25.48 -26.19
CA LYS A 659 20.61 -25.01 -27.26
C LYS A 659 22.06 -25.39 -26.99
N PRO A 660 22.76 -25.88 -28.00
CA PRO A 660 24.14 -26.34 -27.79
C PRO A 660 25.07 -25.29 -27.18
N LYS A 661 24.95 -24.04 -27.64
CA LYS A 661 25.47 -22.87 -26.93
C LYS A 661 26.98 -23.00 -26.64
N MET A 662 27.78 -22.91 -27.71
CA MET A 662 29.22 -23.12 -27.59
C MET A 662 29.81 -22.20 -26.51
N CYS A 663 30.72 -22.75 -25.71
CA CYS A 663 31.41 -22.02 -24.64
C CYS A 663 30.57 -20.97 -23.93
N LYS A 707 -38.31 6.09 14.48
CA LYS A 707 -37.11 5.93 13.66
C LYS A 707 -35.87 5.84 14.53
N TYR A 708 -35.00 4.87 14.25
CA TYR A 708 -33.91 4.55 15.16
C TYR A 708 -32.53 4.72 14.51
N PHE A 709 -31.49 4.37 15.24
CA PHE A 709 -30.10 4.55 14.82
C PHE A 709 -29.80 3.72 13.58
N PRO A 710 -29.59 4.33 12.41
CA PRO A 710 -29.11 3.53 11.28
C PRO A 710 -27.65 3.15 11.41
N GLU A 711 -26.76 4.12 11.18
CA GLU A 711 -25.34 4.09 11.49
C GLU A 711 -24.60 2.95 10.81
N THR A 712 -25.35 1.98 10.29
CA THR A 712 -24.83 0.69 9.84
C THR A 712 -26.00 -0.20 9.44
N TRP A 713 -25.71 -1.40 8.97
CA TRP A 713 -26.73 -2.45 9.03
C TRP A 713 -26.03 -3.78 9.26
N ILE A 714 -26.69 -4.89 8.93
CA ILE A 714 -26.33 -6.20 9.46
C ILE A 714 -24.84 -6.47 9.30
N TRP A 715 -24.17 -6.67 10.43
CA TRP A 715 -22.76 -7.06 10.51
C TRP A 715 -22.70 -8.19 11.54
N ASP A 716 -22.68 -9.42 11.05
CA ASP A 716 -22.74 -10.58 11.92
C ASP A 716 -22.03 -11.75 11.25
N LEU A 717 -22.06 -12.90 11.92
CA LEU A 717 -21.54 -14.14 11.38
C LEU A 717 -22.65 -15.16 11.35
N VAL A 718 -22.74 -15.89 10.23
CA VAL A 718 -23.73 -16.95 10.04
C VAL A 718 -23.01 -18.16 9.46
N VAL A 719 -23.58 -19.33 9.74
CA VAL A 719 -22.98 -20.60 9.37
C VAL A 719 -23.95 -21.36 8.47
N VAL A 720 -23.45 -21.82 7.32
CA VAL A 720 -24.29 -22.57 6.39
C VAL A 720 -24.59 -23.95 6.96
N ASN A 721 -25.87 -24.34 6.92
CA ASN A 721 -26.29 -25.66 7.39
C ASN A 721 -26.29 -26.68 6.26
N SER A 722 -25.16 -26.78 5.56
CA SER A 722 -24.96 -27.72 4.45
C SER A 722 -25.88 -27.43 3.27
N ALA A 723 -26.71 -26.39 3.37
CA ALA A 723 -27.56 -25.97 2.27
C ALA A 723 -27.62 -24.47 2.05
N GLY A 724 -27.25 -23.65 3.04
CA GLY A 724 -27.37 -22.21 2.94
C GLY A 724 -28.11 -21.66 4.14
N VAL A 725 -27.92 -20.39 4.45
CA VAL A 725 -28.42 -19.84 5.70
C VAL A 725 -29.10 -18.50 5.44
N ALA A 726 -30.25 -18.31 6.07
CA ALA A 726 -30.95 -17.03 6.09
C ALA A 726 -30.82 -16.37 7.46
N GLU A 727 -30.82 -15.05 7.46
CA GLU A 727 -30.69 -14.29 8.69
C GLU A 727 -31.83 -13.29 8.79
N VAL A 728 -32.45 -13.22 9.97
CA VAL A 728 -33.54 -12.30 10.22
C VAL A 728 -32.97 -11.00 10.79
N GLY A 729 -32.63 -10.08 9.90
CA GLY A 729 -32.04 -8.80 10.30
C GLY A 729 -33.08 -7.69 10.32
N VAL A 730 -33.33 -7.15 11.50
CA VAL A 730 -34.31 -6.08 11.65
C VAL A 730 -33.81 -4.85 10.91
N THR A 731 -34.50 -4.48 9.84
CA THR A 731 -34.13 -3.29 9.09
C THR A 731 -34.39 -2.04 9.93
N VAL A 732 -33.54 -1.05 9.74
CA VAL A 732 -33.59 0.18 10.55
C VAL A 732 -34.81 0.99 10.12
N PRO A 733 -35.50 1.64 11.05
CA PRO A 733 -36.65 2.48 10.68
C PRO A 733 -36.30 3.79 9.98
N ASP A 734 -35.04 3.98 9.57
CA ASP A 734 -34.65 5.17 8.81
C ASP A 734 -34.65 4.85 7.32
N THR A 735 -35.12 5.81 6.53
CA THR A 735 -35.45 5.58 5.12
C THR A 735 -34.41 6.15 4.16
N ILE A 736 -33.20 6.44 4.64
CA ILE A 736 -32.29 7.31 3.90
C ILE A 736 -32.04 6.87 2.46
N THR A 737 -31.51 5.67 2.24
CA THR A 737 -31.21 5.23 0.88
C THR A 737 -30.88 3.75 0.87
N GLU A 738 -30.41 3.26 -0.28
CA GLU A 738 -30.01 1.87 -0.48
C GLU A 738 -28.95 1.45 0.53
N TRP A 739 -28.90 0.15 0.78
CA TRP A 739 -27.97 -0.45 1.73
C TRP A 739 -27.15 -1.52 1.01
N LYS A 740 -25.97 -1.16 0.53
CA LYS A 740 -25.10 -2.17 -0.07
C LYS A 740 -24.64 -3.16 0.99
N ALA A 741 -24.06 -4.27 0.53
CA ALA A 741 -23.70 -5.34 1.45
C ALA A 741 -22.58 -6.17 0.87
N GLY A 742 -21.96 -6.99 1.72
CA GLY A 742 -20.90 -7.87 1.28
C GLY A 742 -21.08 -9.29 1.78
N ALA A 743 -20.47 -10.25 1.10
CA ALA A 743 -20.59 -11.65 1.47
C ALA A 743 -19.38 -12.40 0.94
N PHE A 744 -18.49 -12.81 1.84
CA PHE A 744 -17.20 -13.39 1.46
C PHE A 744 -16.92 -14.67 2.23
N CYS A 745 -17.91 -15.57 2.27
CA CYS A 745 -17.84 -16.78 3.09
C CYS A 745 -16.58 -17.60 2.82
N LEU A 746 -16.20 -18.41 3.80
CA LEU A 746 -15.04 -19.28 3.72
C LEU A 746 -15.44 -20.70 4.12
N SER A 747 -14.76 -21.69 3.56
CA SER A 747 -14.97 -23.09 3.93
C SER A 747 -13.66 -23.84 3.78
N GLU A 748 -13.56 -24.96 4.50
CA GLU A 748 -12.41 -25.85 4.32
C GLU A 748 -12.54 -26.70 3.06
N ASP A 749 -13.76 -27.08 2.70
CA ASP A 749 -13.98 -27.88 1.49
C ASP A 749 -13.82 -27.03 0.24
N ALA A 750 -14.64 -25.98 0.11
CA ALA A 750 -14.53 -25.03 -0.99
C ALA A 750 -13.88 -23.75 -0.48
N GLY A 751 -13.04 -23.15 -1.30
CA GLY A 751 -12.31 -21.96 -0.88
C GLY A 751 -13.19 -20.74 -0.72
N LEU A 752 -12.57 -19.58 -0.52
CA LEU A 752 -13.32 -18.35 -0.34
C LEU A 752 -14.00 -17.93 -1.63
N GLY A 753 -15.20 -17.36 -1.49
CA GLY A 753 -15.86 -16.72 -2.59
C GLY A 753 -16.40 -15.36 -2.16
N ILE A 754 -16.70 -14.52 -3.14
CA ILE A 754 -17.25 -13.20 -2.88
C ILE A 754 -18.48 -13.02 -3.78
N SER A 755 -19.61 -12.67 -3.17
CA SER A 755 -20.87 -12.80 -3.88
C SER A 755 -21.17 -11.64 -4.81
N SER A 756 -21.51 -10.48 -4.22
CA SER A 756 -21.95 -9.31 -4.98
C SER A 756 -22.32 -8.19 -4.02
N THR A 757 -22.65 -7.03 -4.55
CA THR A 757 -23.30 -5.97 -3.79
C THR A 757 -24.79 -5.99 -4.11
N ALA A 758 -25.61 -6.14 -3.07
CA ALA A 758 -27.05 -6.21 -3.23
C ALA A 758 -27.72 -5.44 -2.10
N SER A 759 -28.73 -4.66 -2.45
CA SER A 759 -29.23 -3.63 -1.56
C SER A 759 -30.61 -3.95 -1.01
N LEU A 760 -31.12 -3.03 -0.19
CA LEU A 760 -32.51 -3.02 0.26
C LEU A 760 -33.05 -1.64 -0.06
N ARG A 761 -33.98 -1.56 -1.00
CA ARG A 761 -34.60 -0.29 -1.37
C ARG A 761 -35.59 0.11 -0.26
N ALA A 762 -35.02 0.59 0.85
CA ALA A 762 -35.81 1.06 1.98
C ALA A 762 -36.44 2.40 1.63
N PHE A 763 -37.70 2.36 1.20
CA PHE A 763 -38.40 3.53 0.69
C PHE A 763 -39.77 3.61 1.34
N GLN A 764 -40.20 4.82 1.64
CA GLN A 764 -41.54 5.09 2.09
C GLN A 764 -42.27 6.00 1.11
N PRO A 765 -43.58 5.80 0.91
CA PRO A 765 -44.35 6.76 0.09
C PRO A 765 -44.37 8.15 0.68
N PHE A 766 -44.07 8.29 1.97
CA PHE A 766 -44.08 9.58 2.65
C PHE A 766 -43.06 9.52 3.78
N PHE A 767 -42.14 10.47 3.81
CA PHE A 767 -41.11 10.50 4.84
C PHE A 767 -40.53 11.90 4.93
N VAL A 768 -39.51 12.05 5.77
CA VAL A 768 -38.78 13.30 5.93
C VAL A 768 -37.28 13.00 5.97
N GLU A 769 -36.49 14.03 5.73
CA GLU A 769 -35.06 13.96 6.00
C GLU A 769 -34.63 15.32 6.52
N LEU A 770 -33.57 15.34 7.31
CA LEU A 770 -33.11 16.56 7.98
C LEU A 770 -31.79 16.98 7.35
N THR A 771 -31.71 18.25 6.94
CA THR A 771 -30.47 18.84 6.46
C THR A 771 -29.82 19.59 7.61
N MET A 772 -28.73 19.05 8.15
CA MET A 772 -28.04 19.66 9.27
C MET A 772 -26.56 19.75 8.97
N PRO A 773 -25.83 20.64 9.65
CA PRO A 773 -24.37 20.48 9.72
C PRO A 773 -24.00 19.46 10.77
N TYR A 774 -22.74 19.03 10.81
CA TYR A 774 -22.37 17.98 11.76
C TYR A 774 -22.36 18.50 13.20
N SER A 775 -22.12 19.79 13.38
CA SER A 775 -22.11 20.38 14.72
C SER A 775 -22.53 21.85 14.60
N VAL A 776 -22.79 22.45 15.76
CA VAL A 776 -23.16 23.87 15.82
C VAL A 776 -22.82 24.40 17.20
N ILE A 777 -22.54 25.71 17.26
CA ILE A 777 -22.11 26.35 18.49
C ILE A 777 -23.32 26.56 19.40
N ARG A 778 -23.12 26.35 20.70
CA ARG A 778 -24.19 26.62 21.67
C ARG A 778 -24.56 28.10 21.69
N GLY A 779 -23.57 28.98 21.64
CA GLY A 779 -23.85 30.41 21.75
C GLY A 779 -24.49 30.99 20.51
N GLU A 780 -24.34 30.34 19.36
CA GLU A 780 -24.91 30.83 18.11
C GLU A 780 -26.09 29.96 17.69
N ALA A 781 -26.86 30.47 16.74
CA ALA A 781 -28.06 29.81 16.24
C ALA A 781 -27.91 29.51 14.76
N PHE A 782 -28.21 28.27 14.39
CA PHE A 782 -28.27 27.86 13.00
C PHE A 782 -29.73 27.71 12.58
N THR A 783 -29.94 27.51 11.28
CA THR A 783 -31.28 27.37 10.72
C THR A 783 -31.44 25.94 10.23
N LEU A 784 -32.20 25.14 10.98
CA LEU A 784 -32.48 23.77 10.56
C LEU A 784 -33.30 23.77 9.28
N LYS A 785 -32.88 22.96 8.31
CA LYS A 785 -33.61 22.77 7.07
C LYS A 785 -34.18 21.36 7.03
N ALA A 786 -35.50 21.27 6.89
CA ALA A 786 -36.19 19.98 6.87
C ALA A 786 -37.16 19.97 5.71
N THR A 787 -37.00 19.00 4.81
CA THR A 787 -37.91 18.82 3.70
C THR A 787 -38.79 17.60 3.96
N VAL A 788 -40.01 17.65 3.44
CA VAL A 788 -40.98 16.57 3.60
C VAL A 788 -41.35 16.09 2.21
N LEU A 789 -41.30 14.77 2.01
CA LEU A 789 -41.37 14.20 0.67
C LEU A 789 -42.65 13.40 0.49
N ASN A 790 -43.26 13.56 -0.69
CA ASN A 790 -44.46 12.83 -1.08
C ASN A 790 -44.23 12.18 -2.44
N TYR A 791 -44.49 10.88 -2.53
CA TYR A 791 -44.35 10.21 -3.81
C TYR A 791 -45.47 9.22 -4.13
N LEU A 792 -46.27 8.81 -3.16
CA LEU A 792 -47.45 8.02 -3.49
C LEU A 792 -48.37 8.85 -4.36
N PRO A 793 -49.01 8.25 -5.38
CA PRO A 793 -49.69 9.06 -6.41
C PRO A 793 -50.77 9.99 -5.86
N LYS A 794 -51.31 9.71 -4.68
CA LYS A 794 -52.32 10.58 -4.10
C LYS A 794 -51.72 11.96 -3.80
N CYS A 795 -52.49 13.00 -4.07
CA CYS A 795 -52.03 14.38 -3.97
C CYS A 795 -52.54 14.97 -2.66
N ILE A 796 -51.63 15.24 -1.73
CA ILE A 796 -52.00 15.48 -0.33
C ILE A 796 -51.42 16.80 0.17
N ARG A 797 -51.60 17.08 1.46
CA ARG A 797 -51.05 18.27 2.09
C ARG A 797 -50.50 17.88 3.46
N VAL A 798 -49.25 18.23 3.73
CA VAL A 798 -48.55 17.78 4.93
C VAL A 798 -48.43 18.92 5.93
N SER A 799 -48.72 18.61 7.18
CA SER A 799 -48.48 19.53 8.29
C SER A 799 -47.20 19.12 9.00
N VAL A 800 -46.24 20.04 9.08
CA VAL A 800 -44.91 19.73 9.58
C VAL A 800 -44.68 20.50 10.87
N GLN A 801 -44.26 19.78 11.92
CA GLN A 801 -44.01 20.39 13.21
C GLN A 801 -42.72 19.82 13.78
N LEU A 802 -42.13 20.59 14.69
CA LEU A 802 -40.92 20.18 15.39
C LEU A 802 -41.23 20.14 16.88
N GLU A 803 -41.09 18.97 17.49
CA GLU A 803 -41.32 18.81 18.93
C GLU A 803 -40.07 19.31 19.66
N ALA A 804 -40.14 20.53 20.18
CA ALA A 804 -39.00 21.14 20.84
C ALA A 804 -38.74 20.49 22.19
N SER A 805 -37.48 20.54 22.61
CA SER A 805 -37.03 20.03 23.90
C SER A 805 -36.26 21.12 24.64
N PRO A 806 -36.19 21.07 25.97
CA PRO A 806 -35.51 22.14 26.71
C PRO A 806 -34.01 22.19 26.45
N ALA A 807 -33.50 21.23 25.67
CA ALA A 807 -32.10 21.21 25.31
C ALA A 807 -31.75 22.18 24.19
N PHE A 808 -32.75 22.82 23.58
CA PHE A 808 -32.50 23.74 22.46
C PHE A 808 -33.73 24.61 22.28
N LEU A 809 -33.63 25.54 21.32
CA LEU A 809 -34.74 26.39 20.90
C LEU A 809 -34.92 26.23 19.40
N ALA A 810 -36.17 26.33 18.94
CA ALA A 810 -36.48 26.23 17.52
C ALA A 810 -37.64 27.14 17.19
N VAL A 811 -37.46 28.01 16.21
CA VAL A 811 -38.51 28.92 15.75
C VAL A 811 -38.59 28.83 14.23
N PRO A 812 -39.77 28.56 13.66
CA PRO A 812 -39.88 28.49 12.20
C PRO A 812 -39.56 29.83 11.55
N VAL A 813 -38.94 29.77 10.37
CA VAL A 813 -38.60 31.00 9.66
C VAL A 813 -39.80 31.57 8.89
N GLU A 814 -40.84 30.76 8.66
CA GLU A 814 -42.02 31.21 7.95
C GLU A 814 -43.11 31.62 8.93
N LYS A 815 -43.75 32.76 8.63
CA LYS A 815 -44.78 33.29 9.52
C LYS A 815 -45.99 32.37 9.60
N GLU A 816 -46.44 31.85 8.46
CA GLU A 816 -47.62 31.00 8.43
C GLU A 816 -47.25 29.54 8.63
N GLN A 817 -48.12 28.81 9.34
CA GLN A 817 -47.98 27.37 9.52
C GLN A 817 -48.98 26.60 8.69
N ALA A 818 -49.69 27.26 7.79
CA ALA A 818 -50.67 26.59 6.95
C ALA A 818 -49.96 25.60 6.01
N PRO A 819 -50.44 24.37 5.92
CA PRO A 819 -49.81 23.40 5.02
C PRO A 819 -49.81 23.87 3.58
N HIS A 820 -48.71 23.59 2.89
CA HIS A 820 -48.53 24.00 1.51
C HIS A 820 -48.91 22.86 0.58
N CYS A 821 -48.99 23.18 -0.70
CA CYS A 821 -49.46 22.22 -1.70
C CYS A 821 -48.31 21.32 -2.13
N ILE A 822 -48.19 20.15 -1.51
CA ILE A 822 -47.16 19.16 -1.80
C ILE A 822 -47.83 17.98 -2.49
N CYS A 823 -47.22 17.48 -3.56
CA CYS A 823 -47.93 16.45 -4.30
C CYS A 823 -46.95 15.38 -4.76
N ALA A 824 -47.42 14.51 -5.66
CA ALA A 824 -46.59 13.42 -6.17
C ALA A 824 -45.35 13.98 -6.85
N ASN A 825 -44.19 13.41 -6.49
CA ASN A 825 -42.89 13.90 -6.94
C ASN A 825 -42.67 15.36 -6.56
N GLY A 826 -43.29 15.79 -5.46
CA GLY A 826 -43.12 17.14 -4.97
C GLY A 826 -42.88 17.14 -3.48
N ARG A 827 -42.22 18.20 -3.00
CA ARG A 827 -41.82 18.25 -1.61
C ARG A 827 -41.94 19.67 -1.07
N GLN A 828 -42.29 19.75 0.20
CA GLN A 828 -42.24 20.99 0.97
C GLN A 828 -40.92 21.07 1.71
N THR A 829 -40.53 22.30 2.06
CA THR A 829 -39.29 22.52 2.80
C THR A 829 -39.51 23.61 3.82
N VAL A 830 -39.60 23.22 5.08
CA VAL A 830 -39.77 24.15 6.20
C VAL A 830 -38.45 24.26 6.95
N SER A 831 -38.32 25.32 7.73
CA SER A 831 -37.07 25.61 8.42
C SER A 831 -37.33 26.01 9.86
N TRP A 832 -36.30 25.88 10.68
CA TRP A 832 -36.34 26.31 12.08
C TRP A 832 -34.99 26.92 12.44
N ALA A 833 -34.99 28.18 12.87
CA ALA A 833 -33.79 28.78 13.43
C ALA A 833 -33.53 28.17 14.81
N VAL A 834 -32.52 27.32 14.90
CA VAL A 834 -32.31 26.48 16.06
C VAL A 834 -31.02 26.87 16.76
N THR A 835 -31.10 27.11 18.06
CA THR A 835 -29.93 27.27 18.91
C THR A 835 -30.01 26.29 20.07
N PRO A 836 -28.97 25.48 20.27
CA PRO A 836 -28.97 24.49 21.36
C PRO A 836 -28.55 25.10 22.69
N LYS A 837 -28.97 24.41 23.76
CA LYS A 837 -28.62 24.79 25.12
C LYS A 837 -27.82 23.72 25.84
N SER A 838 -28.28 22.47 25.79
CA SER A 838 -27.60 21.38 26.49
C SER A 838 -26.36 20.94 25.73
N LEU A 839 -25.29 20.66 26.48
CA LEU A 839 -24.06 20.19 25.89
C LEU A 839 -24.21 18.75 25.40
N GLY A 840 -23.25 18.31 24.60
CA GLY A 840 -23.23 16.96 24.09
C GLY A 840 -24.18 16.75 22.94
N ASN A 841 -24.41 15.47 22.63
CA ASN A 841 -25.26 15.09 21.51
C ASN A 841 -26.72 15.11 21.96
N VAL A 842 -27.55 15.82 21.21
CA VAL A 842 -28.99 15.87 21.43
C VAL A 842 -29.69 15.49 20.13
N ASN A 843 -30.71 14.64 20.23
CA ASN A 843 -31.41 14.14 19.07
C ASN A 843 -32.73 14.87 18.91
N PHE A 844 -32.93 15.48 17.75
CA PHE A 844 -34.13 16.25 17.45
C PHE A 844 -35.28 15.32 17.05
N THR A 845 -36.44 15.92 16.86
CA THR A 845 -37.63 15.21 16.40
C THR A 845 -38.48 16.14 15.56
N VAL A 846 -38.75 15.72 14.32
CA VAL A 846 -39.59 16.48 13.40
C VAL A 846 -40.73 15.58 12.96
N SER A 847 -41.96 16.05 13.12
CA SER A 847 -43.15 15.28 12.80
C SER A 847 -43.85 15.90 11.61
N ALA A 848 -44.07 15.09 10.56
CA ALA A 848 -44.80 15.52 9.38
C ALA A 848 -45.88 14.49 9.07
N GLU A 849 -47.08 14.98 8.79
CA GLU A 849 -48.21 14.11 8.51
C GLU A 849 -49.22 14.86 7.65
N ALA A 850 -50.03 14.12 6.92
CA ALA A 850 -51.05 14.71 6.07
C ALA A 850 -52.33 14.96 6.86
N LEU A 851 -52.81 16.20 6.82
CA LEU A 851 -54.05 16.53 7.52
C LEU A 851 -55.23 15.88 6.84
N GLU A 852 -55.99 15.10 7.60
CA GLU A 852 -56.97 14.18 7.01
C GLU A 852 -58.22 14.93 6.54
N SER A 853 -58.65 14.62 5.31
CA SER A 853 -59.93 15.06 4.76
C SER A 853 -60.08 16.58 4.77
N GLN A 854 -59.11 17.27 4.19
CA GLN A 854 -59.16 18.73 4.04
C GLN A 854 -59.18 19.03 2.55
N GLU A 855 -60.37 19.32 2.02
CA GLU A 855 -60.51 19.65 0.60
C GLU A 855 -59.76 20.95 0.34
N LEU A 856 -58.63 20.86 -0.35
CA LEU A 856 -57.69 21.96 -0.45
C LEU A 856 -57.16 22.00 -1.88
N CYS A 857 -56.02 22.70 -2.06
CA CYS A 857 -55.40 22.97 -3.35
C CYS A 857 -55.52 21.82 -4.35
N GLY A 858 -55.23 20.60 -3.90
CA GLY A 858 -55.31 19.45 -4.79
C GLY A 858 -56.71 19.25 -5.36
N THR A 859 -56.76 18.98 -6.65
CA THR A 859 -58.05 18.74 -7.31
C THR A 859 -58.75 17.53 -6.70
N GLU A 860 -57.99 16.49 -6.37
CA GLU A 860 -58.49 15.35 -5.62
C GLU A 860 -57.81 15.37 -4.25
N VAL A 861 -58.54 15.00 -3.21
CA VAL A 861 -58.06 15.21 -1.85
C VAL A 861 -58.09 13.93 -1.00
N PRO A 862 -57.40 12.85 -1.42
CA PRO A 862 -57.24 11.70 -0.52
C PRO A 862 -56.05 11.87 0.41
N SER A 863 -56.24 12.58 1.52
CA SER A 863 -55.12 13.04 2.33
C SER A 863 -54.32 11.89 2.94
N VAL A 864 -55.00 10.88 3.48
CA VAL A 864 -54.35 9.80 4.21
C VAL A 864 -54.50 8.51 3.40
N PRO A 865 -53.47 8.11 2.66
CA PRO A 865 -53.57 6.90 1.83
C PRO A 865 -53.47 5.61 2.63
N GLU A 866 -52.53 5.54 3.56
CA GLU A 866 -52.13 4.29 4.19
C GLU A 866 -52.20 4.44 5.71
N HIS A 867 -52.08 3.30 6.40
CA HIS A 867 -52.02 3.29 7.86
C HIS A 867 -50.89 4.17 8.38
N GLY A 868 -49.77 4.21 7.67
CA GLY A 868 -48.68 5.09 8.05
C GLY A 868 -48.96 6.53 7.68
N ARG A 869 -49.27 7.35 8.68
CA ARG A 869 -49.61 8.74 8.46
C ARG A 869 -48.62 9.69 9.12
N LYS A 870 -48.27 9.44 10.38
CA LYS A 870 -47.26 10.24 11.06
C LYS A 870 -45.87 9.73 10.72
N ASP A 871 -44.96 10.66 10.41
CA ASP A 871 -43.58 10.33 10.11
C ASP A 871 -42.70 11.04 11.14
N THR A 872 -42.41 10.36 12.24
CA THR A 872 -41.64 10.91 13.35
C THR A 872 -40.20 10.41 13.25
N VAL A 873 -39.27 11.35 13.05
CA VAL A 873 -37.86 11.04 12.89
C VAL A 873 -37.11 11.50 14.12
N ILE A 874 -36.05 10.78 14.48
CA ILE A 874 -35.16 11.15 15.58
C ILE A 874 -33.73 11.15 15.05
N LYS A 875 -33.09 12.33 15.07
CA LYS A 875 -31.76 12.47 14.51
C LYS A 875 -30.89 13.31 15.44
N PRO A 876 -29.70 12.84 15.79
CA PRO A 876 -28.83 13.59 16.70
C PRO A 876 -28.15 14.77 16.02
N LEU A 877 -27.37 15.50 16.81
CA LEU A 877 -26.60 16.64 16.33
C LEU A 877 -25.57 17.00 17.38
N LEU A 878 -24.33 17.21 16.94
CA LEU A 878 -23.24 17.58 17.85
C LEU A 878 -23.39 19.03 18.25
N VAL A 879 -23.12 19.32 19.53
CA VAL A 879 -23.33 20.64 20.10
C VAL A 879 -22.02 21.03 20.78
N GLU A 880 -21.20 21.82 20.08
CA GLU A 880 -19.89 22.22 20.60
C GLU A 880 -20.01 23.49 21.45
N PRO A 881 -19.14 23.65 22.45
CA PRO A 881 -19.21 24.84 23.30
C PRO A 881 -18.85 26.11 22.54
N GLU A 882 -19.32 27.23 23.08
CA GLU A 882 -19.15 28.53 22.46
C GLU A 882 -17.78 29.11 22.81
N GLY A 883 -17.46 30.25 22.20
CA GLY A 883 -16.21 30.94 22.50
C GLY A 883 -15.02 30.35 21.77
N LEU A 884 -13.89 31.05 21.91
CA LEU A 884 -12.63 30.59 21.34
C LEU A 884 -12.09 29.45 22.19
N GLU A 885 -11.63 28.40 21.52
CA GLU A 885 -11.16 27.19 22.18
C GLU A 885 -9.65 27.17 22.25
N LYS A 886 -9.11 27.00 23.45
CA LYS A 886 -7.67 26.95 23.68
C LYS A 886 -7.33 25.64 24.39
N GLU A 887 -6.19 25.06 24.02
CA GLU A 887 -5.72 23.82 24.62
C GLU A 887 -4.30 24.02 25.14
N THR A 888 -4.09 23.71 26.40
CA THR A 888 -2.76 23.68 27.01
C THR A 888 -2.29 22.25 27.15
N THR A 889 -0.98 22.08 27.29
CA THR A 889 -0.37 20.76 27.40
C THR A 889 0.51 20.70 28.64
N PHE A 890 0.42 19.58 29.35
CA PHE A 890 1.20 19.32 30.56
C PHE A 890 2.07 18.08 30.37
N ASN A 891 2.71 18.00 29.21
CA ASN A 891 3.56 16.85 28.90
C ASN A 891 4.75 16.78 29.85
N SER A 892 5.17 15.56 30.15
CA SER A 892 6.23 15.32 31.11
C SER A 892 6.78 13.91 30.90
N LEU A 893 7.91 13.64 31.54
CA LEU A 893 8.51 12.31 31.55
C LEU A 893 8.83 11.91 32.98
N LEU A 894 8.68 10.62 33.28
CA LEU A 894 8.98 10.09 34.59
C LEU A 894 9.73 8.77 34.42
N CYS A 895 10.73 8.53 35.26
CA CYS A 895 11.46 7.26 35.24
C CYS A 895 11.57 6.74 36.65
N PRO A 896 10.81 5.71 37.03
CA PRO A 896 10.97 5.12 38.36
C PRO A 896 12.38 4.59 38.58
N SER A 897 12.96 4.01 37.53
CA SER A 897 14.36 3.57 37.52
C SER A 897 14.69 2.71 38.74
N GLY A 898 13.95 1.62 38.89
CA GLY A 898 14.15 0.74 40.04
C GLY A 898 13.85 1.43 41.35
N GLY A 899 12.70 2.09 41.41
CA GLY A 899 12.33 2.87 42.58
C GLY A 899 10.99 3.55 42.40
N GLU A 900 10.91 4.84 42.73
CA GLU A 900 9.65 5.56 42.60
C GLU A 900 9.91 7.04 42.43
N VAL A 901 9.16 7.66 41.53
CA VAL A 901 9.13 9.10 41.38
C VAL A 901 7.68 9.57 41.55
N SER A 902 7.48 10.87 41.43
CA SER A 902 6.15 11.44 41.62
C SER A 902 6.06 12.78 40.90
N GLU A 903 4.83 13.25 40.72
CA GLU A 903 4.56 14.52 40.07
C GLU A 903 3.15 14.96 40.41
N GLU A 904 2.99 16.26 40.67
CA GLU A 904 1.70 16.85 41.01
C GLU A 904 1.16 17.61 39.81
N LEU A 905 -0.13 17.41 39.52
CA LEU A 905 -0.76 18.00 38.34
C LEU A 905 -1.22 19.40 38.69
N SER A 906 -0.57 20.41 38.11
CA SER A 906 -0.96 21.80 38.31
C SER A 906 -1.91 22.18 37.18
N LEU A 907 -3.22 22.03 37.43
CA LEU A 907 -4.24 22.31 36.44
C LEU A 907 -5.15 23.40 36.98
N LYS A 908 -5.13 24.56 36.31
CA LYS A 908 -5.93 25.70 36.72
C LYS A 908 -6.65 26.29 35.50
N LEU A 909 -7.85 26.78 35.71
CA LEU A 909 -8.66 27.37 34.67
C LEU A 909 -8.87 28.85 34.90
N PRO A 910 -8.71 29.68 33.87
CA PRO A 910 -9.00 31.11 34.00
C PRO A 910 -10.48 31.33 34.27
N PRO A 911 -10.84 32.43 34.95
CA PRO A 911 -12.26 32.68 35.26
C PRO A 911 -13.13 32.91 34.04
N ASN A 912 -12.55 33.22 32.87
CA ASN A 912 -13.31 33.48 31.67
C ASN A 912 -13.72 32.21 30.94
N VAL A 913 -13.31 31.04 31.44
CA VAL A 913 -13.67 29.77 30.83
C VAL A 913 -15.15 29.50 31.08
N VAL A 914 -15.87 29.18 30.01
CA VAL A 914 -17.29 28.87 30.15
C VAL A 914 -17.46 27.53 30.86
N GLU A 915 -18.69 27.27 31.29
CA GLU A 915 -18.99 26.09 32.10
C GLU A 915 -18.77 24.81 31.29
N GLU A 916 -18.30 23.77 32.00
CA GLU A 916 -18.05 22.42 31.51
C GLU A 916 -17.47 22.38 30.10
N SER A 917 -16.51 23.27 29.80
CA SER A 917 -15.78 23.24 28.55
C SER A 917 -14.38 22.67 28.71
N ALA A 918 -14.02 22.22 29.91
CA ALA A 918 -12.69 21.70 30.18
C ALA A 918 -12.70 20.18 30.02
N ARG A 919 -11.78 19.67 29.19
CA ARG A 919 -11.62 18.24 28.99
C ARG A 919 -10.17 17.88 29.25
N ALA A 920 -9.90 17.32 30.43
CA ALA A 920 -8.56 16.97 30.86
C ALA A 920 -8.27 15.53 30.48
N SER A 921 -7.16 15.31 29.76
CA SER A 921 -6.76 13.98 29.32
C SER A 921 -5.31 13.73 29.71
N VAL A 922 -5.06 12.57 30.29
CA VAL A 922 -3.72 12.13 30.67
C VAL A 922 -3.40 10.85 29.92
N SER A 923 -2.27 10.83 29.23
CA SER A 923 -1.89 9.72 28.35
C SER A 923 -0.60 9.09 28.84
N VAL A 924 -0.62 7.78 29.03
CA VAL A 924 0.58 7.00 29.35
C VAL A 924 1.06 6.35 28.07
N LEU A 925 2.33 6.58 27.70
CA LEU A 925 2.81 6.22 26.38
C LEU A 925 3.79 5.05 26.40
N GLY A 926 4.88 5.15 27.13
CA GLY A 926 5.97 4.19 27.00
C GLY A 926 6.98 4.63 25.96
N ASP A 927 6.52 4.81 24.71
CA ASP A 927 7.24 5.56 23.68
C ASP A 927 8.67 5.04 23.48
N ILE A 928 8.76 3.83 22.92
CA ILE A 928 10.06 3.33 22.50
C ILE A 928 10.37 3.93 21.14
N LEU A 929 9.62 4.96 20.76
CA LEU A 929 9.78 5.71 19.51
C LEU A 929 9.36 4.86 18.31
N GLY A 930 8.15 4.32 18.38
CA GLY A 930 7.61 3.54 17.28
C GLY A 930 7.20 4.36 16.08
N SER A 931 7.25 5.69 16.18
CA SER A 931 6.87 6.54 15.06
C SER A 931 7.94 6.52 13.97
N ALA A 932 9.13 7.01 14.29
CA ALA A 932 10.26 7.01 13.35
C ALA A 932 11.13 5.78 13.56
N MET A 933 10.51 4.61 13.41
CA MET A 933 11.18 3.33 13.63
C MET A 933 11.23 2.46 12.39
N GLN A 934 10.09 2.29 11.70
CA GLN A 934 10.01 1.36 10.59
C GLN A 934 10.71 1.87 9.34
N ASN A 935 10.57 3.17 9.04
CA ASN A 935 11.19 3.77 7.87
C ASN A 935 12.71 3.86 7.99
N THR A 936 13.26 3.83 9.20
CA THR A 936 14.70 3.98 9.37
C THR A 936 15.45 2.77 8.83
N GLN A 937 14.84 1.59 8.84
CA GLN A 937 15.52 0.38 8.43
C GLN A 937 15.90 0.39 6.95
N ASN A 938 15.32 1.30 6.16
CA ASN A 938 15.62 1.37 4.75
C ASN A 938 16.66 2.45 4.42
N LEU A 939 17.41 2.92 5.41
CA LEU A 939 18.58 3.75 5.15
C LEU A 939 19.84 2.92 4.95
N LEU A 940 19.78 1.61 5.18
CA LEU A 940 20.90 0.72 4.89
C LEU A 940 21.04 0.59 3.38
N GLN A 941 21.99 1.32 2.80
CA GLN A 941 22.14 1.36 1.35
C GLN A 941 23.60 1.06 0.98
N MET A 942 23.83 0.82 -0.30
CA MET A 942 25.12 0.43 -0.85
C MET A 942 26.07 1.63 -0.90
N PRO A 943 27.32 1.46 -0.47
CA PRO A 943 28.27 2.57 -0.53
C PRO A 943 28.93 2.68 -1.90
N TYR A 944 29.18 3.91 -2.36
CA TYR A 944 29.87 4.14 -3.62
C TYR A 944 30.31 5.60 -3.67
N GLY A 945 31.00 5.94 -4.74
CA GLY A 945 31.27 7.33 -5.06
C GLY A 945 32.62 7.82 -4.56
N CYS A 946 32.76 9.13 -4.57
CA CYS A 946 34.00 9.79 -4.18
C CYS A 946 34.11 9.79 -2.65
N GLY A 947 35.15 10.45 -2.13
CA GLY A 947 35.29 10.56 -0.69
C GLY A 947 34.15 11.33 -0.05
N GLU A 948 33.72 12.41 -0.67
CA GLU A 948 32.61 13.20 -0.16
C GLU A 948 31.32 12.40 -0.25
N MEQ A 949 31.13 11.74 -1.39
CA MEQ A 949 29.94 10.99 -1.66
CB MEQ A 949 29.94 10.42 -3.08
CG MEQ A 949 29.36 11.41 -4.07
CD MEQ A 949 28.00 10.92 -4.51
OE1 MEQ A 949 27.76 10.61 -5.70
NE2 MEQ A 949 27.03 10.84 -3.53
CE MEQ A 949 25.69 10.41 -3.77
C MEQ A 949 29.70 9.82 -0.71
O MEQ A 949 28.59 9.54 -0.26
N ASN A 950 30.77 9.12 -0.41
CA ASN A 950 30.70 7.92 0.42
C ASN A 950 30.19 8.26 1.82
N MET A 951 30.59 9.42 2.35
CA MET A 951 30.08 9.85 3.64
C MET A 951 28.60 10.17 3.62
N VAL A 952 28.04 10.54 2.47
CA VAL A 952 26.58 10.62 2.35
C VAL A 952 25.97 9.25 2.62
N LEU A 953 26.63 8.20 2.16
CA LEU A 953 26.08 6.86 2.14
C LEU A 953 26.51 6.01 3.33
N PHE A 954 27.79 6.04 3.71
CA PHE A 954 28.28 5.17 4.78
C PHE A 954 27.77 5.62 6.14
N ALA A 955 27.82 6.92 6.41
CA ALA A 955 27.55 7.45 7.73
C ALA A 955 26.16 7.08 8.28
N PRO A 956 25.07 7.24 7.52
CA PRO A 956 23.75 6.86 8.08
C PRO A 956 23.65 5.40 8.44
N ASN A 957 24.38 4.51 7.77
CA ASN A 957 24.30 3.08 8.04
C ASN A 957 24.58 2.78 9.50
N ILE A 958 25.56 3.47 10.08
CA ILE A 958 25.98 3.14 11.43
C ILE A 958 25.02 3.71 12.48
N TYR A 959 24.48 4.90 12.25
CA TYR A 959 23.59 5.49 13.24
C TYR A 959 22.21 4.85 13.20
N VAL A 960 21.74 4.43 12.02
CA VAL A 960 20.49 3.68 11.99
C VAL A 960 20.69 2.33 12.66
N LEU A 961 21.86 1.72 12.47
CA LEU A 961 22.17 0.46 13.15
C LEU A 961 22.16 0.64 14.66
N ASP A 962 22.78 1.72 15.14
CA ASP A 962 22.77 1.99 16.57
C ASP A 962 21.37 2.26 17.09
N TYR A 963 20.54 2.98 16.33
CA TYR A 963 19.16 3.22 16.71
C TYR A 963 18.38 1.91 16.86
N LEU A 964 18.42 1.07 15.83
CA LEU A 964 17.75 -0.22 15.92
C LEU A 964 18.27 -1.07 17.07
N ASN A 965 19.58 -1.06 17.32
CA ASN A 965 20.10 -1.81 18.45
C ASN A 965 19.62 -1.25 19.78
N GLU A 966 19.54 0.08 19.91
CA GLU A 966 19.10 0.68 21.16
C GLU A 966 17.64 0.38 21.45
N THR A 967 16.79 0.38 20.43
CA THR A 967 15.36 0.13 20.60
C THR A 967 15.04 -1.35 20.77
N GLN A 968 16.06 -2.21 20.80
CA GLN A 968 15.91 -3.66 20.90
C GLN A 968 15.11 -4.25 19.75
N GLN A 969 14.96 -3.50 18.66
CA GLN A 969 14.23 -3.93 17.47
C GLN A 969 15.20 -4.00 16.31
N LEU A 970 15.88 -5.14 16.18
CA LEU A 970 16.79 -5.38 15.06
C LEU A 970 16.90 -6.88 14.86
N THR A 971 16.78 -7.33 13.62
CA THR A 971 16.89 -8.76 13.36
C THR A 971 18.30 -9.10 12.90
N PRO A 972 18.79 -10.30 13.25
CA PRO A 972 20.16 -10.67 12.83
C PRO A 972 20.35 -10.67 11.33
N GLU A 973 19.30 -10.96 10.54
CA GLU A 973 19.44 -10.92 9.09
C GLU A 973 19.77 -9.51 8.62
N ILE A 974 19.01 -8.52 9.08
CA ILE A 974 19.28 -7.14 8.67
C ILE A 974 20.60 -6.64 9.26
N LYS A 975 20.97 -7.11 10.45
CA LYS A 975 22.26 -6.74 11.01
C LYS A 975 23.40 -7.26 10.14
N SER A 976 23.30 -8.52 9.70
CA SER A 976 24.30 -9.08 8.79
C SER A 976 24.31 -8.35 7.45
N LYS A 977 23.15 -7.99 6.92
CA LYS A 977 23.13 -7.23 5.68
C LYS A 977 23.82 -5.88 5.85
N ALA A 978 23.55 -5.20 6.97
CA ALA A 978 24.09 -3.86 7.19
C ALA A 978 25.57 -3.86 7.51
N ILE A 979 26.08 -4.89 8.18
CA ILE A 979 27.50 -4.93 8.53
C ILE A 979 28.34 -4.94 7.27
N GLY A 980 27.87 -5.62 6.22
CA GLY A 980 28.57 -5.57 4.96
C GLY A 980 28.63 -4.17 4.38
N TYR A 981 27.52 -3.43 4.47
CA TYR A 981 27.52 -2.05 3.99
C TYR A 981 28.48 -1.18 4.80
N LEU A 982 28.47 -1.36 6.13
CA LEU A 982 29.44 -0.66 6.98
C LEU A 982 30.87 -0.93 6.51
N ASN A 983 31.21 -2.20 6.32
CA ASN A 983 32.59 -2.54 5.96
C ASN A 983 32.94 -1.99 4.59
N THR A 984 32.02 -2.09 3.62
CA THR A 984 32.30 -1.55 2.29
C THR A 984 32.50 -0.05 2.33
N GLY A 985 31.65 0.67 3.08
CA GLY A 985 31.83 2.10 3.19
C GLY A 985 33.14 2.48 3.83
N TYR A 986 33.50 1.80 4.93
CA TYR A 986 34.76 2.10 5.60
C TYR A 986 35.95 1.83 4.71
N GLN A 987 35.95 0.69 4.02
CA GLN A 987 37.10 0.29 3.23
C GLN A 987 37.10 0.92 1.84
N ARG A 988 36.05 1.67 1.51
CA ARG A 988 36.14 2.58 0.37
C ARG A 988 36.56 3.98 0.80
N GLN A 989 36.23 4.38 2.03
CA GLN A 989 36.75 5.62 2.57
C GLN A 989 38.27 5.55 2.77
N LEU A 990 38.77 4.37 3.15
CA LEU A 990 40.22 4.23 3.31
C LEU A 990 40.99 4.47 2.01
N ASN A 991 40.34 4.71 0.88
CA ASN A 991 41.03 4.99 -0.38
C ASN A 991 41.01 6.48 -0.72
N TYR A 992 41.02 7.35 0.29
CA TYR A 992 40.98 8.79 0.05
C TYR A 992 41.89 9.58 0.98
N LYS A 993 42.73 8.92 1.77
CA LYS A 993 43.67 9.64 2.61
C LYS A 993 44.79 10.23 1.76
N HIS A 994 45.00 11.54 1.87
CA HIS A 994 46.25 12.11 1.37
C HIS A 994 47.41 11.62 2.23
N TYR A 995 47.21 11.65 3.54
CA TYR A 995 48.24 11.46 4.55
C TYR A 995 47.57 10.91 5.80
N ASP A 996 48.12 11.23 6.97
CA ASP A 996 47.70 10.70 8.26
C ASP A 996 46.19 10.78 8.52
N GLY A 997 45.41 11.31 7.59
CA GLY A 997 43.98 11.27 7.76
C GLY A 997 43.23 12.44 7.15
N SER A 998 43.95 13.37 6.53
CA SER A 998 43.33 14.48 5.82
C SER A 998 42.61 13.95 4.59
N TYR A 999 41.29 14.04 4.57
CA TYR A 999 40.50 13.56 3.45
C TYR A 999 40.11 14.71 2.53
N SER A 1000 39.55 14.34 1.38
CA SER A 1000 38.94 15.28 0.45
C SER A 1000 38.08 14.48 -0.52
N THR A 1001 37.57 15.15 -1.56
CA THR A 1001 36.77 14.47 -2.56
C THR A 1001 37.60 13.48 -3.36
N PHE A 1002 38.76 13.91 -3.84
CA PHE A 1002 39.61 13.05 -4.66
C PHE A 1002 40.66 12.34 -3.83
N GLY A 1003 41.30 13.06 -2.91
CA GLY A 1003 42.32 12.48 -2.06
C GLY A 1003 43.66 12.34 -2.75
N GLU A 1004 44.39 11.28 -2.43
CA GLU A 1004 45.69 11.04 -3.05
C GLU A 1004 45.59 10.72 -4.53
N ARG A 1005 44.39 10.43 -5.04
CA ARG A 1005 44.21 10.17 -6.46
C ARG A 1005 44.48 11.44 -7.26
N TYR A 1006 44.95 11.24 -8.50
CA TYR A 1006 45.33 12.32 -9.41
C TYR A 1006 46.45 13.19 -8.87
N GLY A 1007 47.19 12.69 -7.88
CA GLY A 1007 48.30 13.44 -7.34
C GLY A 1007 47.93 14.72 -6.64
N ARG A 1008 46.73 14.81 -6.08
CA ARG A 1008 46.27 16.02 -5.42
C ARG A 1008 46.97 16.19 -4.07
N ASN A 1009 47.48 17.38 -3.82
CA ASN A 1009 48.13 17.72 -2.55
C ASN A 1009 47.28 18.80 -1.87
N GLN A 1010 46.27 18.35 -1.13
CA GLN A 1010 45.37 19.25 -0.42
C GLN A 1010 44.70 18.46 0.70
N GLY A 1011 43.79 19.11 1.42
CA GLY A 1011 43.08 18.44 2.47
C GLY A 1011 41.89 19.17 3.06
N ASN A 1012 40.77 18.47 3.19
CA ASN A 1012 39.61 19.02 3.87
C ASN A 1012 39.75 18.83 5.37
N THR A 1013 39.18 19.77 6.13
CA THR A 1013 39.29 19.77 7.58
C THR A 1013 38.02 19.28 8.26
N TRP A 1014 36.85 19.80 7.89
CA TRP A 1014 35.61 19.38 8.53
C TRP A 1014 35.29 17.93 8.23
N LEU A 1015 35.54 17.48 7.01
CA LEU A 1015 35.22 16.10 6.63
C LEU A 1015 36.04 15.12 7.45
N THR A 1016 37.28 15.49 7.80
CA THR A 1016 38.09 14.63 8.65
C THR A 1016 37.51 14.51 10.05
N ALA A 1017 37.01 15.61 10.60
CA ALA A 1017 36.34 15.53 11.89
C ALA A 1017 35.10 14.66 11.80
N PHE A 1018 34.36 14.77 10.70
CA PHE A 1018 33.16 13.96 10.52
C PHE A 1018 33.49 12.47 10.48
N VAL A 1019 34.52 12.10 9.71
CA VAL A 1019 34.89 10.69 9.64
C VAL A 1019 35.47 10.23 10.97
N LEU A 1020 36.16 11.12 11.69
CA LEU A 1020 36.62 10.77 13.03
C LEU A 1020 35.46 10.41 13.93
N LYS A 1021 34.39 11.21 13.90
CA LYS A 1021 33.22 10.91 14.71
C LYS A 1021 32.61 9.58 14.30
N THR A 1022 32.45 9.36 12.99
CA THR A 1022 31.81 8.13 12.53
C THR A 1022 32.62 6.90 12.93
N PHE A 1023 33.94 6.94 12.76
CA PHE A 1023 34.77 5.79 13.12
C PHE A 1023 34.81 5.60 14.64
N ALA A 1024 34.79 6.71 15.39
CA ALA A 1024 34.74 6.60 16.85
C ALA A 1024 33.48 5.87 17.29
N GLN A 1025 32.35 6.14 16.63
CA GLN A 1025 31.16 5.38 16.94
C GLN A 1025 31.23 3.96 16.38
N ALA A 1026 31.99 3.77 15.30
CA ALA A 1026 32.15 2.46 14.68
C ALA A 1026 32.91 1.49 15.56
N ARG A 1027 33.83 1.98 16.39
CA ARG A 1027 34.67 1.12 17.20
C ARG A 1027 33.89 0.06 17.98
N ALA A 1028 32.59 0.26 18.19
CA ALA A 1028 31.79 -0.64 18.99
C ALA A 1028 31.12 -1.75 18.18
N TYR A 1029 31.17 -1.70 16.85
CA TYR A 1029 30.50 -2.70 16.02
C TYR A 1029 31.46 -3.48 15.14
N ILE A 1030 32.35 -2.80 14.43
CA ILE A 1030 33.34 -3.46 13.58
C ILE A 1030 34.76 -3.12 14.01
N PHE A 1031 34.91 -2.55 15.20
CA PHE A 1031 36.19 -2.21 15.84
C PHE A 1031 37.20 -1.61 14.86
N ILE A 1032 36.85 -0.46 14.28
CA ILE A 1032 37.75 0.24 13.39
C ILE A 1032 39.07 0.51 14.10
N ASP A 1033 40.17 0.34 13.38
CA ASP A 1033 41.50 0.47 13.96
C ASP A 1033 41.71 1.84 14.61
N GLU A 1034 41.93 1.83 15.93
CA GLU A 1034 42.08 3.07 16.67
C GLU A 1034 43.31 3.85 16.23
N ALA A 1035 44.27 3.18 15.59
CA ALA A 1035 45.42 3.89 15.05
C ALA A 1035 44.97 4.88 13.97
N HIS A 1036 43.94 4.53 13.22
CA HIS A 1036 43.49 5.39 12.13
C HIS A 1036 42.82 6.66 12.66
N ILE A 1037 41.94 6.51 13.64
CA ILE A 1037 41.32 7.69 14.26
C ILE A 1037 42.35 8.48 15.03
N THR A 1038 43.36 7.81 15.61
CA THR A 1038 44.43 8.55 16.28
C THR A 1038 45.19 9.42 15.29
N GLN A 1039 45.49 8.88 14.11
CA GLN A 1039 46.17 9.67 13.08
C GLN A 1039 45.28 10.81 12.61
N ALA A 1040 43.98 10.56 12.46
CA ALA A 1040 43.07 11.64 12.10
C ALA A 1040 43.06 12.74 13.16
N LEU A 1041 43.08 12.36 14.44
CA LEU A 1041 43.12 13.32 15.52
C LEU A 1041 44.40 14.15 15.48
N ILE A 1042 45.55 13.50 15.28
CA ILE A 1042 46.79 14.24 15.23
C ILE A 1042 46.84 15.14 14.00
N TRP A 1043 46.13 14.80 12.93
CA TRP A 1043 46.04 15.76 11.82
C TRP A 1043 45.13 16.93 12.15
N LEU A 1044 43.97 16.67 12.77
CA LEU A 1044 43.08 17.75 13.17
C LEU A 1044 43.74 18.72 14.14
N SER A 1045 44.60 18.21 15.02
CA SER A 1045 45.36 19.05 15.93
C SER A 1045 46.37 19.95 15.21
N GLN A 1046 46.72 19.63 13.96
CA GLN A 1046 47.57 20.53 13.20
C GLN A 1046 46.85 21.85 12.92
N ARG A 1047 45.56 21.77 12.58
CA ARG A 1047 44.77 22.98 12.40
C ARG A 1047 44.44 23.58 13.75
N GLN A 1048 45.45 24.09 14.45
CA GLN A 1048 45.26 24.59 15.82
C GLN A 1048 46.23 25.74 16.05
N LYS A 1049 45.76 26.96 15.85
CA LYS A 1049 46.52 28.14 16.22
C LYS A 1049 46.39 28.39 17.71
N ASP A 1050 46.83 29.58 18.15
CA ASP A 1050 46.86 29.89 19.57
C ASP A 1050 45.48 29.74 20.20
N ASN A 1051 44.54 30.59 19.79
CA ASN A 1051 43.14 30.52 20.22
C ASN A 1051 42.21 30.70 19.03
N GLY A 1052 42.71 30.39 17.84
CA GLY A 1052 41.90 30.50 16.64
C GLY A 1052 41.06 29.27 16.41
N CYS A 1053 41.53 28.13 16.91
CA CYS A 1053 40.71 26.93 17.01
C CYS A 1053 40.14 26.45 15.67
N PHE A 1054 41.01 25.86 14.84
CA PHE A 1054 40.60 25.09 13.67
C PHE A 1054 40.00 25.93 12.55
N ARG A 1055 40.77 26.88 12.03
CA ARG A 1055 40.44 27.49 10.75
C ARG A 1055 40.36 26.41 9.67
N SER A 1056 39.34 26.48 8.83
CA SER A 1056 39.17 25.50 7.77
C SER A 1056 40.13 25.76 6.63
N SER A 1057 40.79 24.69 6.17
CA SER A 1057 41.66 24.76 5.00
C SER A 1057 41.19 23.82 3.89
N GLY A 1058 39.93 23.39 3.93
CA GLY A 1058 39.46 22.37 3.02
C GLY A 1058 38.66 22.92 1.86
N SER A 1059 38.79 22.27 0.70
CA SER A 1059 38.02 22.57 -0.49
C SER A 1059 37.15 21.38 -0.84
N LEU A 1060 35.85 21.62 -1.04
CA LEU A 1060 34.91 20.57 -1.36
C LEU A 1060 33.83 21.13 -2.28
N LEU A 1061 33.34 20.27 -3.18
CA LEU A 1061 32.39 20.72 -4.20
C LEU A 1061 31.01 20.96 -3.60
N ASN A 1062 30.40 19.90 -3.06
CA ASN A 1062 29.07 20.02 -2.47
C ASN A 1062 29.18 20.51 -1.03
N ASN A 1063 28.07 21.01 -0.49
CA ASN A 1063 28.00 21.45 0.90
C ASN A 1063 26.77 20.91 1.61
N ALA A 1064 26.04 20.00 0.99
CA ALA A 1064 24.88 19.38 1.63
C ALA A 1064 25.27 18.53 2.83
N ILE A 1065 26.40 17.82 2.75
CA ILE A 1065 26.88 17.05 3.88
C ILE A 1065 27.24 17.97 5.03
N LYS A 1066 27.59 19.21 4.71
CA LYS A 1066 28.00 20.23 5.66
C LYS A 1066 26.73 20.77 6.32
N GLY A 1067 26.80 21.94 6.95
CA GLY A 1067 25.73 22.44 7.78
C GLY A 1067 26.29 23.31 8.89
N GLY A 1068 27.60 23.20 9.11
CA GLY A 1068 28.31 24.28 9.76
C GLY A 1068 28.52 25.41 8.76
N VAL A 1069 28.60 26.63 9.27
CA VAL A 1069 28.67 27.81 8.42
C VAL A 1069 30.12 28.21 8.14
N GLU A 1070 31.06 27.29 8.32
CA GLU A 1070 32.49 27.51 8.05
C GLU A 1070 33.09 28.54 9.00
N ASP A 1071 32.26 29.20 9.80
CA ASP A 1071 32.76 30.13 10.80
C ASP A 1071 33.60 29.39 11.82
N GLU A 1072 34.74 30.00 12.18
CA GLU A 1072 35.69 29.33 13.06
C GLU A 1072 35.04 28.92 14.37
N VAL A 1073 34.09 29.72 14.87
CA VAL A 1073 33.35 29.31 16.05
C VAL A 1073 32.56 28.04 15.77
N THR A 1074 31.84 28.01 14.64
CA THR A 1074 30.97 26.88 14.33
C THR A 1074 31.79 25.62 14.09
N LEU A 1075 32.80 25.71 13.24
CA LEU A 1075 33.63 24.54 12.95
C LEU A 1075 34.38 24.10 14.19
N SER A 1076 34.85 25.05 15.00
CA SER A 1076 35.52 24.68 16.25
C SER A 1076 34.59 23.91 17.17
N ALA A 1077 33.35 24.38 17.32
CA ALA A 1077 32.40 23.71 18.19
C ALA A 1077 32.01 22.33 17.66
N TYR A 1078 31.93 22.16 16.34
CA TYR A 1078 31.62 20.83 15.82
C TYR A 1078 32.81 19.90 15.94
N ILE A 1079 34.01 20.39 15.65
CA ILE A 1079 35.18 19.51 15.69
C ILE A 1079 35.52 19.13 17.13
N THR A 1080 35.25 20.01 18.10
CA THR A 1080 35.49 19.67 19.49
C THR A 1080 34.57 18.55 19.95
N ILE A 1081 33.28 18.63 19.61
CA ILE A 1081 32.38 17.56 20.00
C ILE A 1081 32.74 16.29 19.25
N ALA A 1082 33.19 16.40 18.00
CA ALA A 1082 33.62 15.22 17.27
C ALA A 1082 34.78 14.52 17.98
N LEU A 1083 35.88 15.24 18.19
CA LEU A 1083 37.07 14.61 18.76
C LEU A 1083 37.02 14.53 20.29
N LEU A 1084 35.89 14.86 20.91
CA LEU A 1084 35.73 14.61 22.34
C LEU A 1084 34.65 13.58 22.62
N GLU A 1085 33.76 13.32 21.66
CA GLU A 1085 32.80 12.22 21.81
C GLU A 1085 33.53 10.89 21.94
N ILE A 1086 34.56 10.69 21.12
CA ILE A 1086 35.55 9.64 21.35
C ILE A 1086 36.11 9.87 22.74
N PRO A 1087 36.27 8.82 23.57
CA PRO A 1087 36.72 9.06 24.95
C PRO A 1087 38.07 9.73 25.00
N LEU A 1088 38.06 10.99 25.44
CA LEU A 1088 39.23 11.85 25.39
C LEU A 1088 39.07 12.93 26.45
N THR A 1089 39.90 12.83 27.49
CA THR A 1089 39.77 13.67 28.67
C THR A 1089 39.94 15.15 28.32
N VAL A 1090 39.36 16.00 29.16
CA VAL A 1090 39.47 17.45 28.94
C VAL A 1090 40.87 17.96 29.23
N THR A 1091 41.67 17.24 30.02
CA THR A 1091 43.06 17.60 30.24
C THR A 1091 43.91 17.47 29.00
N HIS A 1092 43.45 16.71 28.02
CA HIS A 1092 44.15 16.61 26.75
C HIS A 1092 44.26 17.99 26.12
N PRO A 1093 45.38 18.30 25.47
CA PRO A 1093 45.62 19.69 25.07
C PRO A 1093 44.69 20.21 23.99
N VAL A 1094 44.29 19.38 23.02
CA VAL A 1094 43.45 19.90 21.95
C VAL A 1094 42.10 20.37 22.48
N VAL A 1095 41.42 19.54 23.27
CA VAL A 1095 40.15 19.97 23.83
C VAL A 1095 40.35 21.10 24.84
N ARG A 1096 41.46 21.09 25.58
CA ARG A 1096 41.71 22.16 26.53
C ARG A 1096 41.82 23.51 25.83
N ASN A 1097 42.50 23.56 24.68
CA ASN A 1097 42.59 24.80 23.93
C ASN A 1097 41.35 25.08 23.10
N ALA A 1098 40.54 24.07 22.80
CA ALA A 1098 39.28 24.31 22.12
C ALA A 1098 38.25 24.93 23.06
N LEU A 1099 38.23 24.49 24.32
CA LEU A 1099 37.27 25.02 25.29
C LEU A 1099 37.51 26.49 25.60
N PHE A 1100 38.76 26.96 25.56
CA PHE A 1100 39.01 28.39 25.73
C PHE A 1100 38.37 29.19 24.60
N CYS A 1101 38.53 28.73 23.36
CA CYS A 1101 37.87 29.39 22.24
C CYS A 1101 36.36 29.31 22.38
N LEU A 1102 35.84 28.18 22.85
CA LEU A 1102 34.41 28.04 23.05
C LEU A 1102 33.90 29.06 24.07
N GLU A 1103 34.61 29.20 25.19
CA GLU A 1103 34.18 30.13 26.23
C GLU A 1103 34.26 31.58 25.75
N SER A 1104 35.31 31.92 25.00
CA SER A 1104 35.40 33.28 24.46
C SER A 1104 34.32 33.53 23.41
N ALA A 1105 34.09 32.57 22.52
CA ALA A 1105 33.17 32.74 21.41
C ALA A 1105 31.72 32.80 21.87
N TRP A 1106 31.35 32.00 22.88
CA TRP A 1106 29.99 32.08 23.40
C TRP A 1106 29.71 33.44 24.01
N LYS A 1107 30.69 34.01 24.72
CA LYS A 1107 30.53 35.36 25.24
C LYS A 1107 30.44 36.38 24.11
N THR A 1108 31.28 36.25 23.09
CA THR A 1108 31.24 37.20 21.98
C THR A 1108 29.92 37.14 21.22
N ALA A 1109 29.36 35.94 21.00
CA ALA A 1109 28.05 35.81 20.41
C ALA A 1109 26.94 36.17 21.39
N GLN A 1110 27.25 36.28 22.67
CA GLN A 1110 26.30 36.72 23.67
C GLN A 1110 26.26 38.25 23.80
N GLU A 1111 27.42 38.90 23.76
CA GLU A 1111 27.47 40.35 23.84
C GLU A 1111 27.06 41.00 22.53
N GLY A 1112 27.26 40.32 21.40
CA GLY A 1112 26.93 40.89 20.11
C GLY A 1112 25.47 40.74 19.74
N ASP A 1113 25.20 40.27 18.52
CA ASP A 1113 23.82 40.08 18.08
C ASP A 1113 23.15 39.02 18.92
N HIS A 1114 22.13 39.42 19.68
CA HIS A 1114 21.30 38.45 20.38
C HIS A 1114 20.60 37.56 19.37
N GLY A 1115 20.72 36.25 19.55
CA GLY A 1115 20.27 35.33 18.52
C GLY A 1115 21.18 35.39 17.30
N SER A 1116 20.63 35.00 16.16
CA SER A 1116 21.31 34.93 14.86
C SER A 1116 22.47 33.95 14.86
N HIS A 1117 22.71 33.24 15.96
CA HIS A 1117 23.77 32.25 16.07
C HIS A 1117 23.31 31.03 16.85
N VAL A 1118 22.03 30.68 16.72
CA VAL A 1118 21.45 29.61 17.54
C VAL A 1118 22.07 28.26 17.25
N TYR A 1119 22.41 27.97 15.99
CA TYR A 1119 23.08 26.71 15.67
C TYR A 1119 24.43 26.61 16.37
N THR A 1120 25.21 27.69 16.30
CA THR A 1120 26.49 27.71 17.00
C THR A 1120 26.29 27.57 18.49
N LYS A 1121 25.30 28.25 19.05
CA LYS A 1121 25.06 28.17 20.48
C LYS A 1121 24.64 26.77 20.91
N ALA A 1122 23.86 26.07 20.07
CA ALA A 1122 23.53 24.68 20.37
C ALA A 1122 24.77 23.80 20.33
N LEU A 1123 25.67 24.04 19.37
CA LEU A 1123 26.92 23.32 19.35
C LEU A 1123 27.74 23.58 20.61
N LEU A 1124 27.78 24.84 21.07
CA LEU A 1124 28.43 25.15 22.34
C LEU A 1124 27.77 24.42 23.49
N ALA A 1125 26.45 24.33 23.49
CA ALA A 1125 25.74 23.62 24.55
C ALA A 1125 26.16 22.16 24.59
N TYR A 1126 26.20 21.51 23.43
CA TYR A 1126 26.62 20.11 23.41
C TYR A 1126 28.07 19.96 23.80
N ALA A 1127 28.94 20.86 23.36
CA ALA A 1127 30.35 20.76 23.72
C ALA A 1127 30.55 20.88 25.23
N PHE A 1128 29.91 21.87 25.84
CA PHE A 1128 30.03 22.04 27.28
C PHE A 1128 29.39 20.89 28.04
N ALA A 1129 28.25 20.38 27.57
CA ALA A 1129 27.61 19.24 28.21
C ALA A 1129 28.49 18.01 28.17
N LEU A 1130 29.07 17.70 27.02
CA LEU A 1130 29.88 16.52 26.87
C LEU A 1130 31.28 16.69 27.46
N ALA A 1131 31.70 17.93 27.72
CA ALA A 1131 32.96 18.21 28.37
C ALA A 1131 32.84 18.37 29.88
N GLY A 1132 31.64 18.19 30.44
CA GLY A 1132 31.48 18.28 31.88
C GLY A 1132 31.42 19.68 32.44
N ASN A 1133 31.24 20.69 31.59
CA ASN A 1133 31.14 22.08 32.07
C ASN A 1133 29.68 22.40 32.37
N GLN A 1134 29.16 21.78 33.42
CA GLN A 1134 27.76 21.95 33.79
C GLN A 1134 27.47 23.40 34.16
N ASP A 1135 28.38 24.04 34.91
CA ASP A 1135 28.17 25.41 35.35
C ASP A 1135 27.98 26.36 34.18
N LYS A 1136 28.54 26.04 33.01
CA LYS A 1136 28.24 26.77 31.78
C LYS A 1136 27.20 26.09 30.92
N ARG A 1137 27.03 24.76 31.07
CA ARG A 1137 25.99 24.06 30.33
C ARG A 1137 24.62 24.63 30.66
N LYS A 1138 24.34 24.87 31.95
CA LYS A 1138 23.03 25.39 32.34
C LYS A 1138 22.78 26.75 31.70
N GLU A 1139 23.78 27.63 31.72
CA GLU A 1139 23.61 28.95 31.14
C GLU A 1139 23.40 28.87 29.63
N VAL A 1140 24.16 28.04 28.93
CA VAL A 1140 23.98 27.95 27.49
C VAL A 1140 22.61 27.36 27.15
N LEU A 1141 22.18 26.34 27.89
CA LEU A 1141 20.89 25.73 27.59
C LEU A 1141 19.74 26.66 27.91
N LYS A 1142 19.85 27.47 28.98
CA LYS A 1142 18.80 28.44 29.24
C LYS A 1142 18.79 29.56 28.20
N SER A 1143 19.97 29.94 27.69
CA SER A 1143 19.99 30.88 26.57
C SER A 1143 19.28 30.31 25.34
N LEU A 1144 19.54 29.04 25.03
CA LEU A 1144 18.86 28.40 23.92
C LEU A 1144 17.35 28.32 24.15
N ASN A 1145 16.95 27.98 25.37
CA ASN A 1145 15.53 27.89 25.71
C ASN A 1145 14.86 29.26 25.60
N GLU A 1146 15.56 30.32 25.95
CA GLU A 1146 15.06 31.66 25.71
C GLU A 1146 14.96 31.96 24.22
N GLU A 1147 15.89 31.43 23.42
CA GLU A 1147 15.87 31.57 21.98
C GLU A 1147 15.05 30.48 21.30
N ALA A 1148 14.40 29.62 22.07
CA ALA A 1148 13.70 28.47 21.53
C ALA A 1148 12.43 28.87 20.80
N VAL A 1149 11.91 27.96 19.98
CA VAL A 1149 10.66 28.12 19.26
C VAL A 1149 9.79 26.93 19.62
N LYS A 1150 8.93 27.09 20.62
CA LYS A 1150 8.07 26.02 21.10
C LYS A 1150 6.75 26.05 20.33
N LYS A 1151 6.39 24.92 19.73
CA LYS A 1151 5.16 24.84 18.95
C LYS A 1151 4.57 23.45 19.15
N ASP A 1152 3.33 23.40 19.66
CA ASP A 1152 2.57 22.17 19.84
C ASP A 1152 3.36 21.18 20.72
N ASN A 1153 3.51 21.58 21.98
CA ASN A 1153 4.17 20.82 23.05
C ASN A 1153 5.44 20.12 22.55
N SER A 1154 6.20 20.84 21.73
CA SER A 1154 7.43 20.31 21.16
C SER A 1154 8.33 21.48 20.79
N VAL A 1155 9.53 21.52 21.35
CA VAL A 1155 10.43 22.67 21.26
C VAL A 1155 11.36 22.45 20.08
N HIS A 1156 11.57 23.50 19.29
CA HIS A 1156 12.41 23.43 18.10
C HIS A 1156 13.23 24.71 17.98
N TRP A 1157 14.31 24.63 17.21
CA TRP A 1157 15.13 25.79 16.89
C TRP A 1157 15.22 25.93 15.37
N GLU A 1158 15.74 27.08 14.95
CA GLU A 1158 15.91 27.39 13.53
C GLU A 1158 16.70 28.69 13.43
N ARG A 1159 17.33 28.90 12.29
CA ARG A 1159 18.12 30.11 12.07
C ARG A 1159 17.21 31.32 11.96
N PRO A 1160 17.32 32.32 12.84
CA PRO A 1160 16.48 33.53 12.76
C PRO A 1160 16.96 34.51 11.69
N SER A 1177 16.84 24.88 5.95
CA SER A 1177 17.51 23.71 5.38
C SER A 1177 17.82 22.68 6.46
N ALA A 1178 18.86 22.94 7.24
CA ALA A 1178 19.32 22.03 8.28
C ALA A 1178 18.81 22.41 9.66
N GLU A 1179 17.58 22.96 9.75
CA GLU A 1179 17.06 23.42 11.03
C GLU A 1179 17.06 22.31 12.08
N VAL A 1180 16.85 21.06 11.66
CA VAL A 1180 16.82 19.93 12.58
C VAL A 1180 18.18 19.66 13.21
N GLU A 1181 19.27 20.08 12.54
CA GLU A 1181 20.61 19.76 13.04
C GLU A 1181 20.83 20.30 14.45
N MET A 1182 20.54 21.60 14.67
CA MET A 1182 20.74 22.18 15.98
C MET A 1182 19.75 21.66 17.02
N THR A 1183 18.54 21.27 16.59
CA THR A 1183 17.60 20.66 17.53
C THR A 1183 18.15 19.36 18.09
N SER A 1184 18.71 18.53 17.22
CA SER A 1184 19.34 17.29 17.68
C SER A 1184 20.52 17.59 18.60
N TYR A 1185 21.33 18.60 18.27
CA TYR A 1185 22.48 18.91 19.10
C TYR A 1185 22.07 19.39 20.48
N VAL A 1186 21.05 20.25 20.56
CA VAL A 1186 20.58 20.67 21.88
C VAL A 1186 19.91 19.51 22.61
N LEU A 1187 19.32 18.56 21.88
CA LEU A 1187 18.84 17.35 22.53
C LEU A 1187 19.99 16.59 23.18
N LEU A 1188 21.12 16.47 22.48
CA LEU A 1188 22.33 15.89 23.08
C LEU A 1188 22.74 16.69 24.32
N ALA A 1189 22.73 18.01 24.20
CA ALA A 1189 23.17 18.85 25.32
C ALA A 1189 22.32 18.60 26.55
N TYR A 1190 21.01 18.46 26.37
CA TYR A 1190 20.15 18.15 27.50
C TYR A 1190 20.30 16.70 27.94
N LEU A 1191 20.78 15.82 27.06
CA LEU A 1191 20.87 14.41 27.39
C LEU A 1191 22.22 14.02 28.00
N THR A 1192 23.32 14.64 27.56
CA THR A 1192 24.66 14.22 27.95
C THR A 1192 25.07 14.99 29.20
N ALA A 1193 24.85 14.38 30.35
CA ALA A 1193 25.30 14.91 31.64
C ALA A 1193 26.20 13.90 32.33
N GLN A 1194 27.28 14.41 32.92
CA GLN A 1194 28.30 13.55 33.51
C GLN A 1194 27.76 12.71 34.67
N PRO A 1195 27.11 13.30 35.70
CA PRO A 1195 26.63 12.46 36.81
C PRO A 1195 25.55 11.48 36.35
N ALA A 1196 24.48 12.03 35.78
CA ALA A 1196 23.37 11.30 35.22
C ALA A 1196 22.41 12.28 34.55
N PRO A 1197 21.79 11.91 33.43
CA PRO A 1197 20.76 12.78 32.85
C PRO A 1197 19.57 12.89 33.80
N THR A 1198 19.38 14.09 34.35
CA THR A 1198 18.37 14.29 35.38
C THR A 1198 16.97 14.22 34.79
N SER A 1199 15.98 14.07 35.67
CA SER A 1199 14.60 14.02 35.24
C SER A 1199 14.19 15.33 34.55
N GLU A 1200 14.62 16.47 35.12
CA GLU A 1200 14.37 17.75 34.48
C GLU A 1200 15.03 17.84 33.12
N ASP A 1201 16.18 17.19 32.94
CA ASP A 1201 16.81 17.16 31.62
C ASP A 1201 15.96 16.38 30.63
N LEU A 1202 15.54 15.18 30.99
CA LEU A 1202 14.78 14.34 30.07
C LEU A 1202 13.42 14.95 29.74
N THR A 1203 12.76 15.57 30.72
CA THR A 1203 11.45 16.15 30.46
C THR A 1203 11.52 17.20 29.37
N SER A 1204 12.54 18.06 29.40
CA SER A 1204 12.76 19.00 28.31
C SER A 1204 13.30 18.32 27.06
N ALA A 1205 14.02 17.21 27.21
CA ALA A 1205 14.57 16.50 26.07
C ALA A 1205 13.50 15.93 25.17
N THR A 1206 12.44 15.36 25.74
CA THR A 1206 11.36 14.80 24.93
C THR A 1206 10.75 15.85 24.00
N ASN A 1207 10.70 17.10 24.44
CA ASN A 1207 10.08 18.15 23.65
C ASN A 1207 10.81 18.41 22.34
N ILE A 1208 12.04 17.94 22.20
CA ILE A 1208 12.73 18.02 20.91
C ILE A 1208 12.61 16.72 20.13
N VAL A 1209 12.47 15.59 20.82
CA VAL A 1209 12.42 14.29 20.14
C VAL A 1209 11.21 14.21 19.21
N LYS A 1210 10.08 14.79 19.61
CA LYS A 1210 8.83 14.58 18.88
C LYS A 1210 8.93 15.08 17.45
N TRP A 1211 9.51 16.26 17.23
CA TRP A 1211 9.68 16.74 15.87
C TRP A 1211 10.79 16.00 15.14
N ILE A 1212 11.82 15.56 15.85
CA ILE A 1212 12.87 14.77 15.21
C ILE A 1212 12.28 13.51 14.60
N THR A 1213 11.31 12.89 15.27
CA THR A 1213 10.58 11.80 14.66
C THR A 1213 9.75 12.25 13.48
N LYS A 1214 9.14 13.43 13.55
CA LYS A 1214 8.22 13.90 12.53
C LYS A 1214 8.93 14.59 11.37
N GLN A 1215 10.25 14.70 11.44
CA GLN A 1215 10.99 15.27 10.30
C GLN A 1215 11.26 14.19 9.25
N GLN A 1216 10.97 12.94 9.55
CA GLN A 1216 11.23 11.83 8.64
C GLN A 1216 10.54 12.07 7.29
N ASN A 1217 11.00 11.32 6.30
CA ASN A 1217 10.55 11.49 4.92
C ASN A 1217 10.53 10.11 4.28
N ALA A 1218 10.53 10.07 2.94
CA ALA A 1218 10.62 8.81 2.23
C ALA A 1218 11.82 8.02 2.71
N GLN A 1219 11.60 6.73 2.96
CA GLN A 1219 12.57 5.82 3.59
C GLN A 1219 13.27 6.43 4.80
N GLY A 1220 12.60 7.39 5.44
CA GLY A 1220 13.08 7.94 6.71
C GLY A 1220 14.47 8.54 6.67
N GLY A 1221 14.81 9.23 5.59
CA GLY A 1221 16.15 9.77 5.45
C GLY A 1221 16.41 11.07 6.17
N PHE A 1222 15.38 11.67 6.75
CA PHE A 1222 15.48 12.94 7.49
C PHE A 1222 16.04 14.06 6.62
N SER A 1223 15.84 13.96 5.30
CA SER A 1223 15.96 15.06 4.36
C SER A 1223 17.40 15.53 4.13
N SER A 1224 18.37 14.97 4.84
CA SER A 1224 19.74 15.45 4.71
C SER A 1224 20.69 14.36 5.17
N THR A 1225 21.99 14.60 4.95
CA THR A 1225 23.02 13.68 5.43
C THR A 1225 23.42 13.99 6.86
N GLN A 1226 23.92 15.21 7.10
CA GLN A 1226 24.36 15.59 8.43
C GLN A 1226 23.21 15.55 9.41
N ASP A 1227 22.04 16.03 8.99
CA ASP A 1227 20.88 16.01 9.86
C ASP A 1227 20.48 14.58 10.22
N THR A 1228 20.48 13.67 9.25
CA THR A 1228 20.15 12.28 9.54
C THR A 1228 21.16 11.69 10.52
N VAL A 1229 22.46 11.94 10.27
CA VAL A 1229 23.51 11.49 11.17
C VAL A 1229 23.21 11.92 12.60
N VAL A 1230 23.10 13.23 12.82
CA VAL A 1230 22.97 13.74 14.18
C VAL A 1230 21.64 13.33 14.80
N ALA A 1231 20.55 13.31 14.03
CA ALA A 1231 19.26 12.97 14.60
C ALA A 1231 19.19 11.51 15.00
N LEU A 1232 19.72 10.61 14.16
CA LEU A 1232 19.75 9.21 14.55
C LEU A 1232 20.64 9.00 15.77
N HIS A 1233 21.79 9.68 15.84
CA HIS A 1233 22.61 9.57 17.04
C HIS A 1233 21.87 10.06 18.27
N ALA A 1234 21.14 11.17 18.13
CA ALA A 1234 20.38 11.72 19.25
C ALA A 1234 19.32 10.73 19.71
N LEU A 1235 18.57 10.16 18.77
CA LEU A 1235 17.53 9.20 19.14
C LEU A 1235 18.13 7.95 19.76
N SER A 1236 19.28 7.50 19.27
CA SER A 1236 19.95 6.35 19.88
C SER A 1236 20.33 6.64 21.33
N LYS A 1237 20.90 7.81 21.58
CA LYS A 1237 21.28 8.15 22.96
C LYS A 1237 20.05 8.31 23.84
N TYR A 1238 18.97 8.90 23.30
CA TYR A 1238 17.74 9.00 24.07
C TYR A 1238 17.20 7.62 24.44
N GLY A 1239 17.22 6.70 23.48
CA GLY A 1239 16.78 5.34 23.78
C GLY A 1239 17.64 4.67 24.82
N ALA A 1240 18.97 4.87 24.74
CA ALA A 1240 19.85 4.32 25.75
C ALA A 1240 19.53 4.87 27.14
N ALA A 1241 19.28 6.18 27.23
CA ALA A 1241 18.98 6.80 28.52
C ALA A 1241 17.56 6.50 28.99
N THR A 1242 16.70 6.00 28.10
CA THR A 1242 15.28 5.84 28.42
C THR A 1242 14.90 4.39 28.69
N PHE A 1243 15.24 3.48 27.78
CA PHE A 1243 14.72 2.12 27.82
C PHE A 1243 15.44 1.31 28.90
N THR A 1244 15.15 0.01 28.93
CA THR A 1244 15.77 -0.89 29.87
C THR A 1244 15.84 -2.29 29.24
N ARG A 1245 17.02 -2.90 29.31
CA ARG A 1245 17.17 -4.27 28.81
C ARG A 1245 16.31 -5.24 29.60
N THR A 1246 16.28 -5.08 30.93
CA THR A 1246 15.46 -5.92 31.80
C THR A 1246 14.18 -5.21 32.25
N GLY A 1247 13.67 -4.28 31.45
CA GLY A 1247 12.47 -3.56 31.81
C GLY A 1247 11.21 -4.38 31.64
N LYS A 1248 11.08 -5.44 32.45
CA LYS A 1248 9.97 -6.36 32.36
C LYS A 1248 8.81 -5.96 33.26
N ALA A 1249 8.90 -4.83 33.96
CA ALA A 1249 7.82 -4.41 34.85
C ALA A 1249 7.80 -2.89 34.94
N ALA A 1250 6.64 -2.36 35.32
CA ALA A 1250 6.45 -0.94 35.55
C ALA A 1250 5.12 -0.75 36.23
N GLN A 1251 4.83 0.50 36.60
CA GLN A 1251 3.56 0.84 37.24
C GLN A 1251 3.39 2.35 37.21
N VAL A 1252 2.25 2.81 36.72
CA VAL A 1252 1.90 4.22 36.69
C VAL A 1252 0.51 4.37 37.29
N THR A 1253 0.42 5.10 38.39
CA THR A 1253 -0.83 5.33 39.10
C THR A 1253 -1.01 6.83 39.27
N ILE A 1254 -2.07 7.37 38.67
CA ILE A 1254 -2.40 8.78 38.84
C ILE A 1254 -3.49 8.87 39.90
N GLN A 1255 -3.18 9.52 41.02
CA GLN A 1255 -4.08 9.61 42.16
C GLN A 1255 -4.77 10.97 42.14
N SER A 1256 -6.10 10.95 42.19
CA SER A 1256 -6.86 12.17 42.37
C SER A 1256 -6.96 12.50 43.86
N SER A 1257 -6.93 13.80 44.16
CA SER A 1257 -7.24 14.26 45.51
C SER A 1257 -8.74 14.24 45.78
N GLY A 1258 -9.55 13.92 44.77
CA GLY A 1258 -10.97 13.80 44.94
C GLY A 1258 -11.44 12.37 45.14
N THR A 1259 -12.07 11.79 44.12
CA THR A 1259 -12.74 10.49 44.27
C THR A 1259 -11.88 9.32 43.81
N PHE A 1260 -11.49 9.29 42.53
CA PHE A 1260 -11.01 8.08 41.89
C PHE A 1260 -9.62 8.28 41.29
N SER A 1261 -8.77 7.27 41.45
CA SER A 1261 -7.46 7.22 40.82
C SER A 1261 -7.49 6.26 39.63
N SER A 1262 -6.39 6.26 38.87
CA SER A 1262 -6.26 5.38 37.73
C SER A 1262 -4.92 4.67 37.79
N LYS A 1263 -4.87 3.47 37.24
CA LYS A 1263 -3.69 2.61 37.28
C LYS A 1263 -3.32 2.15 35.89
N PHE A 1264 -2.04 1.85 35.69
CA PHE A 1264 -1.54 1.36 34.42
C PHE A 1264 -0.37 0.43 34.66
N GLN A 1265 -0.17 -0.50 33.72
CA GLN A 1265 1.01 -1.34 33.66
C GLN A 1265 1.57 -1.28 32.25
N VAL A 1266 2.73 -0.69 32.09
CA VAL A 1266 3.35 -0.51 30.77
C VAL A 1266 4.72 -1.17 30.80
N ASP A 1267 4.76 -2.45 30.42
CA ASP A 1267 6.01 -3.18 30.30
C ASP A 1267 6.49 -3.12 28.85
N ASN A 1268 7.57 -3.85 28.54
CA ASN A 1268 8.21 -3.70 27.24
C ASN A 1268 7.29 -4.11 26.10
N ASN A 1269 6.57 -5.22 26.25
CA ASN A 1269 5.70 -5.71 25.19
C ASN A 1269 4.45 -4.84 24.99
N ASN A 1270 4.08 -4.05 26.00
CA ASN A 1270 2.98 -3.10 25.87
C ASN A 1270 3.46 -1.67 25.83
N ARG A 1271 4.78 -1.45 25.76
CA ARG A 1271 5.34 -0.12 25.88
C ARG A 1271 4.97 0.77 24.71
N LEU A 1272 4.53 0.20 23.59
CA LEU A 1272 4.11 1.02 22.47
C LEU A 1272 2.75 1.66 22.74
N LEU A 1273 1.90 0.98 23.51
CA LEU A 1273 0.48 1.31 23.55
C LEU A 1273 0.27 2.64 24.28
N LEU A 1274 -0.41 3.55 23.60
CA LEU A 1274 -0.79 4.83 24.19
C LEU A 1274 -2.00 4.60 25.08
N GLN A 1275 -1.77 4.20 26.33
CA GLN A 1275 -2.85 4.04 27.27
C GLN A 1275 -3.27 5.41 27.80
N GLN A 1276 -4.51 5.78 27.51
CA GLN A 1276 -4.97 7.15 27.72
C GLN A 1276 -6.24 7.15 28.54
N VAL A 1277 -6.32 8.08 29.51
CA VAL A 1277 -7.52 8.26 30.31
C VAL A 1277 -7.79 9.75 30.47
N SER A 1278 -9.07 10.08 30.63
CA SER A 1278 -9.50 11.44 30.91
C SER A 1278 -10.14 11.50 32.30
N LEU A 1279 -9.62 12.40 33.13
CA LEU A 1279 -10.10 12.56 34.50
C LEU A 1279 -10.87 13.87 34.60
N PRO A 1280 -12.18 13.84 34.78
CA PRO A 1280 -12.97 15.09 34.77
C PRO A 1280 -12.87 15.89 36.06
N GLU A 1281 -12.11 16.98 36.01
CA GLU A 1281 -12.02 17.94 37.11
C GLU A 1281 -11.25 19.15 36.62
N LEU A 1282 -11.75 20.35 36.94
CA LEU A 1282 -11.06 21.55 36.48
C LEU A 1282 -9.85 21.91 37.36
N PRO A 1283 -9.92 21.79 38.69
CA PRO A 1283 -8.72 22.04 39.49
C PRO A 1283 -7.72 20.91 39.34
N GLY A 1284 -6.45 21.25 39.62
CA GLY A 1284 -5.38 20.27 39.52
C GLY A 1284 -5.21 19.42 40.77
N GLU A 1285 -6.25 18.68 41.13
CA GLU A 1285 -6.17 17.78 42.29
C GLU A 1285 -5.75 16.37 41.87
N TYR A 1286 -4.67 16.29 41.10
CA TYR A 1286 -4.21 15.04 40.52
C TYR A 1286 -2.72 14.87 40.80
N SER A 1287 -2.30 13.62 40.96
CA SER A 1287 -0.89 13.32 41.20
C SER A 1287 -0.58 11.94 40.64
N MET A 1288 0.60 11.82 40.01
CA MET A 1288 1.08 10.54 39.51
C MET A 1288 2.25 10.06 40.37
N LYS A 1289 2.21 8.80 40.76
CA LYS A 1289 3.37 8.12 41.34
C LYS A 1289 3.70 6.92 40.47
N VAL A 1290 4.94 6.85 40.00
CA VAL A 1290 5.38 5.84 39.05
C VAL A 1290 6.44 4.99 39.72
N THR A 1291 6.22 3.68 39.74
CA THR A 1291 7.12 2.74 40.39
C THR A 1291 7.56 1.67 39.41
N GLY A 1292 8.68 1.02 39.72
CA GLY A 1292 9.15 -0.09 38.93
C GLY A 1292 10.30 0.20 37.99
N GLU A 1293 10.32 -0.47 36.85
CA GLU A 1293 11.42 -0.39 35.90
C GLU A 1293 10.94 0.35 34.65
N GLY A 1294 11.90 0.74 33.82
CA GLY A 1294 11.59 1.42 32.58
C GLY A 1294 11.34 2.90 32.79
N CYS A 1295 10.96 3.56 31.69
CA CYS A 1295 10.64 4.97 31.68
C CYS A 1295 9.30 5.20 31.02
N VAL A 1296 8.50 6.10 31.59
CA VAL A 1296 7.12 6.31 31.17
C VAL A 1296 6.94 7.78 30.81
N TYR A 1297 6.56 8.05 29.56
CA TYR A 1297 6.26 9.39 29.12
C TYR A 1297 4.77 9.66 29.29
N LEU A 1298 4.44 10.75 29.97
CA LEU A 1298 3.05 11.11 30.24
C LEU A 1298 2.77 12.49 29.65
N GLN A 1299 2.00 12.53 28.58
CA GLN A 1299 1.56 13.78 27.98
C GLN A 1299 0.14 14.07 28.42
N THR A 1300 -0.08 15.24 29.01
CA THR A 1300 -1.39 15.66 29.52
C THR A 1300 -1.78 16.96 28.84
N SER A 1301 -3.05 17.04 28.42
CA SER A 1301 -3.55 18.24 27.78
C SER A 1301 -5.00 18.45 28.17
N LEU A 1302 -5.41 19.71 28.21
CA LEU A 1302 -6.79 20.08 28.47
C LEU A 1302 -7.25 21.10 27.44
N LYS A 1303 -8.47 20.90 26.97
CA LYS A 1303 -9.12 21.80 26.03
C LYS A 1303 -10.19 22.61 26.77
N TYR A 1304 -10.21 23.91 26.54
CA TYR A 1304 -11.17 24.78 27.21
C TYR A 1304 -11.53 25.93 26.27
N ASN A 1305 -12.65 26.58 26.57
CA ASN A 1305 -13.19 27.65 25.75
C ASN A 1305 -13.28 28.94 26.56
N ILE A 1306 -12.84 30.05 25.95
CA ILE A 1306 -12.96 31.38 26.55
C ILE A 1306 -13.62 32.31 25.53
N LEU A 1307 -14.82 32.77 25.86
CA LEU A 1307 -15.57 33.67 24.98
C LEU A 1307 -15.12 35.13 25.11
N PRO A 1308 -15.13 35.73 26.30
CA PRO A 1308 -14.89 37.17 26.40
C PRO A 1308 -13.41 37.51 26.21
N GLU A 1309 -13.14 38.81 26.17
CA GLU A 1309 -11.78 39.31 25.99
C GLU A 1309 -11.39 40.25 27.13
C1 NAG B . 17.21 -52.97 -21.48
C2 NAG B . 17.87 -51.69 -20.96
C3 NAG B . 18.99 -52.02 -19.97
C4 NAG B . 19.95 -53.06 -20.54
C5 NAG B . 19.18 -54.23 -21.15
C6 NAG B . 19.62 -55.57 -20.62
C7 NAG B . 17.61 -50.07 -22.78
C8 NAG B . 18.29 -49.32 -23.89
N2 NAG B . 18.38 -50.89 -22.06
O3 NAG B . 18.42 -52.52 -18.76
O4 NAG B . 20.79 -52.47 -21.52
O5 NAG B . 17.79 -54.09 -20.83
O6 NAG B . 20.95 -55.87 -21.04
O7 NAG B . 16.42 -49.92 -22.54
C1 NAG B . 21.54 -51.38 -20.96
C2 NAG B . 23.03 -51.69 -21.09
C3 NAG B . 23.85 -50.53 -20.55
C4 NAG B . 23.44 -49.22 -21.21
C5 NAG B . 21.93 -49.01 -21.09
C6 NAG B . 21.44 -47.80 -21.87
C7 NAG B . 24.38 -53.71 -20.82
C8 NAG B . 24.61 -54.96 -20.02
N2 NAG B . 23.38 -52.93 -20.42
O3 NAG B . 25.23 -50.77 -20.79
O4 NAG B . 24.12 -48.13 -20.60
O5 NAG B . 21.24 -50.15 -21.62
O6 NAG B . 20.35 -47.17 -21.22
O7 NAG B . 25.09 -53.43 -21.79
C1 NAG C . 5.86 -20.60 -49.02
C2 NAG C . 5.37 -21.93 -48.45
C3 NAG C . 4.93 -22.88 -49.58
C4 NAG C . 5.68 -22.58 -50.88
C5 NAG C . 5.56 -21.12 -51.31
C6 NAG C . 4.55 -20.91 -52.41
C7 NAG C . 6.06 -23.37 -46.59
C8 NAG C . 7.21 -23.94 -45.82
N2 NAG C . 6.37 -22.56 -47.61
O3 NAG C . 3.53 -22.75 -49.80
O4 NAG C . 7.06 -22.93 -50.73
O5 NAG C . 5.15 -20.30 -50.21
O6 NAG C . 4.00 -19.60 -52.37
O7 NAG C . 4.89 -23.63 -46.30
C1 NAG C . 7.39 -23.96 -51.67
C2 NAG C . 8.62 -23.53 -52.47
C3 NAG C . 9.04 -24.62 -53.44
C4 NAG C . 9.23 -25.94 -52.71
C5 NAG C . 7.99 -26.29 -51.90
C6 NAG C . 8.17 -27.52 -51.05
C7 NAG C . 8.74 -21.08 -52.69
C8 NAG C . 8.41 -19.90 -53.54
N2 NAG C . 8.37 -22.27 -53.16
O3 NAG C . 10.24 -24.24 -54.10
O4 NAG C . 9.48 -26.98 -53.65
O5 NAG C . 7.67 -25.21 -51.01
O6 NAG C . 7.77 -27.28 -49.70
O7 NAG C . 9.34 -20.96 -51.61
C1 NAG D . -32.44 10.21 21.97
C2 NAG D . -31.61 10.61 23.17
C3 NAG D . -32.39 10.38 24.48
C4 NAG D . -33.38 9.22 24.34
C5 NAG D . -34.32 9.41 23.15
C6 NAG D . -35.70 9.87 23.57
C7 NAG D . -29.16 10.48 23.16
C8 NAG D . -27.96 9.59 23.19
N2 NAG D . -30.35 9.88 23.20
O3 NAG D . -33.08 11.57 24.83
O4 NAG D . -32.66 7.99 24.22
O5 NAG D . -33.81 10.41 22.26
O6 NAG D . -36.26 10.76 22.60
O7 NAG D . -29.05 11.71 23.09
C1 NAG D . -33.42 6.95 23.59
C2 NAG D . -32.45 5.83 23.19
C3 NAG D . -33.23 4.68 22.54
C4 NAG D . -34.36 4.21 23.46
C5 NAG D . -35.23 5.39 23.85
C6 NAG D . -36.30 5.02 24.85
C7 NAG D . -30.19 5.81 22.24
C8 NAG D . -29.26 6.44 21.26
N2 NAG D . -31.43 6.32 22.29
O3 NAG D . -32.33 3.59 22.28
O4 NAG D . -35.15 3.24 22.79
O5 NAG D . -34.44 6.42 24.46
O6 NAG D . -36.65 3.65 24.75
O7 NAG D . -29.85 4.88 22.96
C1 NAG E . 24.08 -3.62 20.64
C2 NAG E . 25.48 -3.18 21.04
C3 NAG E . 25.40 -2.02 22.01
C4 NAG E . 24.61 -2.41 23.25
C5 NAG E . 23.25 -3.02 22.91
C6 NAG E . 22.19 -2.00 22.57
C7 NAG E . 26.86 -5.21 20.89
C8 NAG E . 27.57 -6.28 21.66
N2 NAG E . 26.22 -4.28 21.62
O3 NAG E . 24.80 -0.89 21.37
O4 NAG E . 25.36 -3.35 24.00
O5 NAG E . 23.31 -3.96 21.82
O6 NAG E . 20.96 -2.62 22.19
O7 NAG E . 26.85 -5.18 19.67
C1 NAG E . 24.78 -3.52 25.31
C2 NAG E . 24.94 -5.00 25.70
C3 NAG E . 26.10 -5.21 26.68
C4 NAG E . 25.96 -4.34 27.93
C5 NAG E . 25.16 -3.08 27.62
C6 NAG E . 25.55 -1.92 28.50
C7 NAG E . 22.86 -6.32 25.58
C8 NAG E . 23.26 -6.65 24.17
N2 NAG E . 23.69 -5.53 26.26
O3 NAG E . 27.32 -4.89 26.01
O4 NAG E . 25.32 -5.09 28.97
O5 NAG E . 25.42 -2.70 26.27
O6 NAG E . 26.91 -1.98 28.89
O7 NAG E . 21.83 -6.75 26.08
C1 MAN E . 26.33 -5.86 29.63
C2 MAN E . 25.66 -6.60 30.81
C3 MAN E . 26.71 -7.35 31.65
C4 MAN E . 27.95 -6.47 31.99
C5 MAN E . 28.46 -5.66 30.77
C6 MAN E . 29.24 -6.48 29.75
O2 MAN E . 24.76 -7.61 30.35
O3 MAN E . 27.10 -8.58 31.04
O4 MAN E . 27.65 -5.59 33.06
O5 MAN E . 27.37 -5.01 30.08
O6 MAN E . 30.33 -7.11 30.43
C1 NAG F . 21.83 -32.90 10.30
C2 NAG F . 20.98 -33.73 11.27
C3 NAG F . 21.24 -33.30 12.72
C4 NAG F . 22.73 -33.35 13.02
C5 NAG F . 23.51 -32.55 11.97
C6 NAG F . 25.01 -32.66 12.14
C7 NAG F . 18.86 -32.49 10.97
C8 NAG F . 17.41 -32.61 10.61
N2 NAG F . 19.56 -33.63 10.96
O3 NAG F . 20.53 -34.15 13.61
O4 NAG F . 22.99 -32.81 14.31
O5 NAG F . 23.21 -33.03 10.65
O6 NAG F . 25.38 -32.75 13.52
O7 NAG F . 19.35 -31.41 11.26
C1 NAG G . -23.83 12.92 -27.97
C2 NAG G . -24.79 11.76 -28.20
C3 NAG G . -25.15 11.66 -29.69
C4 NAG G . -25.68 12.99 -30.18
C5 NAG G . -24.69 14.11 -29.86
C6 NAG G . -25.21 15.48 -30.23
C7 NAG G . -24.94 9.59 -27.06
C8 NAG G . -24.20 8.35 -26.65
N2 NAG G . -24.23 10.50 -27.73
O3 NAG G . -26.13 10.65 -29.87
O4 NAG G . -25.88 12.95 -31.59
O5 NAG G . -24.42 14.13 -28.45
O6 NAG G . -26.48 15.40 -30.86
O7 NAG G . -26.12 9.75 -26.80
C1 NAG H . -3.68 -5.79 -53.20
C2 NAG H . -3.68 -4.85 -54.41
C3 NAG H . -2.48 -5.12 -55.31
C4 NAG H . -1.23 -5.27 -54.45
C5 NAG H . -1.34 -6.54 -53.62
C6 NAG H . -0.66 -6.44 -52.27
C7 NAG H . -5.35 -6.06 -55.79
C8 NAG H . -6.65 -5.94 -56.52
N2 NAG H . -4.92 -4.95 -55.18
O3 NAG H . -2.31 -4.05 -56.22
O4 NAG H . -0.07 -5.34 -55.27
O5 NAG H . -2.71 -6.89 -53.40
O6 NAG H . -0.47 -5.10 -51.88
O7 NAG H . -4.72 -7.12 -55.75
#